data_2BM9
#
_entry.id   2BM9
#
_cell.length_a   92.805
_cell.length_b   103.027
_cell.length_c   182.024
_cell.angle_alpha   90.00
_cell.angle_beta   90.00
_cell.angle_gamma   90.00
#
_symmetry.space_group_name_H-M   'P 21 21 21'
#
loop_
_entity.id
_entity.type
_entity.pdbx_description
1 polymer 'CEPHALOSPORIN HYDROXYLASE CMCI'
2 non-polymer S-ADENOSYLMETHIONINE
3 water water
#
_entity_poly.entity_id   1
_entity_poly.type   'polypeptide(L)'
_entity_poly.pdbx_seq_one_letter_code
;MNDYSRQNFQDLNLFRGLGEDPAYHPPVLTDRPRDWPLDRWAEAPRDLGYSDFSPYQWRGLRMLKDPDTQAVYHDMLWEL
RPRTIVELGVYNGGSLAWFRDLTKIMGIDCQVIGIDRDLSRCQIPASDMENITLHQGDCSDLTTFEHLREMAHPLIFIDN
AHANTFNIMKWAVDHLLEEGDYFIIEDMIPYWYRYAPQLFSEYLGAFRDVLSMDMLYANASSQLDRGVLRRVAAKQ
;
_entity_poly.pdbx_strand_id   A,B,C,D,E,F
#
loop_
_chem_comp.id
_chem_comp.type
_chem_comp.name
_chem_comp.formula
SAM non-polymer S-ADENOSYLMETHIONINE 'C15 H22 N6 O5 S'
#
# COMPACT_ATOMS: atom_id res chain seq x y z
N ASN A 2 22.70 -5.24 37.23
CA ASN A 2 23.00 -3.85 37.71
C ASN A 2 24.19 -3.24 36.92
N ASP A 3 23.98 -3.05 35.63
CA ASP A 3 24.86 -2.22 34.79
C ASP A 3 24.37 -0.77 34.87
N TYR A 4 23.14 -0.59 35.35
CA TYR A 4 22.52 0.72 35.43
C TYR A 4 23.00 1.55 36.64
N SER A 5 23.58 0.89 37.64
CA SER A 5 23.99 1.57 38.88
C SER A 5 25.03 2.66 38.63
N ARG A 6 25.97 2.41 37.72
CA ARG A 6 27.04 3.34 37.43
C ARG A 6 27.31 3.50 35.93
N GLN A 7 26.24 3.69 35.15
CA GLN A 7 26.35 4.00 33.73
C GLN A 7 26.00 5.48 33.46
N ASN A 8 26.95 6.23 32.91
CA ASN A 8 26.71 7.64 32.63
C ASN A 8 25.73 7.79 31.46
N PHE A 9 24.53 8.29 31.74
CA PHE A 9 23.43 8.35 30.76
C PHE A 9 23.41 9.67 29.97
N GLN A 10 24.08 9.67 28.82
CA GLN A 10 24.08 10.81 27.90
C GLN A 10 22.66 11.04 27.47
N ASP A 11 22.31 12.30 27.19
CA ASP A 11 20.93 12.62 26.84
C ASP A 11 20.68 12.26 25.40
N LEU A 12 19.73 11.37 25.15
CA LEU A 12 19.54 10.79 23.82
C LEU A 12 18.81 11.72 22.87
N ASN A 13 18.13 12.74 23.40
CA ASN A 13 17.42 13.70 22.55
C ASN A 13 18.37 14.52 21.67
N LEU A 14 19.64 14.60 22.10
CA LEU A 14 20.69 15.32 21.38
C LEU A 14 20.90 14.84 19.95
N PHE A 15 20.71 13.55 19.74
CA PHE A 15 20.97 12.89 18.46
C PHE A 15 19.78 12.92 17.48
N ARG A 16 18.72 13.66 17.83
CA ARG A 16 17.55 13.73 16.96
C ARG A 16 18.01 14.09 15.57
N GLY A 17 17.79 13.19 14.62
CA GLY A 17 18.02 13.43 13.21
C GLY A 17 19.44 13.84 12.90
N LEU A 18 20.37 13.29 13.66
CA LEU A 18 21.79 13.59 13.48
C LEU A 18 22.56 12.29 13.58
N GLY A 19 22.42 11.59 14.71
CA GLY A 19 23.05 10.31 14.94
C GLY A 19 24.05 10.40 16.07
N GLU A 20 24.68 9.28 16.41
CA GLU A 20 25.69 9.26 17.45
C GLU A 20 26.92 10.10 17.08
N ASP A 21 27.42 9.94 15.85
CA ASP A 21 28.75 10.42 15.49
C ASP A 21 28.76 11.26 14.17
N PRO A 22 29.34 12.46 14.18
CA PRO A 22 29.38 13.29 12.98
C PRO A 22 30.38 12.79 11.95
N ALA A 23 31.34 11.98 12.43
CA ALA A 23 32.35 11.37 11.55
C ALA A 23 31.74 10.20 10.77
N TYR A 24 32.04 10.14 9.49
CA TYR A 24 31.43 9.13 8.64
C TYR A 24 32.05 7.75 8.88
N HIS A 25 31.18 6.75 8.98
CA HIS A 25 31.59 5.36 8.98
C HIS A 25 30.59 4.55 8.20
N PRO A 26 31.05 3.79 7.21
CA PRO A 26 30.15 3.05 6.32
C PRO A 26 29.45 1.95 7.07
N PRO A 27 28.39 1.43 6.48
CA PRO A 27 27.47 0.52 7.19
C PRO A 27 28.02 -0.86 7.28
N VAL A 28 27.40 -1.71 8.09
CA VAL A 28 28.01 -3.01 8.37
C VAL A 28 27.03 -4.17 8.51
N LEU A 29 27.31 -5.21 7.73
CA LEU A 29 26.46 -6.38 7.68
C LEU A 29 26.58 -7.26 8.93
N THR A 30 25.48 -7.93 9.19
CA THR A 30 25.19 -8.52 10.50
C THR A 30 24.70 -9.97 10.35
N ASP A 31 23.69 -10.13 9.50
CA ASP A 31 22.94 -11.37 9.34
C ASP A 31 23.35 -12.09 8.07
N ARG A 32 24.26 -11.48 7.29
CA ARG A 32 24.53 -11.92 5.91
C ARG A 32 25.98 -11.70 5.47
N PRO A 33 26.63 -12.69 4.85
CA PRO A 33 28.03 -12.52 4.40
C PRO A 33 28.08 -11.49 3.27
N ARG A 34 29.13 -10.68 3.24
CA ARG A 34 29.22 -9.56 2.30
C ARG A 34 29.35 -10.02 0.87
N ASP A 35 30.00 -11.16 0.72
CA ASP A 35 30.11 -11.86 -0.56
C ASP A 35 29.14 -13.02 -0.48
N TRP A 36 28.19 -13.04 -1.40
CA TRP A 36 27.16 -14.06 -1.42
C TRP A 36 27.53 -15.07 -2.52
N PRO A 37 27.44 -16.38 -2.22
CA PRO A 37 27.70 -17.43 -3.23
C PRO A 37 26.62 -17.50 -4.29
N LEU A 38 27.00 -17.44 -5.55
CA LEU A 38 25.99 -17.33 -6.63
C LEU A 38 25.20 -18.62 -6.84
N ASP A 39 25.69 -19.75 -6.29
CA ASP A 39 24.95 -21.00 -6.37
C ASP A 39 23.61 -20.88 -5.65
N ARG A 40 23.58 -20.02 -4.62
CA ARG A 40 22.39 -19.76 -3.79
C ARG A 40 21.85 -18.35 -3.97
N TRP A 41 22.14 -17.78 -5.14
CA TRP A 41 21.75 -16.43 -5.49
C TRP A 41 20.33 -16.08 -5.05
N ALA A 42 19.35 -16.84 -5.54
CA ALA A 42 17.95 -16.58 -5.22
C ALA A 42 17.61 -16.57 -3.73
N GLU A 43 18.26 -17.41 -2.91
CA GLU A 43 17.93 -17.42 -1.47
C GLU A 43 18.64 -16.30 -0.70
N ALA A 44 19.19 -15.33 -1.44
CA ALA A 44 19.88 -14.20 -0.83
C ALA A 44 18.82 -13.19 -0.45
N PRO A 45 19.00 -12.47 0.64
CA PRO A 45 17.92 -11.64 1.15
C PRO A 45 17.88 -10.32 0.40
N ARG A 46 16.68 -9.79 0.32
CA ARG A 46 16.39 -8.73 -0.58
C ARG A 46 16.28 -7.38 0.15
N ASP A 47 16.40 -7.40 1.47
CA ASP A 47 16.30 -6.19 2.30
C ASP A 47 17.69 -5.60 2.43
N LEU A 48 17.72 -4.30 2.69
CA LEU A 48 18.94 -3.50 2.54
C LEU A 48 20.16 -4.14 3.20
N GLY A 49 20.09 -4.29 4.51
CA GLY A 49 21.14 -4.99 5.25
C GLY A 49 21.52 -4.27 6.51
N TYR A 50 21.42 -2.94 6.43
CA TYR A 50 21.79 -2.01 7.50
C TYR A 50 20.67 -0.96 7.71
N SER A 51 20.90 0.02 8.58
CA SER A 51 19.89 1.02 8.87
C SER A 51 19.83 2.10 7.80
N ASP A 52 18.63 2.27 7.24
CA ASP A 52 18.38 3.31 6.24
C ASP A 52 18.15 4.71 6.82
N PHE A 53 18.72 4.97 8.01
CA PHE A 53 18.44 6.20 8.74
C PHE A 53 19.17 7.40 8.14
N SER A 54 20.44 7.23 7.82
CA SER A 54 21.19 8.34 7.23
C SER A 54 22.47 7.76 6.68
N PRO A 55 22.32 6.90 5.69
CA PRO A 55 23.44 6.09 5.21
C PRO A 55 24.42 6.86 4.34
N TYR A 56 24.04 8.07 3.93
CA TYR A 56 24.65 8.75 2.80
C TYR A 56 25.95 9.46 3.16
N GLN A 57 26.76 9.75 2.15
CA GLN A 57 28.04 10.41 2.37
C GLN A 57 28.57 11.08 1.10
N TRP A 58 29.64 11.87 1.27
CA TRP A 58 30.32 12.54 0.20
C TRP A 58 31.76 12.76 0.61
N ARG A 59 32.68 12.00 -0.01
CA ARG A 59 34.12 12.04 0.28
C ARG A 59 34.50 11.74 1.74
N GLY A 60 33.73 10.88 2.40
CA GLY A 60 34.03 10.50 3.76
C GLY A 60 33.42 11.43 4.81
N LEU A 61 32.78 12.49 4.33
CA LEU A 61 31.94 13.34 5.16
C LEU A 61 30.51 12.81 5.06
N ARG A 62 29.77 12.89 6.15
CA ARG A 62 28.36 12.52 6.09
C ARG A 62 27.53 13.52 5.29
N MET A 63 26.45 13.02 4.72
CA MET A 63 25.47 13.83 4.03
C MET A 63 24.14 13.63 4.72
N LEU A 64 23.58 14.71 5.23
CA LEU A 64 22.25 14.65 5.76
C LEU A 64 21.24 14.89 4.63
N LYS A 65 21.71 15.41 3.50
CA LYS A 65 20.84 15.58 2.34
C LYS A 65 20.84 14.31 1.50
N ASP A 66 19.70 13.65 1.43
CA ASP A 66 19.60 12.40 0.69
C ASP A 66 19.63 12.65 -0.84
N PRO A 67 19.88 11.62 -1.64
CA PRO A 67 20.11 11.80 -3.07
C PRO A 67 18.98 12.48 -3.80
N ASP A 68 17.75 12.24 -3.34
CA ASP A 68 16.60 12.96 -3.90
C ASP A 68 16.77 14.45 -3.70
N THR A 69 17.05 14.88 -2.48
CA THR A 69 17.37 16.27 -2.21
C THR A 69 18.56 16.77 -3.00
N GLN A 70 19.55 15.90 -3.26
CA GLN A 70 20.79 16.34 -3.96
C GLN A 70 20.49 16.73 -5.40
N ALA A 71 19.67 15.91 -6.05
CA ALA A 71 19.30 16.09 -7.45
C ALA A 71 18.69 17.45 -7.62
N VAL A 72 17.74 17.75 -6.73
CA VAL A 72 17.07 19.02 -6.73
C VAL A 72 18.12 20.13 -6.66
N TYR A 73 19.02 20.06 -5.69
CA TYR A 73 20.04 21.12 -5.57
C TYR A 73 20.94 21.20 -6.81
N HIS A 74 21.22 20.05 -7.40
CA HIS A 74 22.02 20.02 -8.61
C HIS A 74 21.35 20.83 -9.74
N ASP A 75 20.07 20.59 -9.97
CA ASP A 75 19.32 21.27 -11.02
C ASP A 75 19.14 22.75 -10.76
N MET A 76 19.07 23.11 -9.48
CA MET A 76 18.84 24.49 -9.05
C MET A 76 20.15 25.27 -9.11
N LEU A 77 21.27 24.57 -9.01
CA LEU A 77 22.58 25.19 -9.04
C LEU A 77 22.94 25.48 -10.49
N TRP A 78 22.60 24.54 -11.36
CA TRP A 78 22.79 24.67 -12.82
C TRP A 78 22.02 25.86 -13.33
N GLU A 79 20.74 25.92 -12.97
CA GLU A 79 19.86 26.93 -13.51
C GLU A 79 20.31 28.28 -13.06
N LEU A 80 20.60 28.36 -11.77
CA LEU A 80 20.81 29.63 -11.10
C LEU A 80 22.25 30.12 -11.21
N ARG A 81 23.18 29.21 -11.43
CA ARG A 81 24.61 29.55 -11.37
C ARG A 81 24.82 30.51 -10.20
N PRO A 82 24.72 30.00 -8.97
CA PRO A 82 24.79 30.86 -7.79
C PRO A 82 26.19 31.33 -7.55
N ARG A 83 26.28 32.54 -7.01
CA ARG A 83 27.52 33.21 -6.73
C ARG A 83 27.87 33.07 -5.24
N THR A 84 26.83 32.77 -4.46
CA THR A 84 26.94 32.59 -3.03
C THR A 84 25.86 31.64 -2.54
N ILE A 85 26.22 30.76 -1.61
CA ILE A 85 25.31 29.80 -1.00
C ILE A 85 25.50 29.78 0.51
N VAL A 86 24.41 29.88 1.28
CA VAL A 86 24.48 29.97 2.73
C VAL A 86 23.78 28.80 3.36
N GLU A 87 24.44 28.10 4.29
CA GLU A 87 23.80 27.12 5.15
C GLU A 87 23.65 27.70 6.54
N LEU A 88 22.45 27.59 7.09
CA LEU A 88 22.20 27.93 8.47
C LEU A 88 22.11 26.59 9.20
N GLY A 89 23.24 26.12 9.69
CA GLY A 89 23.28 24.92 10.51
C GLY A 89 24.23 23.94 9.87
N VAL A 90 25.43 23.91 10.38
CA VAL A 90 26.46 23.08 9.80
C VAL A 90 26.48 21.61 10.27
N TYR A 91 26.73 21.36 11.55
CA TYR A 91 27.00 19.98 12.01
C TYR A 91 28.40 19.55 11.51
N ASN A 92 28.48 18.47 10.74
CA ASN A 92 29.77 17.97 10.21
C ASN A 92 30.26 18.73 8.97
N GLY A 93 29.39 19.56 8.39
CA GLY A 93 29.74 20.38 7.25
C GLY A 93 29.92 19.56 5.99
N GLY A 94 29.30 18.39 5.93
CA GLY A 94 29.36 17.57 4.74
C GLY A 94 28.67 18.27 3.57
N SER A 95 27.46 18.75 3.79
CA SER A 95 26.77 19.57 2.80
C SER A 95 27.61 20.76 2.32
N LEU A 96 28.43 21.35 3.19
CA LEU A 96 29.27 22.46 2.78
C LEU A 96 30.27 22.07 1.71
N ALA A 97 30.95 20.96 1.93
CA ALA A 97 31.88 20.44 0.95
C ALA A 97 31.16 20.15 -0.37
N TRP A 98 30.00 19.50 -0.26
CA TRP A 98 29.25 19.06 -1.44
C TRP A 98 28.88 20.26 -2.32
N PHE A 99 28.36 21.29 -1.69
CA PHE A 99 27.88 22.45 -2.41
C PHE A 99 29.02 23.13 -3.17
N ARG A 100 30.21 23.11 -2.59
CA ARG A 100 31.34 23.78 -3.17
C ARG A 100 31.91 22.92 -4.30
N ASP A 101 32.08 21.62 -4.03
CA ASP A 101 32.62 20.68 -5.00
C ASP A 101 31.80 20.62 -6.27
N LEU A 102 30.49 20.73 -6.13
CA LEU A 102 29.61 20.80 -7.28
C LEU A 102 29.75 22.12 -8.06
N THR A 103 29.79 23.23 -7.34
CA THR A 103 29.99 24.54 -7.98
C THR A 103 31.33 24.68 -8.68
N LYS A 104 32.30 23.82 -8.36
CA LYS A 104 33.62 23.91 -8.97
C LYS A 104 33.52 23.16 -10.27
N ILE A 105 33.04 21.93 -10.18
CA ILE A 105 32.76 21.10 -11.34
C ILE A 105 31.87 21.76 -12.38
N MET A 106 30.87 22.52 -11.91
CA MET A 106 29.92 23.16 -12.80
C MET A 106 30.53 24.39 -13.45
N GLY A 107 31.70 24.80 -12.95
CA GLY A 107 32.42 25.97 -13.41
C GLY A 107 31.87 27.28 -12.86
N ILE A 108 31.48 27.27 -11.57
CA ILE A 108 30.79 28.40 -10.92
C ILE A 108 31.54 29.02 -9.75
N ASP A 109 31.89 30.28 -9.88
CA ASP A 109 32.53 30.99 -8.79
C ASP A 109 31.49 31.28 -7.73
N CYS A 110 31.51 30.45 -6.69
CA CYS A 110 30.49 30.47 -5.63
C CYS A 110 31.11 30.22 -4.29
N GLN A 111 31.17 31.28 -3.49
CA GLN A 111 31.64 31.17 -2.13
C GLN A 111 30.54 30.42 -1.40
N VAL A 112 30.93 29.47 -0.58
CA VAL A 112 29.99 28.80 0.31
C VAL A 112 30.25 29.30 1.75
N ILE A 113 29.18 29.38 2.54
CA ILE A 113 29.19 30.00 3.86
C ILE A 113 28.44 29.11 4.82
N GLY A 114 28.97 28.95 6.03
CA GLY A 114 28.33 28.12 7.03
C GLY A 114 28.09 28.93 8.28
N ILE A 115 26.89 28.82 8.83
CA ILE A 115 26.56 29.53 10.04
C ILE A 115 26.04 28.53 11.07
N ASP A 116 26.54 28.65 12.29
CA ASP A 116 26.18 27.75 13.39
C ASP A 116 26.68 28.31 14.71
N ARG A 117 25.90 28.13 15.78
CA ARG A 117 26.40 28.43 17.13
C ARG A 117 27.49 27.45 17.60
N ASP A 118 27.49 26.23 17.04
CA ASP A 118 28.44 25.18 17.38
C ASP A 118 29.14 24.58 16.13
N LEU A 119 30.40 24.95 15.91
CA LEU A 119 31.19 24.44 14.78
C LEU A 119 32.22 23.37 15.21
N SER A 120 31.99 22.70 16.33
CA SER A 120 32.93 21.71 16.87
C SER A 120 32.75 20.31 16.26
N ARG A 121 31.67 20.13 15.51
CA ARG A 121 31.37 18.86 14.84
C ARG A 121 31.77 18.88 13.37
N CYS A 122 32.20 20.02 12.88
CA CYS A 122 32.58 20.12 11.49
C CYS A 122 33.79 19.23 11.22
N GLN A 123 33.69 18.36 10.22
CA GLN A 123 34.70 17.36 9.95
C GLN A 123 35.56 17.66 8.72
N ILE A 124 35.22 18.74 8.01
CA ILE A 124 36.01 19.16 6.83
C ILE A 124 37.43 19.51 7.25
N PRO A 125 38.41 18.75 6.79
CA PRO A 125 39.82 19.05 7.06
C PRO A 125 40.22 20.41 6.47
N ALA A 126 41.26 21.00 7.05
CA ALA A 126 41.63 22.38 6.77
C ALA A 126 42.18 22.51 5.37
N SER A 127 42.91 21.49 4.93
CA SER A 127 43.48 21.43 3.58
C SER A 127 42.44 21.43 2.47
N ASP A 128 41.20 21.08 2.81
CA ASP A 128 40.10 21.08 1.85
C ASP A 128 39.02 22.10 2.22
N MET A 129 39.45 23.30 2.60
CA MET A 129 38.52 24.36 3.00
C MET A 129 38.44 25.51 1.98
N GLU A 130 38.87 25.28 0.75
CA GLU A 130 38.88 26.38 -0.22
C GLU A 130 37.45 26.84 -0.43
N ASN A 131 37.27 28.15 -0.63
CA ASN A 131 35.95 28.75 -0.88
C ASN A 131 34.85 28.46 0.14
N ILE A 132 35.22 28.15 1.39
CA ILE A 132 34.26 27.89 2.46
C ILE A 132 34.63 28.65 3.73
N THR A 133 33.71 29.51 4.17
CA THR A 133 33.89 30.39 5.32
C THR A 133 32.86 30.00 6.36
N LEU A 134 33.29 29.60 7.55
CA LEU A 134 32.35 29.23 8.62
C LEU A 134 32.05 30.46 9.46
N HIS A 135 31.12 30.34 10.40
CA HIS A 135 30.73 31.52 11.16
C HIS A 135 30.07 31.18 12.50
N GLN A 136 30.74 31.55 13.58
CA GLN A 136 30.21 31.40 14.94
C GLN A 136 29.11 32.44 15.17
N GLY A 137 28.00 32.01 15.74
CA GLY A 137 26.89 32.91 15.97
C GLY A 137 25.56 32.20 16.18
N ASP A 138 24.63 32.91 16.83
CA ASP A 138 23.31 32.39 17.11
C ASP A 138 22.24 32.97 16.18
N CYS A 139 21.10 32.28 16.13
CA CYS A 139 19.96 32.68 15.35
C CYS A 139 19.26 33.88 15.98
N SER A 140 18.82 33.74 17.23
CA SER A 140 18.22 34.85 17.97
C SER A 140 18.87 36.21 17.67
N ASP A 141 20.20 36.25 17.67
CA ASP A 141 20.91 37.50 17.41
C ASP A 141 21.06 37.73 15.91
N LEU A 142 20.42 38.79 15.43
CA LEU A 142 20.41 39.14 14.01
C LEU A 142 21.66 39.87 13.63
N THR A 143 22.38 40.41 14.63
CA THR A 143 23.71 40.93 14.41
C THR A 143 24.54 39.91 13.63
N THR A 144 24.32 38.63 13.94
CA THR A 144 25.02 37.52 13.29
C THR A 144 25.07 37.63 11.77
N PHE A 145 23.98 38.08 11.17
CA PHE A 145 23.82 38.06 9.72
C PHE A 145 24.31 39.32 9.00
N GLU A 146 24.50 40.42 9.71
CA GLU A 146 25.03 41.65 9.10
C GLU A 146 26.34 41.35 8.37
N HIS A 147 27.31 40.79 9.09
CA HIS A 147 28.68 40.64 8.58
C HIS A 147 28.81 39.70 7.37
N LEU A 148 27.72 39.03 6.97
CA LEU A 148 27.54 38.59 5.59
C LEU A 148 27.83 39.85 4.77
N ARG A 149 29.08 40.00 4.33
CA ARG A 149 29.65 41.30 3.90
C ARG A 149 29.14 41.73 2.52
N GLU A 150 27.83 41.61 2.37
CA GLU A 150 27.13 41.57 1.08
C GLU A 150 27.90 40.74 0.03
N MET A 151 27.62 39.44 0.06
CA MET A 151 28.22 38.49 -0.86
C MET A 151 27.56 38.68 -2.21
N ALA A 152 28.13 38.07 -3.23
CA ALA A 152 27.66 38.33 -4.59
C ALA A 152 26.44 37.46 -4.94
N HIS A 153 25.69 37.92 -5.95
CA HIS A 153 24.41 37.32 -6.34
C HIS A 153 24.46 36.76 -7.79
N PRO A 154 23.62 35.77 -8.13
CA PRO A 154 22.52 35.29 -7.29
C PRO A 154 22.91 34.43 -6.07
N LEU A 155 21.94 34.11 -5.23
CA LEU A 155 22.20 33.63 -3.87
C LEU A 155 21.10 32.75 -3.27
N ILE A 156 21.49 31.61 -2.74
CA ILE A 156 20.57 30.65 -2.14
C ILE A 156 20.75 30.62 -0.63
N PHE A 157 19.73 31.06 0.10
CA PHE A 157 19.71 30.93 1.55
C PHE A 157 19.04 29.60 1.89
N ILE A 158 19.64 28.86 2.79
CA ILE A 158 19.09 27.57 3.19
C ILE A 158 19.04 27.49 4.71
N ASP A 159 17.81 27.41 5.23
CA ASP A 159 17.61 27.24 6.65
C ASP A 159 17.57 25.75 7.05
N ASN A 160 18.65 25.32 7.69
CA ASN A 160 18.72 24.01 8.31
C ASN A 160 18.68 24.02 9.85
N ALA A 161 18.61 25.21 10.44
CA ALA A 161 18.60 25.36 11.90
C ALA A 161 17.19 25.45 12.44
N HIS A 162 16.34 26.17 11.71
CA HIS A 162 14.93 26.26 12.01
C HIS A 162 14.60 27.07 13.28
N ALA A 163 15.53 27.89 13.77
CA ALA A 163 15.27 28.67 14.99
C ALA A 163 15.01 30.10 14.59
N ASN A 164 14.02 30.72 15.22
CA ASN A 164 13.69 32.12 14.96
C ASN A 164 13.69 32.38 13.45
N THR A 165 13.05 31.48 12.72
CA THR A 165 13.27 31.38 11.29
C THR A 165 12.58 32.48 10.49
N PHE A 166 11.38 32.82 10.91
CA PHE A 166 10.62 33.87 10.26
C PHE A 166 11.28 35.22 10.45
N ASN A 167 11.91 35.42 11.60
CA ASN A 167 12.61 36.68 11.90
C ASN A 167 13.95 36.76 11.19
N ILE A 168 14.37 35.69 10.53
CA ILE A 168 15.52 35.74 9.66
C ILE A 168 15.03 36.04 8.24
N MET A 169 14.04 35.28 7.79
CA MET A 169 13.31 35.58 6.56
C MET A 169 13.05 37.08 6.41
N LYS A 170 12.61 37.69 7.51
CA LYS A 170 12.25 39.10 7.54
C LYS A 170 13.46 39.90 7.16
N TRP A 171 14.56 39.64 7.85
CA TRP A 171 15.80 40.34 7.60
C TRP A 171 16.22 40.16 6.14
N ALA A 172 16.40 38.90 5.78
CA ALA A 172 16.85 38.49 4.45
C ALA A 172 16.12 39.23 3.34
N VAL A 173 14.80 39.27 3.43
CA VAL A 173 13.95 39.96 2.46
C VAL A 173 14.34 41.44 2.37
N ASP A 174 14.25 42.11 3.52
CA ASP A 174 14.49 43.54 3.61
C ASP A 174 15.95 43.92 3.44
N HIS A 175 16.87 42.95 3.38
CA HIS A 175 18.31 43.28 3.45
C HIS A 175 19.29 42.54 2.53
N LEU A 176 18.95 41.35 2.07
CA LEU A 176 19.92 40.49 1.39
C LEU A 176 19.52 39.92 0.04
N LEU A 177 18.23 39.72 -0.18
CA LEU A 177 17.77 38.98 -1.35
C LEU A 177 17.53 39.88 -2.56
N GLU A 178 17.65 39.29 -3.74
CA GLU A 178 17.45 40.01 -4.99
C GLU A 178 16.50 39.22 -5.90
N GLU A 179 15.85 39.91 -6.83
CA GLU A 179 15.09 39.25 -7.90
C GLU A 179 15.65 37.89 -8.31
N GLY A 180 15.09 36.82 -7.75
CA GLY A 180 15.45 35.47 -8.14
C GLY A 180 16.14 34.61 -7.09
N ASP A 181 16.47 35.21 -5.93
CA ASP A 181 17.27 34.57 -4.88
C ASP A 181 16.44 33.56 -4.07
N TYR A 182 17.04 32.49 -3.56
CA TYR A 182 16.27 31.45 -2.89
C TYR A 182 16.33 31.52 -1.36
N PHE A 183 15.18 31.35 -0.71
CA PHE A 183 15.16 31.13 0.72
C PHE A 183 14.40 29.86 0.98
N ILE A 184 15.07 28.91 1.62
CA ILE A 184 14.66 27.53 1.59
C ILE A 184 14.63 26.96 3.00
N ILE A 185 13.52 26.33 3.38
CA ILE A 185 13.42 25.76 4.71
C ILE A 185 13.22 24.27 4.64
N GLU A 186 14.32 23.56 4.83
CA GLU A 186 14.34 22.11 4.68
C GLU A 186 13.67 21.44 5.87
N ASP A 187 12.63 20.66 5.58
CA ASP A 187 11.98 19.74 6.52
C ASP A 187 10.81 20.34 7.30
N MET A 188 11.04 21.46 7.99
CA MET A 188 10.06 21.90 8.98
C MET A 188 8.69 22.30 8.43
N ILE A 189 8.66 22.97 7.28
CA ILE A 189 7.43 23.62 6.80
C ILE A 189 6.15 22.77 6.94
N PRO A 190 6.19 21.51 6.52
CA PRO A 190 5.06 20.59 6.79
C PRO A 190 4.76 20.40 8.26
N TYR A 191 5.78 20.18 9.10
CA TYR A 191 5.55 20.01 10.54
C TYR A 191 4.91 21.24 11.22
N TRP A 192 5.30 22.44 10.81
CA TRP A 192 4.68 23.67 11.32
C TRP A 192 3.23 23.81 10.87
N TYR A 193 2.94 23.37 9.65
CA TYR A 193 1.58 23.36 9.14
C TYR A 193 0.73 22.31 9.86
N ARG A 194 1.34 21.21 10.27
CA ARG A 194 0.62 20.15 10.96
C ARG A 194 0.40 20.51 12.43
N TYR A 195 1.31 21.30 13.00
CA TYR A 195 1.23 21.67 14.41
C TYR A 195 0.54 23.01 14.64
N ALA A 196 0.82 24.00 13.80
CA ALA A 196 0.21 25.32 13.94
C ALA A 196 -0.43 25.74 12.64
N PRO A 197 -1.44 25.00 12.20
CA PRO A 197 -2.15 25.34 10.96
C PRO A 197 -2.47 26.83 10.80
N GLN A 198 -3.11 27.48 11.77
CA GLN A 198 -3.55 28.86 11.58
C GLN A 198 -2.39 29.85 11.55
N LEU A 199 -1.53 29.78 12.54
CA LEU A 199 -0.48 30.79 12.69
C LEU A 199 0.57 30.67 11.59
N PHE A 200 0.72 29.49 11.02
CA PHE A 200 1.70 29.31 9.97
C PHE A 200 1.24 29.91 8.63
N SER A 201 -0.03 29.73 8.28
CA SER A 201 -0.56 30.32 7.06
C SER A 201 -0.49 31.83 7.17
N GLU A 202 -0.86 32.33 8.34
CA GLU A 202 -0.96 33.75 8.61
C GLU A 202 0.43 34.37 8.60
N TYR A 203 1.43 33.59 9.00
CA TYR A 203 2.80 34.06 8.99
C TYR A 203 3.34 34.00 7.55
N LEU A 204 3.08 32.89 6.89
CA LEU A 204 3.56 32.69 5.52
C LEU A 204 2.83 33.64 4.58
N GLY A 205 1.61 34.00 4.94
CA GLY A 205 0.81 34.92 4.14
C GLY A 205 1.48 36.26 4.03
N ALA A 206 2.13 36.68 5.12
CA ALA A 206 2.82 37.97 5.21
C ALA A 206 3.82 38.22 4.08
N PHE A 207 4.49 37.17 3.64
CA PHE A 207 5.53 37.32 2.63
C PHE A 207 5.00 37.17 1.20
N ARG A 208 3.69 37.32 1.02
CA ARG A 208 3.05 37.10 -0.28
C ARG A 208 3.66 38.00 -1.35
N ASP A 209 3.71 39.31 -1.10
CA ASP A 209 4.20 40.28 -2.10
C ASP A 209 5.66 40.07 -2.51
N VAL A 210 6.47 39.58 -1.59
CA VAL A 210 7.93 39.55 -1.76
C VAL A 210 8.48 38.20 -2.14
N LEU A 211 7.66 37.16 -2.05
CA LEU A 211 8.15 35.78 -2.21
C LEU A 211 7.12 34.86 -2.88
N SER A 212 7.64 33.76 -3.43
CA SER A 212 6.85 32.77 -4.13
C SER A 212 7.42 31.38 -3.81
N MET A 213 6.59 30.35 -3.93
CA MET A 213 7.08 28.98 -3.88
C MET A 213 7.45 28.56 -5.29
N ASP A 214 8.61 27.95 -5.44
CA ASP A 214 9.09 27.49 -6.74
C ASP A 214 8.57 26.10 -6.95
N MET A 215 7.39 26.02 -7.56
CA MET A 215 6.71 24.75 -7.81
C MET A 215 7.53 23.72 -8.59
N LEU A 216 8.59 24.16 -9.28
CA LEU A 216 9.47 23.24 -10.02
C LEU A 216 10.21 22.37 -9.06
N TYR A 217 10.80 22.99 -8.05
CA TYR A 217 11.61 22.23 -7.09
C TYR A 217 10.81 21.82 -5.85
N ALA A 218 9.68 22.48 -5.62
CA ALA A 218 9.05 22.44 -4.31
C ALA A 218 8.44 21.09 -3.95
N ASN A 219 8.06 20.32 -4.96
CA ASN A 219 7.45 19.01 -4.73
C ASN A 219 8.40 17.89 -5.09
N ALA A 220 9.68 18.22 -5.16
CA ALA A 220 10.65 17.39 -5.86
C ALA A 220 11.47 16.47 -4.96
N SER A 221 11.51 16.75 -3.66
CA SER A 221 12.05 15.78 -2.68
C SER A 221 11.39 15.89 -1.31
N SER A 222 11.38 14.77 -0.60
CA SER A 222 10.71 14.68 0.68
C SER A 222 11.21 15.74 1.65
N GLN A 223 12.52 16.01 1.60
CA GLN A 223 13.20 16.90 2.56
C GLN A 223 13.04 18.37 2.23
N LEU A 224 13.07 18.70 0.94
CA LEU A 224 12.84 20.08 0.46
C LEU A 224 11.39 20.44 0.36
N ASP A 225 10.54 19.43 0.45
CA ASP A 225 9.10 19.52 0.24
C ASP A 225 8.43 20.82 0.70
N ARG A 226 7.87 21.54 -0.28
CA ARG A 226 7.03 22.74 -0.09
C ARG A 226 7.65 23.90 0.69
N GLY A 227 8.98 23.96 0.70
CA GLY A 227 9.71 24.97 1.44
C GLY A 227 10.79 25.60 0.63
N VAL A 228 10.76 25.38 -0.67
CA VAL A 228 11.63 26.09 -1.60
C VAL A 228 10.94 27.39 -2.04
N LEU A 229 11.43 28.50 -1.51
CA LEU A 229 10.89 29.82 -1.80
C LEU A 229 11.92 30.67 -2.50
N ARG A 230 11.49 31.80 -3.06
CA ARG A 230 12.40 32.68 -3.79
C ARG A 230 11.81 34.05 -4.10
N ARG A 231 12.69 35.03 -4.30
CA ARG A 231 12.29 36.42 -4.53
C ARG A 231 11.55 36.63 -5.85
N VAL A 232 10.33 37.16 -5.74
CA VAL A 232 9.58 37.60 -6.89
C VAL A 232 9.68 39.14 -6.96
N ALA A 233 9.80 39.65 -8.20
CA ALA A 233 9.64 41.08 -8.50
C ALA A 233 10.67 41.97 -7.81
N TYR B 4 -2.48 11.65 -43.06
CA TYR B 4 -1.66 10.62 -42.37
C TYR B 4 -1.32 9.44 -43.28
N SER B 5 -2.09 9.26 -44.37
CA SER B 5 -2.00 8.06 -45.21
C SER B 5 -0.69 7.93 -46.02
N ARG B 6 0.11 9.00 -46.05
CA ARG B 6 1.44 8.97 -46.65
C ARG B 6 2.49 9.24 -45.57
N GLN B 7 2.31 8.61 -44.41
CA GLN B 7 3.22 8.79 -43.30
C GLN B 7 4.01 7.51 -43.10
N ASN B 8 5.23 7.64 -42.57
CA ASN B 8 5.95 6.49 -42.01
C ASN B 8 6.10 6.70 -40.51
N PHE B 9 5.87 5.64 -39.74
CA PHE B 9 5.93 5.69 -38.28
C PHE B 9 7.14 4.91 -37.77
N GLN B 10 7.92 5.54 -36.91
CA GLN B 10 9.11 4.91 -36.34
C GLN B 10 8.75 3.85 -35.29
N ASP B 11 9.73 3.03 -34.94
CA ASP B 11 9.53 1.95 -33.97
C ASP B 11 9.67 2.54 -32.59
N LEU B 12 8.57 2.70 -31.88
CA LEU B 12 8.61 3.28 -30.54
C LEU B 12 9.40 2.41 -29.55
N ASN B 13 9.83 1.23 -29.99
CA ASN B 13 10.70 0.37 -29.17
C ASN B 13 12.18 0.78 -29.20
N LEU B 14 12.54 1.68 -30.13
CA LEU B 14 13.87 2.26 -30.19
C LEU B 14 14.06 3.21 -29.01
N PHE B 15 12.97 3.77 -28.49
CA PHE B 15 13.00 4.72 -27.40
C PHE B 15 12.71 4.06 -26.04
N ARG B 16 12.45 2.75 -26.02
CA ARG B 16 12.32 2.01 -24.74
C ARG B 16 13.47 2.30 -23.78
N GLY B 17 13.10 2.76 -22.58
CA GLY B 17 14.05 3.01 -21.50
C GLY B 17 15.10 4.09 -21.76
N LEU B 18 14.76 5.07 -22.60
CA LEU B 18 15.68 6.14 -22.98
C LEU B 18 14.95 7.46 -23.25
N GLY B 19 13.89 7.40 -24.04
CA GLY B 19 13.18 8.59 -24.46
C GLY B 19 13.61 9.05 -25.84
N GLU B 20 12.88 10.04 -26.37
CA GLU B 20 13.01 10.49 -27.75
C GLU B 20 14.26 11.33 -28.03
N ASP B 21 14.67 12.17 -27.09
CA ASP B 21 15.82 13.07 -27.28
C ASP B 21 16.94 12.72 -26.30
N PRO B 22 18.15 12.48 -26.81
CA PRO B 22 19.32 12.31 -25.95
C PRO B 22 19.78 13.59 -25.27
N ALA B 23 19.28 14.74 -25.69
CA ALA B 23 19.65 15.99 -25.07
C ALA B 23 18.87 16.17 -23.77
N TYR B 24 19.47 16.86 -22.80
CA TYR B 24 18.74 17.29 -21.63
C TYR B 24 17.97 18.56 -21.94
N HIS B 25 16.64 18.49 -21.80
CA HIS B 25 15.80 19.66 -21.61
C HIS B 25 15.17 19.61 -20.24
N PRO B 26 14.87 20.79 -19.68
CA PRO B 26 14.29 20.87 -18.34
C PRO B 26 12.75 20.71 -18.35
N PRO B 27 12.19 20.11 -17.30
CA PRO B 27 10.74 19.88 -17.25
C PRO B 27 9.99 21.18 -17.33
N VAL B 28 8.73 21.09 -17.71
CA VAL B 28 7.88 22.25 -17.75
C VAL B 28 6.53 21.95 -17.12
N LEU B 29 6.09 22.88 -16.27
CA LEU B 29 4.81 22.77 -15.66
C LEU B 29 3.83 23.31 -16.70
N THR B 30 2.82 22.51 -16.96
CA THR B 30 1.64 22.93 -17.71
C THR B 30 0.58 23.51 -16.79
N ASP B 31 -0.06 22.66 -15.99
CA ASP B 31 -1.30 23.04 -15.28
C ASP B 31 -1.19 24.09 -14.15
N ARG B 32 0.01 24.40 -13.66
CA ARG B 32 0.15 25.41 -12.62
C ARG B 32 1.25 26.43 -12.91
N PRO B 33 1.21 27.55 -12.19
CA PRO B 33 2.26 28.56 -12.28
C PRO B 33 3.52 28.05 -11.66
N ARG B 34 4.67 28.49 -12.16
CA ARG B 34 5.92 28.19 -11.48
C ARG B 34 5.89 28.79 -10.09
N ASP B 35 5.49 30.05 -10.03
CA ASP B 35 5.45 30.79 -8.77
C ASP B 35 4.07 30.75 -8.10
N TRP B 36 3.89 29.79 -7.19
CA TRP B 36 2.62 29.66 -6.48
C TRP B 36 2.58 30.77 -5.45
N PRO B 37 1.44 31.40 -5.24
CA PRO B 37 1.36 32.49 -4.27
C PRO B 37 1.24 32.01 -2.83
N LEU B 38 1.84 32.78 -1.91
CA LEU B 38 1.98 32.32 -0.56
C LEU B 38 0.70 32.47 0.25
N ASP B 39 -0.23 33.29 -0.19
CA ASP B 39 -1.52 33.34 0.50
C ASP B 39 -2.32 32.06 0.24
N ARG B 40 -2.14 31.43 -0.91
CA ARG B 40 -2.86 30.20 -1.24
C ARG B 40 -1.96 28.97 -1.07
N TRP B 41 -1.02 29.02 -0.13
CA TRP B 41 0.02 27.99 0.03
C TRP B 41 -0.51 26.57 0.26
N ALA B 42 -1.58 26.46 1.05
CA ALA B 42 -2.14 25.16 1.43
C ALA B 42 -2.89 24.48 0.28
N GLU B 43 -3.41 25.30 -0.63
CA GLU B 43 -4.10 24.82 -1.84
C GLU B 43 -3.18 24.30 -2.94
N ALA B 44 -1.86 24.49 -2.80
CA ALA B 44 -0.92 24.15 -3.87
C ALA B 44 -0.75 22.65 -4.06
N PRO B 45 -0.72 22.22 -5.32
CA PRO B 45 -0.48 20.81 -5.64
C PRO B 45 0.68 20.20 -4.89
N ARG B 46 0.54 18.94 -4.46
CA ARG B 46 1.58 18.22 -3.77
C ARG B 46 2.35 17.35 -4.72
N ASP B 47 1.83 17.16 -5.93
CA ASP B 47 2.43 16.18 -6.84
C ASP B 47 3.58 16.82 -7.66
N LEU B 48 4.46 15.96 -8.20
CA LEU B 48 5.70 16.46 -8.79
C LEU B 48 5.51 17.55 -9.85
N GLY B 49 4.57 17.36 -10.76
CA GLY B 49 4.18 18.39 -11.71
C GLY B 49 4.70 18.21 -13.13
N TYR B 50 5.11 16.97 -13.45
CA TYR B 50 5.65 16.58 -14.75
C TYR B 50 6.12 15.10 -14.71
N SER B 51 6.45 14.54 -15.88
CA SER B 51 6.73 13.10 -16.00
C SER B 51 8.04 12.75 -15.29
N ASP B 52 7.95 11.80 -14.35
CA ASP B 52 9.09 11.35 -13.56
C ASP B 52 9.85 10.17 -14.17
N PHE B 53 9.59 9.90 -15.46
CA PHE B 53 10.41 8.98 -16.24
C PHE B 53 11.70 9.66 -16.66
N SER B 54 12.84 9.16 -16.20
CA SER B 54 14.14 9.75 -16.52
C SER B 54 14.08 11.28 -16.56
N PRO B 55 13.97 11.91 -15.40
CA PRO B 55 14.00 13.36 -15.29
C PRO B 55 15.38 13.88 -14.87
N TYR B 56 16.39 13.04 -14.88
CA TYR B 56 17.62 13.34 -14.18
C TYR B 56 18.73 13.83 -15.10
N GLN B 57 19.64 14.63 -14.55
CA GLN B 57 20.69 15.22 -15.38
C GLN B 57 21.91 15.57 -14.59
N TRP B 58 23.04 15.62 -15.29
CA TRP B 58 24.32 16.02 -14.73
C TRP B 58 24.96 17.05 -15.66
N ARG B 59 25.12 18.29 -15.20
CA ARG B 59 25.74 19.35 -15.99
C ARG B 59 25.23 19.44 -17.41
N GLY B 60 23.92 19.33 -17.57
CA GLY B 60 23.30 19.55 -18.87
C GLY B 60 23.29 18.33 -19.78
N LEU B 61 23.59 17.18 -19.18
CA LEU B 61 23.55 15.90 -19.88
C LEU B 61 22.59 15.04 -19.14
N ARG B 62 21.85 14.23 -19.87
CA ARG B 62 20.89 13.36 -19.21
C ARG B 62 21.57 12.22 -18.44
N MET B 63 21.07 11.94 -17.24
CA MET B 63 21.55 10.82 -16.43
C MET B 63 20.48 9.76 -16.31
N LEU B 64 20.77 8.58 -16.82
CA LEU B 64 19.84 7.48 -16.69
C LEU B 64 20.05 6.78 -15.37
N LYS B 65 21.23 6.88 -14.80
CA LYS B 65 21.37 6.40 -13.43
C LYS B 65 20.56 7.40 -12.60
N ASP B 66 19.69 6.94 -11.71
CA ASP B 66 18.90 7.84 -10.87
C ASP B 66 19.60 8.10 -9.53
N PRO B 67 19.20 9.11 -8.77
CA PRO B 67 19.91 9.47 -7.55
C PRO B 67 20.29 8.28 -6.71
N ASP B 68 19.39 7.35 -6.42
CA ASP B 68 19.72 6.25 -5.50
C ASP B 68 20.90 5.40 -5.98
N THR B 69 20.97 5.22 -7.30
CA THR B 69 22.06 4.49 -7.93
C THR B 69 23.37 5.25 -7.85
N GLN B 70 23.32 6.57 -8.05
CA GLN B 70 24.52 7.39 -7.95
C GLN B 70 25.14 7.32 -6.59
N ALA B 71 24.31 7.27 -5.56
CA ALA B 71 24.81 7.20 -4.19
C ALA B 71 25.56 5.92 -4.01
N VAL B 72 25.08 4.84 -4.61
CA VAL B 72 25.74 3.56 -4.47
C VAL B 72 27.08 3.58 -5.18
N TYR B 73 27.11 4.12 -6.39
CA TYR B 73 28.33 4.11 -7.17
C TYR B 73 29.37 5.00 -6.50
N HIS B 74 28.95 6.15 -6.00
CA HIS B 74 29.83 6.96 -5.16
C HIS B 74 30.45 6.13 -4.00
N ASP B 75 29.64 5.44 -3.22
CA ASP B 75 30.20 4.67 -2.12
C ASP B 75 31.22 3.68 -2.64
N MET B 76 30.87 3.08 -3.76
CA MET B 76 31.69 2.05 -4.37
C MET B 76 33.01 2.65 -4.91
N LEU B 77 32.96 3.85 -5.44
CA LEU B 77 34.15 4.46 -6.01
C LEU B 77 35.07 4.85 -4.90
N TRP B 78 34.52 5.61 -3.96
CA TRP B 78 35.20 6.03 -2.74
C TRP B 78 35.90 4.88 -1.99
N GLU B 79 35.25 3.73 -1.92
CA GLU B 79 35.80 2.63 -1.17
C GLU B 79 36.91 1.95 -1.94
N LEU B 80 36.64 1.71 -3.21
CA LEU B 80 37.53 0.93 -4.05
C LEU B 80 37.97 1.84 -5.21
N ARG B 81 38.86 2.77 -4.91
CA ARG B 81 39.28 3.76 -5.88
C ARG B 81 39.63 2.96 -7.11
N PRO B 82 38.85 3.08 -8.17
CA PRO B 82 39.12 2.34 -9.40
C PRO B 82 39.96 3.15 -10.34
N ARG B 83 40.98 2.53 -10.93
CA ARG B 83 41.77 3.18 -11.97
C ARG B 83 41.05 3.20 -13.34
N THR B 84 39.93 2.47 -13.48
CA THR B 84 39.29 2.27 -14.78
C THR B 84 37.80 1.88 -14.59
N ILE B 85 36.90 2.67 -15.19
CA ILE B 85 35.49 2.32 -15.25
C ILE B 85 35.06 2.03 -16.68
N VAL B 86 34.20 1.02 -16.84
CA VAL B 86 33.81 0.53 -18.17
C VAL B 86 32.30 0.40 -18.31
N GLU B 87 31.69 1.34 -19.01
CA GLU B 87 30.28 1.25 -19.39
C GLU B 87 30.18 0.47 -20.67
N LEU B 88 29.25 -0.47 -20.77
CA LEU B 88 28.98 -1.12 -22.04
C LEU B 88 27.55 -0.75 -22.26
N GLY B 89 27.35 0.23 -23.14
CA GLY B 89 26.15 1.03 -23.21
C GLY B 89 26.59 2.45 -22.95
N VAL B 90 26.24 3.34 -23.88
CA VAL B 90 26.63 4.76 -23.75
C VAL B 90 25.47 5.74 -23.85
N TYR B 91 24.54 5.52 -24.78
CA TYR B 91 23.51 6.48 -25.07
C TYR B 91 24.16 7.84 -25.15
N ASN B 92 23.80 8.78 -24.28
CA ASN B 92 24.26 10.19 -24.36
C ASN B 92 25.57 10.50 -23.64
N GLY B 93 26.08 9.52 -22.90
CA GLY B 93 27.35 9.60 -22.21
C GLY B 93 27.34 10.28 -20.87
N GLY B 94 26.16 10.55 -20.31
CA GLY B 94 26.08 11.21 -19.00
C GLY B 94 26.67 10.36 -17.88
N SER B 95 26.38 9.07 -17.88
CA SER B 95 27.10 8.17 -17.01
C SER B 95 28.60 8.29 -17.23
N LEU B 96 29.01 8.45 -18.47
CA LEU B 96 30.43 8.60 -18.76
C LEU B 96 31.07 9.81 -18.06
N ALA B 97 30.56 11.00 -18.37
CA ALA B 97 31.11 12.24 -17.82
C ALA B 97 30.85 12.38 -16.33
N TRP B 98 29.86 11.66 -15.82
CA TRP B 98 29.64 11.60 -14.36
C TRP B 98 30.74 10.80 -13.70
N PHE B 99 31.04 9.64 -14.26
CA PHE B 99 31.96 8.69 -13.62
C PHE B 99 33.36 9.29 -13.55
N ARG B 100 33.66 10.08 -14.58
CA ARG B 100 34.91 10.78 -14.68
C ARG B 100 34.93 11.91 -13.66
N ASP B 101 33.82 12.64 -13.56
CA ASP B 101 33.79 13.84 -12.71
C ASP B 101 33.95 13.48 -11.26
N LEU B 102 33.23 12.49 -10.79
CA LEU B 102 33.42 12.02 -9.41
C LEU B 102 34.84 11.61 -9.09
N THR B 103 35.40 10.76 -9.94
CA THR B 103 36.77 10.37 -9.76
C THR B 103 37.68 11.61 -9.70
N LYS B 104 37.36 12.65 -10.46
CA LYS B 104 38.20 13.85 -10.46
C LYS B 104 38.21 14.52 -9.07
N ILE B 105 37.05 14.68 -8.43
CA ILE B 105 36.98 15.34 -7.13
C ILE B 105 37.56 14.45 -6.03
N MET B 106 37.60 13.13 -6.29
CA MET B 106 38.11 12.21 -5.28
C MET B 106 39.64 12.02 -5.33
N GLY B 107 40.32 12.62 -6.29
CA GLY B 107 41.74 12.43 -6.40
C GLY B 107 42.11 11.05 -6.88
N ILE B 108 41.18 10.44 -7.61
CA ILE B 108 41.37 9.13 -8.22
C ILE B 108 41.88 9.25 -9.64
N ASP B 109 43.02 8.59 -9.94
CA ASP B 109 43.46 8.52 -11.33
C ASP B 109 42.76 7.34 -11.97
N CYS B 110 41.63 7.67 -12.62
CA CYS B 110 40.72 6.70 -13.18
C CYS B 110 40.34 7.03 -14.62
N GLN B 111 40.52 6.05 -15.51
CA GLN B 111 40.15 6.13 -16.93
C GLN B 111 38.74 5.56 -17.17
N VAL B 112 37.84 6.41 -17.67
CA VAL B 112 36.52 5.96 -18.11
C VAL B 112 36.57 5.56 -19.58
N ILE B 113 35.83 4.50 -19.91
CA ILE B 113 35.73 3.98 -21.25
C ILE B 113 34.27 3.58 -21.44
N GLY B 114 33.70 3.93 -22.58
CA GLY B 114 32.35 3.52 -22.93
C GLY B 114 32.40 2.81 -24.27
N ILE B 115 31.64 1.75 -24.38
CA ILE B 115 31.70 0.89 -25.53
C ILE B 115 30.28 0.75 -26.03
N ASP B 116 30.12 0.77 -27.35
CA ASP B 116 28.82 0.77 -28.00
C ASP B 116 28.91 0.62 -29.52
N ARG B 117 27.94 -0.08 -30.09
CA ARG B 117 27.79 -0.18 -31.56
C ARG B 117 27.39 1.17 -32.18
N ASP B 118 26.72 2.00 -31.38
CA ASP B 118 26.23 3.31 -31.78
C ASP B 118 26.71 4.36 -30.77
N LEU B 119 27.54 5.29 -31.24
CA LEU B 119 27.95 6.40 -30.41
C LEU B 119 27.23 7.67 -30.78
N SER B 120 26.91 7.84 -32.07
CA SER B 120 26.14 8.99 -32.62
C SER B 120 25.15 9.71 -31.69
N ARG B 121 24.55 8.98 -30.74
CA ARG B 121 23.71 9.59 -29.70
C ARG B 121 24.44 10.12 -28.47
N CYS B 122 25.72 10.48 -28.60
CA CYS B 122 26.51 10.96 -27.48
C CYS B 122 26.54 12.48 -27.45
N GLN B 123 26.21 13.06 -26.28
CA GLN B 123 26.08 14.52 -26.12
C GLN B 123 27.24 15.20 -25.41
N ILE B 124 28.35 14.50 -25.23
CA ILE B 124 29.48 15.08 -24.52
C ILE B 124 30.30 15.90 -25.50
N PRO B 125 30.43 17.19 -25.27
CA PRO B 125 31.27 18.03 -26.13
C PRO B 125 32.76 17.66 -26.10
N ALA B 126 33.45 17.97 -27.19
CA ALA B 126 34.85 17.59 -27.42
C ALA B 126 35.77 18.20 -26.37
N SER B 127 35.42 19.42 -25.97
CA SER B 127 36.14 20.13 -24.90
C SER B 127 36.14 19.38 -23.54
N ASP B 128 35.25 18.39 -23.39
CA ASP B 128 34.94 17.75 -22.11
C ASP B 128 35.30 16.24 -22.10
N MET B 129 36.28 15.83 -22.90
CA MET B 129 36.56 14.41 -23.08
C MET B 129 37.80 13.87 -22.30
N GLU B 130 38.22 14.59 -21.27
CA GLU B 130 39.46 14.30 -20.59
C GLU B 130 39.35 12.99 -19.81
N ASN B 131 40.16 12.00 -20.19
CA ASN B 131 40.14 10.67 -19.60
C ASN B 131 38.93 9.80 -19.93
N ILE B 132 38.03 10.27 -20.78
CA ILE B 132 36.99 9.40 -21.34
C ILE B 132 37.39 8.96 -22.76
N THR B 133 37.05 7.72 -23.09
CA THR B 133 37.37 7.16 -24.40
C THR B 133 36.23 6.33 -24.95
N LEU B 134 35.84 6.63 -26.18
CA LEU B 134 34.73 5.93 -26.79
C LEU B 134 35.26 4.82 -27.68
N HIS B 135 34.42 3.81 -27.91
CA HIS B 135 34.78 2.67 -28.73
C HIS B 135 33.54 2.16 -29.47
N GLN B 136 33.66 1.88 -30.77
CA GLN B 136 32.55 1.26 -31.49
C GLN B 136 32.86 -0.21 -31.63
N GLY B 137 32.00 -1.05 -31.06
CA GLY B 137 32.08 -2.50 -31.19
C GLY B 137 30.81 -3.20 -30.78
N ASP B 138 30.60 -4.41 -31.28
CA ASP B 138 29.41 -5.19 -30.97
C ASP B 138 29.67 -6.19 -29.84
N CYS B 139 28.62 -6.54 -29.10
CA CYS B 139 28.71 -7.53 -28.01
C CYS B 139 28.91 -8.93 -28.58
N SER B 140 28.04 -9.31 -29.52
CA SER B 140 28.12 -10.61 -30.17
C SER B 140 29.56 -10.95 -30.54
N ASP B 141 30.32 -9.94 -30.91
CA ASP B 141 31.72 -10.10 -31.23
C ASP B 141 32.54 -9.85 -29.97
N LEU B 142 33.27 -10.86 -29.52
CA LEU B 142 34.11 -10.74 -28.32
C LEU B 142 35.41 -9.97 -28.55
N THR B 143 35.80 -9.82 -29.80
CA THR B 143 37.09 -9.19 -30.11
C THR B 143 37.02 -7.68 -29.95
N THR B 144 35.84 -7.17 -29.63
CA THR B 144 35.62 -5.76 -29.29
C THR B 144 36.21 -5.40 -27.93
N PHE B 145 36.73 -6.39 -27.22
CA PHE B 145 37.04 -6.23 -25.80
C PHE B 145 38.49 -6.43 -25.43
N GLU B 146 39.20 -7.28 -26.16
CA GLU B 146 40.61 -7.55 -25.83
C GLU B 146 41.51 -6.31 -26.03
N HIS B 147 41.04 -5.35 -26.85
CA HIS B 147 41.64 -4.01 -26.93
C HIS B 147 42.01 -3.37 -25.57
N LEU B 148 41.52 -3.93 -24.45
CA LEU B 148 41.51 -3.26 -23.14
C LEU B 148 42.08 -4.05 -21.93
N ARG B 149 42.61 -5.26 -22.15
CA ARG B 149 43.26 -5.98 -21.04
C ARG B 149 44.65 -5.39 -20.68
N GLU B 150 45.02 -4.27 -21.34
CA GLU B 150 46.11 -3.41 -20.87
C GLU B 150 45.45 -2.17 -20.26
N MET B 151 44.72 -2.41 -19.18
CA MET B 151 44.05 -1.38 -18.40
C MET B 151 44.31 -1.58 -16.92
N ALA B 152 44.54 -0.49 -16.22
CA ALA B 152 44.93 -0.55 -14.82
C ALA B 152 43.77 -0.90 -13.89
N HIS B 153 44.14 -1.48 -12.76
CA HIS B 153 43.21 -1.94 -11.75
C HIS B 153 43.36 -1.12 -10.48
N PRO B 154 42.35 -1.07 -9.64
CA PRO B 154 41.07 -1.80 -9.74
C PRO B 154 40.18 -1.40 -10.90
N LEU B 155 39.24 -2.28 -11.21
CA LEU B 155 38.36 -2.07 -12.36
C LEU B 155 36.90 -2.35 -12.06
N ILE B 156 36.05 -1.38 -12.38
CA ILE B 156 34.61 -1.57 -12.41
C ILE B 156 34.22 -1.65 -13.90
N PHE B 157 33.26 -2.54 -14.20
CA PHE B 157 32.85 -2.86 -15.57
C PHE B 157 31.35 -3.04 -15.57
N ILE B 158 30.63 -2.01 -15.98
CA ILE B 158 29.17 -2.00 -15.98
C ILE B 158 28.58 -2.53 -17.30
N ASP B 159 27.51 -3.29 -17.18
CA ASP B 159 26.79 -3.79 -18.34
C ASP B 159 25.51 -2.99 -18.39
N ASN B 160 25.34 -2.25 -19.47
CA ASN B 160 24.12 -1.51 -19.71
C ASN B 160 23.54 -1.86 -21.06
N ALA B 161 23.99 -3.00 -21.60
CA ALA B 161 23.71 -3.35 -23.00
C ALA B 161 22.83 -4.58 -23.09
N HIS B 162 23.23 -5.61 -22.35
CA HIS B 162 22.44 -6.82 -22.13
C HIS B 162 22.46 -7.88 -23.23
N ALA B 163 23.15 -7.59 -24.33
CA ALA B 163 23.41 -8.59 -25.35
C ALA B 163 24.59 -9.51 -24.96
N ASN B 164 24.39 -10.82 -25.10
CA ASN B 164 25.51 -11.76 -25.00
C ASN B 164 26.22 -11.69 -23.66
N THR B 165 25.53 -11.17 -22.66
CA THR B 165 26.17 -10.81 -21.40
C THR B 165 26.97 -11.95 -20.81
N PHE B 166 26.39 -13.14 -20.75
CA PHE B 166 27.09 -14.24 -20.06
C PHE B 166 28.37 -14.65 -20.72
N ASN B 167 28.44 -14.56 -22.04
CA ASN B 167 29.70 -14.82 -22.74
C ASN B 167 30.74 -13.73 -22.44
N ILE B 168 30.26 -12.48 -22.35
CA ILE B 168 31.13 -11.35 -22.03
C ILE B 168 31.65 -11.45 -20.62
N MET B 169 30.82 -11.92 -19.70
CA MET B 169 31.26 -12.14 -18.31
C MET B 169 32.41 -13.11 -18.31
N LYS B 170 32.25 -14.21 -19.01
CA LYS B 170 33.20 -15.31 -18.93
C LYS B 170 34.52 -14.91 -19.57
N TRP B 171 34.46 -13.99 -20.54
CA TRP B 171 35.69 -13.46 -21.15
C TRP B 171 36.41 -12.57 -20.12
N ALA B 172 35.63 -11.80 -19.36
CA ALA B 172 36.18 -10.93 -18.34
C ALA B 172 36.84 -11.73 -17.23
N VAL B 173 36.13 -12.71 -16.70
CA VAL B 173 36.63 -13.57 -15.63
C VAL B 173 37.93 -14.29 -16.05
N ASP B 174 38.04 -14.62 -17.32
CA ASP B 174 39.21 -15.32 -17.84
C ASP B 174 40.36 -14.42 -18.29
N HIS B 175 40.06 -13.20 -18.72
CA HIS B 175 41.04 -12.38 -19.44
C HIS B 175 41.15 -10.94 -18.94
N LEU B 176 40.53 -10.61 -17.80
CA LEU B 176 40.51 -9.22 -17.34
C LEU B 176 40.48 -8.99 -15.82
N LEU B 177 39.37 -9.35 -15.17
CA LEU B 177 39.13 -8.98 -13.78
C LEU B 177 40.17 -9.56 -12.82
N GLU B 178 40.79 -8.66 -12.04
CA GLU B 178 41.68 -9.05 -10.98
C GLU B 178 40.87 -9.02 -9.70
N GLU B 179 41.24 -9.86 -8.73
CA GLU B 179 40.52 -9.94 -7.47
C GLU B 179 40.07 -8.58 -6.91
N GLY B 180 38.79 -8.48 -6.55
CA GLY B 180 38.26 -7.27 -5.94
C GLY B 180 37.61 -6.31 -6.93
N ASP B 181 37.72 -6.64 -8.22
CA ASP B 181 37.10 -5.87 -9.30
C ASP B 181 35.64 -6.21 -9.53
N TYR B 182 34.90 -5.23 -10.04
CA TYR B 182 33.45 -5.33 -10.21
C TYR B 182 33.02 -5.54 -11.66
N PHE B 183 32.10 -6.49 -11.80
CA PHE B 183 31.28 -6.67 -13.00
C PHE B 183 29.84 -6.60 -12.55
N ILE B 184 29.11 -5.67 -13.12
CA ILE B 184 27.77 -5.35 -12.68
C ILE B 184 26.82 -5.43 -13.86
N ILE B 185 25.61 -5.92 -13.60
CA ILE B 185 24.57 -5.90 -14.59
C ILE B 185 23.45 -5.03 -14.05
N GLU B 186 23.21 -3.93 -14.76
CA GLU B 186 22.24 -2.95 -14.33
C GLU B 186 20.92 -3.32 -14.93
N ASP B 187 19.89 -3.40 -14.09
CA ASP B 187 18.48 -3.44 -14.50
C ASP B 187 17.92 -4.83 -14.81
N MET B 188 18.73 -5.67 -15.42
CA MET B 188 18.19 -6.80 -16.15
C MET B 188 18.20 -8.16 -15.46
N ILE B 189 19.01 -8.34 -14.45
CA ILE B 189 19.04 -9.66 -13.82
C ILE B 189 17.65 -10.09 -13.32
N PRO B 190 16.94 -9.18 -12.66
CA PRO B 190 15.63 -9.53 -12.09
C PRO B 190 14.57 -9.95 -13.12
N TYR B 191 14.67 -9.40 -14.34
CA TYR B 191 13.83 -9.82 -15.47
C TYR B 191 14.28 -11.16 -16.06
N TRP B 192 15.58 -11.38 -16.16
CA TRP B 192 16.09 -12.69 -16.54
C TRP B 192 15.71 -13.77 -15.56
N TYR B 193 15.49 -13.42 -14.30
CA TYR B 193 15.06 -14.40 -13.32
C TYR B 193 13.55 -14.67 -13.44
N ARG B 194 12.83 -13.62 -13.80
CA ARG B 194 11.39 -13.68 -13.98
C ARG B 194 11.01 -14.54 -15.17
N TYR B 195 11.83 -14.45 -16.20
CA TYR B 195 11.50 -14.98 -17.51
C TYR B 195 12.10 -16.34 -17.65
N ALA B 196 13.31 -16.53 -17.15
CA ALA B 196 13.98 -17.81 -17.20
C ALA B 196 14.49 -18.23 -15.83
N PRO B 197 13.63 -18.52 -14.88
CA PRO B 197 14.06 -19.00 -13.56
C PRO B 197 15.21 -20.01 -13.62
N GLN B 198 15.01 -21.06 -14.40
CA GLN B 198 15.92 -22.21 -14.36
C GLN B 198 17.23 -21.98 -15.12
N LEU B 199 17.15 -21.20 -16.19
CA LEU B 199 18.29 -21.04 -17.09
C LEU B 199 19.18 -19.93 -16.59
N PHE B 200 18.57 -18.87 -16.07
CA PHE B 200 19.35 -17.80 -15.48
C PHE B 200 20.08 -18.27 -14.22
N SER B 201 19.41 -19.00 -13.33
CA SER B 201 20.08 -19.54 -12.15
C SER B 201 21.29 -20.39 -12.50
N GLU B 202 21.23 -21.05 -13.65
CA GLU B 202 22.30 -21.92 -14.11
C GLU B 202 23.44 -21.05 -14.63
N TYR B 203 23.12 -20.24 -15.61
CA TYR B 203 24.08 -19.34 -16.26
C TYR B 203 24.83 -18.47 -15.24
N LEU B 204 24.20 -18.24 -14.09
CA LEU B 204 24.73 -17.39 -13.05
C LEU B 204 25.55 -18.17 -12.02
N GLY B 205 25.14 -19.42 -11.71
CA GLY B 205 25.81 -20.21 -10.70
C GLY B 205 26.99 -20.96 -11.24
N ALA B 206 27.23 -20.76 -12.53
CA ALA B 206 28.42 -21.28 -13.17
C ALA B 206 29.64 -20.49 -12.68
N PHE B 207 29.37 -19.28 -12.20
CA PHE B 207 30.42 -18.36 -11.79
C PHE B 207 30.57 -18.27 -10.28
N ARG B 208 30.31 -19.36 -9.56
CA ARG B 208 30.36 -19.32 -8.11
C ARG B 208 31.81 -19.35 -7.71
N ASP B 209 32.59 -20.14 -8.44
CA ASP B 209 33.98 -20.29 -8.11
C ASP B 209 34.82 -19.06 -8.46
N VAL B 210 34.22 -18.04 -9.07
CA VAL B 210 34.96 -16.88 -9.54
C VAL B 210 34.33 -15.51 -9.28
N LEU B 211 33.07 -15.48 -8.91
CA LEU B 211 32.39 -14.23 -8.62
C LEU B 211 31.48 -14.36 -7.42
N SER B 212 31.02 -13.20 -6.94
CA SER B 212 30.20 -13.12 -5.72
C SER B 212 29.25 -11.94 -5.77
N MET B 213 28.06 -12.10 -5.18
CA MET B 213 27.14 -11.00 -5.06
C MET B 213 27.61 -10.09 -3.92
N ASP B 214 27.94 -8.83 -4.23
CA ASP B 214 28.30 -7.85 -3.20
C ASP B 214 27.03 -7.39 -2.48
N MET B 215 26.87 -7.87 -1.24
CA MET B 215 25.62 -7.71 -0.49
C MET B 215 25.43 -6.32 0.13
N LEU B 216 26.52 -5.55 0.16
CA LEU B 216 26.54 -4.21 0.70
C LEU B 216 26.02 -3.24 -0.32
N TYR B 217 26.30 -3.54 -1.59
CA TYR B 217 25.92 -2.69 -2.68
C TYR B 217 24.72 -3.22 -3.45
N ALA B 218 24.31 -4.45 -3.17
CA ALA B 218 23.33 -5.11 -4.04
C ALA B 218 21.94 -4.59 -3.73
N ASN B 219 21.52 -4.65 -2.47
CA ASN B 219 20.13 -4.31 -2.15
C ASN B 219 19.86 -2.81 -1.99
N ALA B 220 20.75 -1.97 -2.54
CA ALA B 220 20.76 -0.53 -2.25
C ALA B 220 20.24 0.35 -3.39
N SER B 221 19.73 -0.27 -4.45
CA SER B 221 18.94 0.50 -5.42
C SER B 221 17.98 -0.33 -6.27
N SER B 222 17.11 0.35 -6.97
CA SER B 222 16.22 -0.34 -7.89
C SER B 222 17.09 -0.83 -9.03
N GLN B 223 17.81 0.10 -9.67
CA GLN B 223 18.57 -0.23 -10.87
C GLN B 223 19.62 -1.35 -10.64
N LEU B 224 20.32 -1.36 -9.51
CA LEU B 224 21.36 -2.37 -9.27
C LEU B 224 20.91 -3.63 -8.50
N ASP B 225 19.60 -3.77 -8.27
CA ASP B 225 19.01 -4.82 -7.45
C ASP B 225 19.88 -6.00 -7.14
N ARG B 226 19.99 -7.01 -7.99
CA ARG B 226 20.83 -8.11 -7.54
C ARG B 226 21.92 -8.39 -8.55
N GLY B 227 22.40 -7.30 -9.17
CA GLY B 227 23.38 -7.37 -10.22
C GLY B 227 24.79 -6.91 -9.87
N VAL B 228 25.06 -6.50 -8.64
CA VAL B 228 26.45 -6.17 -8.26
C VAL B 228 27.25 -7.41 -7.97
N LEU B 229 28.23 -7.70 -8.82
CA LEU B 229 29.11 -8.85 -8.62
C LEU B 229 30.57 -8.43 -8.61
N ARG B 230 31.43 -9.19 -7.91
CA ARG B 230 32.86 -8.96 -7.97
C ARG B 230 33.76 -10.21 -7.85
N ARG B 231 34.99 -10.05 -8.32
CA ARG B 231 35.98 -11.14 -8.40
C ARG B 231 36.49 -11.60 -7.05
N VAL B 232 36.44 -12.90 -6.83
CA VAL B 232 36.81 -13.46 -5.53
C VAL B 232 38.25 -14.06 -5.53
N ALA B 233 38.91 -13.90 -4.38
CA ALA B 233 40.13 -14.62 -4.04
C ALA B 233 40.26 -15.98 -4.76
N ALA B 234 41.40 -16.17 -5.43
CA ALA B 234 41.81 -17.46 -6.03
C ALA B 234 42.62 -18.31 -5.01
N ASP C 3 30.15 -25.15 -13.71
CA ASP C 3 31.26 -24.37 -14.34
C ASP C 3 30.82 -23.70 -15.65
N TYR C 4 31.56 -22.66 -16.05
CA TYR C 4 31.14 -21.71 -17.11
C TYR C 4 31.87 -21.86 -18.47
N SER C 5 33.20 -21.97 -18.44
CA SER C 5 34.08 -21.85 -19.64
C SER C 5 33.80 -22.85 -20.78
N ARG C 6 32.96 -23.86 -20.49
CA ARG C 6 32.55 -24.85 -21.46
C ARG C 6 31.25 -24.40 -22.13
N GLN C 7 30.25 -24.13 -21.30
CA GLN C 7 28.86 -23.79 -21.73
C GLN C 7 28.69 -22.65 -22.74
N ASN C 8 27.71 -22.80 -23.62
CA ASN C 8 27.21 -21.69 -24.41
C ASN C 8 25.87 -21.21 -23.87
N PHE C 9 25.71 -19.89 -23.89
CA PHE C 9 24.60 -19.23 -23.24
C PHE C 9 23.67 -18.66 -24.29
N GLN C 10 22.42 -19.12 -24.30
CA GLN C 10 21.43 -18.53 -25.18
C GLN C 10 21.35 -17.08 -24.75
N ASP C 11 21.11 -16.18 -25.72
CA ASP C 11 20.80 -14.78 -25.42
C ASP C 11 19.51 -14.82 -24.65
N LEU C 12 19.59 -14.65 -23.33
CA LEU C 12 18.43 -14.80 -22.48
C LEU C 12 17.29 -13.82 -22.77
N ASN C 13 17.56 -12.76 -23.53
CA ASN C 13 16.53 -11.78 -23.92
C ASN C 13 15.46 -12.36 -24.88
N LEU C 14 15.74 -13.51 -25.48
CA LEU C 14 14.77 -14.17 -26.36
C LEU C 14 13.53 -14.54 -25.58
N PHE C 15 13.72 -14.81 -24.29
CA PHE C 15 12.65 -15.17 -23.37
C PHE C 15 11.90 -13.99 -22.76
N ARG C 16 12.21 -12.77 -23.18
CA ARG C 16 11.56 -11.60 -22.61
C ARG C 16 10.06 -11.70 -22.79
N GLY C 17 9.33 -11.75 -21.67
CA GLY C 17 7.88 -11.78 -21.68
C GLY C 17 7.21 -13.09 -22.06
N LEU C 18 7.99 -14.15 -22.20
CA LEU C 18 7.48 -15.44 -22.66
C LEU C 18 7.86 -16.59 -21.76
N GLY C 19 9.14 -16.78 -21.51
CA GLY C 19 9.59 -17.89 -20.71
C GLY C 19 10.27 -18.94 -21.56
N GLU C 20 10.85 -19.91 -20.88
CA GLU C 20 11.77 -20.88 -21.50
C GLU C 20 11.04 -21.83 -22.43
N ASP C 21 10.16 -22.64 -21.87
CA ASP C 21 9.41 -23.66 -22.60
C ASP C 21 8.02 -23.15 -23.01
N PRO C 22 7.72 -23.08 -24.32
CA PRO C 22 6.36 -22.76 -24.81
C PRO C 22 5.29 -23.82 -24.56
N ALA C 23 5.71 -25.06 -24.32
CA ALA C 23 4.80 -26.11 -23.86
C ALA C 23 4.40 -25.83 -22.43
N TYR C 24 3.12 -26.07 -22.12
CA TYR C 24 2.60 -25.93 -20.75
C TYR C 24 3.23 -26.96 -19.81
N HIS C 25 3.44 -26.53 -18.57
CA HIS C 25 3.75 -27.47 -17.51
C HIS C 25 3.06 -27.01 -16.25
N PRO C 26 2.47 -27.93 -15.51
CA PRO C 26 1.64 -27.53 -14.38
C PRO C 26 2.58 -27.13 -13.27
N PRO C 27 2.12 -26.30 -12.35
CA PRO C 27 2.95 -25.89 -11.21
C PRO C 27 3.36 -27.04 -10.27
N VAL C 28 4.56 -26.91 -9.72
CA VAL C 28 5.13 -27.87 -8.80
C VAL C 28 5.48 -27.17 -7.49
N LEU C 29 4.92 -27.63 -6.40
CA LEU C 29 5.17 -27.06 -5.08
C LEU C 29 6.55 -27.51 -4.58
N THR C 30 7.26 -26.59 -3.93
CA THR C 30 8.60 -26.90 -3.38
C THR C 30 8.53 -26.92 -1.85
N ASP C 31 8.23 -25.76 -1.29
CA ASP C 31 8.16 -25.54 0.15
C ASP C 31 6.87 -26.01 0.89
N ARG C 32 6.01 -26.82 0.27
CA ARG C 32 4.86 -27.45 0.97
C ARG C 32 4.37 -28.72 0.31
N PRO C 33 3.72 -29.59 1.10
CA PRO C 33 3.01 -30.74 0.52
C PRO C 33 1.79 -30.26 -0.22
N ARG C 34 1.27 -31.09 -1.13
CA ARG C 34 0.05 -30.73 -1.83
C ARG C 34 -1.16 -30.95 -0.92
N ASP C 35 -1.02 -31.83 0.06
CA ASP C 35 -2.09 -32.05 1.01
C ASP C 35 -1.66 -31.62 2.40
N TRP C 36 -2.19 -30.46 2.77
CA TRP C 36 -1.98 -29.87 4.07
C TRP C 36 -3.00 -30.46 5.03
N PRO C 37 -2.56 -30.94 6.18
CA PRO C 37 -3.46 -31.59 7.14
C PRO C 37 -4.42 -30.63 7.85
N LEU C 38 -5.67 -31.06 8.05
CA LEU C 38 -6.69 -30.16 8.57
C LEU C 38 -6.54 -29.84 10.03
N ASP C 39 -5.87 -30.71 10.76
CA ASP C 39 -5.69 -30.47 12.19
C ASP C 39 -4.66 -29.36 12.40
N ARG C 40 -4.07 -28.86 11.32
CA ARG C 40 -3.22 -27.66 11.36
C ARG C 40 -3.49 -26.76 10.14
N TRP C 41 -4.77 -26.56 9.82
CA TRP C 41 -5.19 -25.68 8.74
C TRP C 41 -4.67 -24.26 8.90
N ALA C 42 -4.77 -23.74 10.11
CA ALA C 42 -4.42 -22.33 10.37
C ALA C 42 -2.95 -22.03 10.19
N GLU C 43 -2.10 -23.05 10.16
CA GLU C 43 -0.67 -22.82 10.08
C GLU C 43 -0.13 -22.96 8.66
N ALA C 44 -1.03 -23.05 7.67
CA ALA C 44 -0.64 -23.24 6.28
C ALA C 44 -0.21 -21.92 5.70
N PRO C 45 0.63 -21.95 4.66
CA PRO C 45 1.03 -20.73 3.93
C PRO C 45 -0.07 -20.12 3.08
N ARG C 46 -0.12 -18.78 3.04
CA ARG C 46 -1.13 -18.02 2.28
C ARG C 46 -0.68 -17.61 0.86
N ASP C 47 0.63 -17.61 0.62
CA ASP C 47 1.17 -17.28 -0.68
C ASP C 47 0.96 -18.42 -1.70
N LEU C 48 1.16 -18.13 -2.98
CA LEU C 48 0.73 -19.03 -4.04
C LEU C 48 1.38 -20.41 -4.00
N GLY C 49 2.71 -20.42 -3.96
CA GLY C 49 3.52 -21.63 -3.97
C GLY C 49 4.34 -21.81 -5.24
N TYR C 50 4.16 -20.91 -6.19
CA TYR C 50 4.91 -20.95 -7.43
C TYR C 50 5.00 -19.56 -8.06
N SER C 51 5.70 -19.45 -9.19
CA SER C 51 5.92 -18.15 -9.85
C SER C 51 4.66 -17.74 -10.55
N ASP C 52 4.16 -16.58 -10.17
CA ASP C 52 2.98 -16.03 -10.79
C ASP C 52 3.32 -15.39 -12.13
N PHE C 53 4.45 -15.77 -12.75
CA PHE C 53 4.91 -15.11 -13.95
C PHE C 53 3.95 -15.28 -15.13
N SER C 54 3.66 -16.52 -15.46
CA SER C 54 2.67 -16.77 -16.50
C SER C 54 2.27 -18.22 -16.31
N PRO C 55 1.40 -18.41 -15.33
CA PRO C 55 1.02 -19.74 -14.85
C PRO C 55 -0.32 -20.18 -15.42
N TYR C 56 -0.84 -19.44 -16.41
CA TYR C 56 -2.17 -19.68 -16.94
C TYR C 56 -2.13 -20.55 -18.18
N GLN C 57 -3.26 -21.22 -18.41
CA GLN C 57 -3.35 -22.25 -19.43
C GLN C 57 -4.76 -22.35 -20.00
N TRP C 58 -4.92 -23.29 -20.94
CA TRP C 58 -6.18 -23.55 -21.61
C TRP C 58 -6.07 -24.91 -22.30
N ARG C 59 -6.56 -25.95 -21.63
CA ARG C 59 -6.59 -27.29 -22.18
C ARG C 59 -5.20 -27.74 -22.55
N GLY C 60 -4.24 -27.53 -21.65
CA GLY C 60 -2.87 -28.00 -21.81
C GLY C 60 -1.95 -27.10 -22.63
N LEU C 61 -2.48 -26.01 -23.17
CA LEU C 61 -1.69 -25.00 -23.89
C LEU C 61 -1.50 -23.82 -22.97
N ARG C 62 -0.32 -23.22 -22.99
CA ARG C 62 -0.10 -22.01 -22.23
C ARG C 62 -0.95 -20.82 -22.72
N MET C 63 -1.36 -19.97 -21.78
CA MET C 63 -2.10 -18.75 -22.06
C MET C 63 -1.34 -17.55 -21.50
N LEU C 64 -1.08 -16.55 -22.33
CA LEU C 64 -0.40 -15.33 -21.87
C LEU C 64 -1.40 -14.20 -21.59
N LYS C 65 -2.63 -14.37 -22.02
CA LYS C 65 -3.70 -13.48 -21.58
C LYS C 65 -4.09 -13.93 -20.18
N ASP C 66 -4.31 -13.00 -19.26
CA ASP C 66 -4.65 -13.37 -17.90
C ASP C 66 -6.17 -13.42 -17.75
N PRO C 67 -6.66 -14.10 -16.73
CA PRO C 67 -8.12 -14.32 -16.61
C PRO C 67 -8.93 -13.02 -16.75
N ASP C 68 -8.37 -11.91 -16.28
CA ASP C 68 -8.96 -10.59 -16.46
C ASP C 68 -9.15 -10.32 -17.93
N THR C 69 -8.05 -10.37 -18.66
CA THR C 69 -8.07 -10.15 -20.09
C THR C 69 -8.98 -11.12 -20.82
N GLN C 70 -9.05 -12.37 -20.37
CA GLN C 70 -9.97 -13.36 -20.93
C GLN C 70 -11.45 -13.04 -20.68
N ALA C 71 -11.73 -12.33 -19.60
CA ALA C 71 -13.08 -11.85 -19.34
C ALA C 71 -13.43 -10.72 -20.31
N VAL C 72 -12.48 -9.83 -20.58
CA VAL C 72 -12.75 -8.72 -21.49
C VAL C 72 -12.97 -9.25 -22.90
N TYR C 73 -12.20 -10.26 -23.29
CA TYR C 73 -12.28 -10.75 -24.64
C TYR C 73 -13.56 -11.54 -24.80
N HIS C 74 -14.04 -12.10 -23.71
CA HIS C 74 -15.31 -12.77 -23.80
C HIS C 74 -16.32 -11.71 -24.10
N ASP C 75 -16.62 -10.86 -23.13
CA ASP C 75 -17.66 -9.83 -23.31
C ASP C 75 -17.64 -9.24 -24.73
N MET C 76 -16.46 -8.84 -25.19
CA MET C 76 -16.27 -8.35 -26.57
C MET C 76 -16.85 -9.27 -27.66
N LEU C 77 -16.42 -10.53 -27.69
CA LEU C 77 -16.89 -11.50 -28.67
C LEU C 77 -18.41 -11.64 -28.67
N TRP C 78 -18.96 -11.84 -27.49
CA TRP C 78 -20.39 -12.02 -27.31
C TRP C 78 -21.20 -10.82 -27.81
N GLU C 79 -20.60 -9.62 -27.78
CA GLU C 79 -21.26 -8.42 -28.30
C GLU C 79 -21.12 -8.27 -29.81
N LEU C 80 -19.92 -8.52 -30.29
CA LEU C 80 -19.57 -8.26 -31.69
C LEU C 80 -19.98 -9.44 -32.55
N ARG C 81 -19.76 -10.64 -32.01
CA ARG C 81 -19.86 -11.87 -32.76
C ARG C 81 -18.99 -11.73 -33.99
N PRO C 82 -17.68 -11.74 -33.77
CA PRO C 82 -16.72 -11.56 -34.86
C PRO C 82 -16.66 -12.80 -35.70
N ARG C 83 -16.80 -12.66 -37.01
CA ARG C 83 -16.60 -13.77 -37.93
C ARG C 83 -15.12 -13.93 -38.28
N THR C 84 -14.26 -13.10 -37.70
CA THR C 84 -12.81 -13.21 -37.92
C THR C 84 -11.99 -12.57 -36.81
N ILE C 85 -11.13 -13.35 -36.17
CA ILE C 85 -10.19 -12.80 -35.22
C ILE C 85 -8.78 -13.03 -35.72
N VAL C 86 -7.92 -12.06 -35.50
CA VAL C 86 -6.58 -12.07 -36.06
C VAL C 86 -5.56 -11.76 -34.97
N GLU C 87 -4.88 -12.80 -34.46
CA GLU C 87 -3.79 -12.65 -33.48
C GLU C 87 -2.49 -12.39 -34.22
N LEU C 88 -1.81 -11.31 -33.89
CA LEU C 88 -0.62 -10.93 -34.63
C LEU C 88 0.50 -11.14 -33.66
N GLY C 89 1.09 -12.32 -33.72
CA GLY C 89 2.03 -12.80 -32.71
C GLY C 89 1.34 -14.01 -32.10
N VAL C 90 2.05 -15.14 -32.03
CA VAL C 90 1.43 -16.43 -31.72
C VAL C 90 2.16 -17.31 -30.68
N TYR C 91 3.49 -17.33 -30.75
CA TYR C 91 4.29 -18.05 -29.79
C TYR C 91 3.72 -19.46 -29.72
N ASN C 92 3.04 -19.82 -28.64
CA ASN C 92 2.61 -21.21 -28.44
C ASN C 92 1.23 -21.52 -29.03
N GLY C 93 0.63 -20.58 -29.76
CA GLY C 93 -0.68 -20.79 -30.34
C GLY C 93 -1.86 -20.89 -29.38
N GLY C 94 -1.63 -20.69 -28.08
CA GLY C 94 -2.65 -20.89 -27.06
C GLY C 94 -3.85 -19.96 -27.16
N SER C 95 -3.61 -18.69 -27.41
CA SER C 95 -4.68 -17.70 -27.51
C SER C 95 -5.50 -17.88 -28.79
N LEU C 96 -4.81 -18.34 -29.82
CA LEU C 96 -5.42 -18.74 -31.08
C LEU C 96 -6.51 -19.78 -30.88
N ALA C 97 -6.21 -20.77 -30.02
CA ALA C 97 -7.14 -21.86 -29.73
C ALA C 97 -8.29 -21.34 -28.89
N TRP C 98 -7.95 -20.60 -27.84
CA TRP C 98 -8.93 -20.10 -26.91
C TRP C 98 -10.00 -19.31 -27.66
N PHE C 99 -9.58 -18.47 -28.58
CA PHE C 99 -10.52 -17.71 -29.41
C PHE C 99 -11.43 -18.60 -30.26
N ARG C 100 -10.84 -19.62 -30.88
CA ARG C 100 -11.56 -20.57 -31.71
C ARG C 100 -12.54 -21.38 -30.88
N ASP C 101 -12.09 -21.86 -29.73
CA ASP C 101 -12.97 -22.58 -28.79
C ASP C 101 -14.16 -21.73 -28.34
N LEU C 102 -13.91 -20.47 -28.01
CA LEU C 102 -14.94 -19.60 -27.45
C LEU C 102 -15.99 -19.12 -28.47
N THR C 103 -15.56 -18.71 -29.67
CA THR C 103 -16.52 -18.36 -30.71
C THR C 103 -17.35 -19.58 -31.11
N LYS C 104 -16.74 -20.76 -31.03
CA LYS C 104 -17.43 -21.99 -31.38
C LYS C 104 -18.64 -22.22 -30.48
N ILE C 105 -18.46 -22.10 -29.18
CA ILE C 105 -19.54 -22.42 -28.24
C ILE C 105 -20.54 -21.28 -28.09
N MET C 106 -20.08 -20.06 -28.35
CA MET C 106 -20.98 -18.92 -28.53
C MET C 106 -21.92 -19.12 -29.72
N GLY C 107 -21.56 -20.02 -30.63
CA GLY C 107 -22.36 -20.33 -31.80
C GLY C 107 -21.97 -19.44 -32.96
N ILE C 108 -20.77 -18.88 -32.89
CA ILE C 108 -20.24 -18.00 -33.92
C ILE C 108 -19.34 -18.77 -34.89
N ASP C 109 -19.46 -18.42 -36.16
CA ASP C 109 -18.73 -19.09 -37.21
C ASP C 109 -17.52 -18.23 -37.47
N CYS C 110 -16.60 -18.23 -36.52
CA CYS C 110 -15.44 -17.35 -36.57
C CYS C 110 -14.19 -18.12 -36.92
N GLN C 111 -13.39 -17.51 -37.78
CA GLN C 111 -12.18 -18.11 -38.30
C GLN C 111 -11.01 -17.36 -37.69
N VAL C 112 -10.20 -18.02 -36.87
CA VAL C 112 -9.04 -17.38 -36.22
C VAL C 112 -7.80 -17.41 -37.09
N ILE C 113 -7.07 -16.30 -37.11
CA ILE C 113 -5.83 -16.23 -37.87
C ILE C 113 -4.66 -15.78 -36.98
N GLY C 114 -3.58 -16.56 -36.96
CA GLY C 114 -2.34 -16.17 -36.33
C GLY C 114 -1.28 -15.79 -37.35
N ILE C 115 -0.32 -14.97 -36.94
CA ILE C 115 0.82 -14.61 -37.80
C ILE C 115 2.10 -14.52 -36.94
N ASP C 116 3.23 -14.87 -37.52
CA ASP C 116 4.51 -14.83 -36.81
C ASP C 116 5.65 -14.80 -37.82
N ARG C 117 6.82 -14.32 -37.42
CA ARG C 117 8.03 -14.57 -38.20
C ARG C 117 8.44 -16.02 -37.94
N ASP C 118 8.10 -16.53 -36.75
CA ASP C 118 8.54 -17.84 -36.28
C ASP C 118 7.38 -18.65 -35.74
N LEU C 119 7.02 -19.70 -36.49
CA LEU C 119 5.93 -20.60 -36.15
C LEU C 119 6.36 -21.89 -35.43
N SER C 120 7.66 -22.21 -35.42
CA SER C 120 8.17 -23.47 -34.82
C SER C 120 7.78 -23.73 -33.34
N ARG C 121 7.53 -22.66 -32.60
CA ARG C 121 7.19 -22.78 -31.19
C ARG C 121 5.77 -23.28 -30.93
N CYS C 122 4.86 -23.04 -31.89
CA CYS C 122 3.44 -23.38 -31.76
C CYS C 122 3.14 -24.80 -31.24
N GLN C 123 2.12 -24.92 -30.41
CA GLN C 123 1.89 -26.14 -29.62
C GLN C 123 0.55 -26.84 -29.84
N ILE C 124 -0.33 -26.27 -30.67
CA ILE C 124 -1.68 -26.81 -30.80
C ILE C 124 -1.66 -28.11 -31.60
N PRO C 125 -2.17 -29.20 -31.02
CA PRO C 125 -2.22 -30.47 -31.74
C PRO C 125 -3.03 -30.31 -33.02
N ALA C 126 -2.65 -31.02 -34.07
CA ALA C 126 -3.34 -30.90 -35.36
C ALA C 126 -4.73 -31.52 -35.29
N SER C 127 -4.90 -32.51 -34.43
CA SER C 127 -6.25 -32.99 -34.16
C SER C 127 -7.14 -31.82 -33.72
N ASP C 128 -6.59 -30.85 -33.00
CA ASP C 128 -7.38 -29.70 -32.52
C ASP C 128 -7.05 -28.37 -33.20
N MET C 129 -7.09 -28.36 -34.54
CA MET C 129 -6.70 -27.19 -35.32
C MET C 129 -7.84 -26.56 -36.12
N GLU C 130 -9.07 -27.07 -36.00
CA GLU C 130 -10.18 -26.56 -36.82
C GLU C 130 -10.27 -25.00 -36.81
N ASN C 131 -10.57 -24.43 -37.97
CA ASN C 131 -10.70 -22.98 -38.18
C ASN C 131 -9.55 -22.07 -37.71
N ILE C 132 -8.34 -22.62 -37.57
CA ILE C 132 -7.15 -21.83 -37.25
C ILE C 132 -6.21 -21.83 -38.44
N THR C 133 -5.84 -20.64 -38.90
CA THR C 133 -5.01 -20.50 -40.09
C THR C 133 -3.73 -19.82 -39.70
N LEU C 134 -2.58 -20.38 -40.02
CA LEU C 134 -1.33 -19.70 -39.69
C LEU C 134 -0.62 -19.11 -40.92
N HIS C 135 0.15 -18.04 -40.71
CA HIS C 135 1.01 -17.47 -41.76
C HIS C 135 2.39 -17.13 -41.24
N GLN C 136 3.42 -17.28 -42.07
CA GLN C 136 4.74 -16.81 -41.68
C GLN C 136 5.10 -15.57 -42.46
N GLY C 137 5.83 -14.67 -41.80
CA GLY C 137 6.08 -13.34 -42.30
C GLY C 137 6.53 -12.43 -41.19
N ASP C 138 7.44 -11.52 -41.53
CA ASP C 138 7.89 -10.48 -40.62
C ASP C 138 6.85 -9.37 -40.68
N CYS C 139 6.68 -8.60 -39.61
CA CYS C 139 5.84 -7.39 -39.64
C CYS C 139 6.52 -6.29 -40.47
N SER C 140 7.82 -6.12 -40.23
CA SER C 140 8.69 -5.34 -41.12
C SER C 140 8.12 -5.13 -42.52
N ASP C 141 7.77 -6.24 -43.17
CA ASP C 141 7.42 -6.29 -44.58
C ASP C 141 5.90 -6.16 -44.69
N LEU C 142 5.43 -5.10 -45.34
CA LEU C 142 4.00 -4.92 -45.63
C LEU C 142 3.41 -6.00 -46.54
N THR C 143 4.26 -6.77 -47.20
CA THR C 143 3.84 -7.93 -48.00
C THR C 143 3.18 -9.02 -47.17
N THR C 144 3.64 -9.17 -45.91
CA THR C 144 3.06 -10.12 -44.95
C THR C 144 1.55 -10.05 -44.94
N PHE C 145 1.03 -8.82 -45.08
CA PHE C 145 -0.39 -8.51 -44.95
C PHE C 145 -1.15 -8.45 -46.27
N GLU C 146 -0.50 -7.96 -47.32
CA GLU C 146 -1.15 -7.86 -48.64
C GLU C 146 -1.42 -9.26 -49.21
N HIS C 147 -0.56 -10.21 -48.84
CA HIS C 147 -0.78 -11.64 -49.13
C HIS C 147 -1.94 -12.21 -48.33
N LEU C 148 -2.39 -11.50 -47.31
CA LEU C 148 -3.60 -11.87 -46.58
C LEU C 148 -4.81 -11.71 -47.52
N ARG C 149 -5.64 -12.75 -47.55
CA ARG C 149 -6.80 -12.80 -48.44
C ARG C 149 -7.99 -12.11 -47.76
N GLU C 150 -9.05 -11.85 -48.53
CA GLU C 150 -10.23 -11.18 -47.97
C GLU C 150 -10.86 -12.05 -46.89
N MET C 151 -11.35 -11.42 -45.83
CA MET C 151 -11.99 -12.16 -44.75
C MET C 151 -13.20 -11.43 -44.21
N ALA C 152 -14.03 -12.16 -43.49
CA ALA C 152 -15.36 -11.71 -43.12
C ALA C 152 -15.35 -10.86 -41.87
N HIS C 153 -16.31 -9.94 -41.83
CA HIS C 153 -16.54 -9.08 -40.68
C HIS C 153 -17.79 -9.58 -39.95
N PRO C 154 -18.02 -9.13 -38.71
CA PRO C 154 -17.12 -8.24 -37.98
C PRO C 154 -15.75 -8.84 -37.73
N LEU C 155 -14.77 -7.99 -37.43
CA LEU C 155 -13.37 -8.35 -37.42
C LEU C 155 -12.65 -7.65 -36.26
N ILE C 156 -12.00 -8.43 -35.40
CA ILE C 156 -11.10 -7.91 -34.38
C ILE C 156 -9.67 -8.15 -34.81
N PHE C 157 -8.85 -7.11 -34.86
CA PHE C 157 -7.43 -7.26 -35.20
C PHE C 157 -6.54 -6.92 -33.97
N ILE C 158 -5.95 -7.95 -33.37
CA ILE C 158 -5.08 -7.80 -32.20
C ILE C 158 -3.58 -7.78 -32.56
N ASP C 159 -2.87 -6.73 -32.16
CA ASP C 159 -1.41 -6.68 -32.20
C ASP C 159 -0.85 -7.20 -30.89
N ASN C 160 -0.25 -8.37 -30.96
CA ASN C 160 0.31 -9.01 -29.79
C ASN C 160 1.83 -9.16 -29.87
N ALA C 161 2.42 -8.67 -30.95
CA ALA C 161 3.86 -8.83 -31.23
C ALA C 161 4.61 -7.49 -31.18
N HIS C 162 3.94 -6.43 -31.61
CA HIS C 162 4.41 -5.05 -31.44
C HIS C 162 5.66 -4.71 -32.21
N ALA C 163 5.72 -5.07 -33.48
CA ALA C 163 6.64 -4.43 -34.42
C ALA C 163 5.88 -3.63 -35.50
N ASN C 164 6.45 -2.53 -35.97
CA ASN C 164 5.88 -1.77 -37.10
C ASN C 164 4.40 -1.41 -36.89
N THR C 165 4.02 -1.34 -35.61
CA THR C 165 2.64 -1.47 -35.14
C THR C 165 1.75 -0.39 -35.62
N PHE C 166 2.26 0.83 -35.75
CA PHE C 166 1.47 1.95 -36.30
C PHE C 166 1.35 1.87 -37.82
N ASN C 167 2.44 1.62 -38.53
CA ASN C 167 2.40 1.42 -39.98
C ASN C 167 1.39 0.36 -40.38
N ILE C 168 1.24 -0.64 -39.52
CA ILE C 168 0.36 -1.76 -39.78
C ILE C 168 -1.06 -1.28 -39.64
N MET C 169 -1.28 -0.47 -38.61
CA MET C 169 -2.57 0.18 -38.31
C MET C 169 -3.06 1.00 -39.50
N LYS C 170 -2.13 1.69 -40.15
CA LYS C 170 -2.44 2.51 -41.32
C LYS C 170 -3.01 1.66 -42.46
N TRP C 171 -2.31 0.57 -42.76
CA TRP C 171 -2.75 -0.34 -43.81
C TRP C 171 -4.02 -1.09 -43.39
N ALA C 172 -4.20 -1.25 -42.09
CA ALA C 172 -5.36 -1.96 -41.58
C ALA C 172 -6.60 -1.12 -41.82
N VAL C 173 -6.46 0.18 -41.70
CA VAL C 173 -7.59 1.11 -41.78
C VAL C 173 -7.95 1.31 -43.23
N ASP C 174 -6.91 1.42 -44.07
CA ASP C 174 -7.07 1.63 -45.52
C ASP C 174 -7.65 0.41 -46.22
N HIS C 175 -7.08 -0.76 -45.94
CA HIS C 175 -7.27 -1.95 -46.76
C HIS C 175 -8.08 -3.11 -46.12
N LEU C 176 -8.30 -3.09 -44.80
CA LEU C 176 -8.90 -4.25 -44.11
C LEU C 176 -10.09 -3.95 -43.21
N LEU C 177 -9.99 -2.90 -42.42
CA LEU C 177 -10.97 -2.64 -41.37
C LEU C 177 -12.26 -2.06 -41.92
N GLU C 178 -13.33 -2.17 -41.13
CA GLU C 178 -14.65 -1.64 -41.47
C GLU C 178 -15.39 -1.16 -40.23
N GLU C 179 -16.35 -0.25 -40.41
CA GLU C 179 -17.17 0.28 -39.32
C GLU C 179 -17.52 -0.79 -38.26
N GLY C 180 -17.15 -0.55 -37.01
CA GLY C 180 -17.44 -1.46 -35.92
C GLY C 180 -16.36 -2.49 -35.58
N ASP C 181 -15.37 -2.64 -36.47
CA ASP C 181 -14.29 -3.60 -36.29
C ASP C 181 -13.25 -3.05 -35.33
N TYR C 182 -12.59 -3.93 -34.58
CA TYR C 182 -11.57 -3.52 -33.62
C TYR C 182 -10.15 -3.53 -34.20
N PHE C 183 -9.22 -2.98 -33.42
CA PHE C 183 -7.77 -3.09 -33.63
C PHE C 183 -7.10 -2.82 -32.28
N ILE C 184 -6.74 -3.88 -31.56
CA ILE C 184 -6.29 -3.77 -30.18
C ILE C 184 -4.80 -4.03 -30.07
N ILE C 185 -4.04 -3.07 -29.55
CA ILE C 185 -2.63 -3.27 -29.21
C ILE C 185 -2.55 -3.64 -27.76
N GLU C 186 -2.44 -4.93 -27.47
CA GLU C 186 -2.29 -5.43 -26.10
C GLU C 186 -0.97 -4.94 -25.54
N ASP C 187 -0.95 -4.57 -24.26
CA ASP C 187 0.28 -4.44 -23.46
C ASP C 187 1.14 -3.18 -23.58
N MET C 188 1.56 -2.90 -24.80
CA MET C 188 2.60 -1.91 -25.05
C MET C 188 2.20 -0.45 -25.01
N ILE C 189 0.94 -0.09 -25.15
CA ILE C 189 0.66 1.36 -25.38
C ILE C 189 1.07 2.28 -24.21
N PRO C 190 0.77 1.86 -22.97
CA PRO C 190 1.23 2.60 -21.79
C PRO C 190 2.76 2.73 -21.65
N TYR C 191 3.49 1.76 -22.18
CA TYR C 191 4.94 1.86 -22.19
C TYR C 191 5.39 2.88 -23.21
N TRP C 192 4.73 2.90 -24.36
CA TRP C 192 5.06 3.89 -25.38
C TRP C 192 4.77 5.32 -24.91
N TYR C 193 3.80 5.48 -24.02
CA TYR C 193 3.46 6.81 -23.50
C TYR C 193 4.56 7.34 -22.56
N ARG C 194 5.09 6.48 -21.69
CA ARG C 194 6.21 6.88 -20.82
C ARG C 194 7.50 7.10 -21.61
N TYR C 195 7.81 6.16 -22.49
CA TYR C 195 9.05 6.20 -23.24
C TYR C 195 9.04 7.30 -24.31
N ALA C 196 7.88 7.67 -24.84
CA ALA C 196 7.82 8.60 -25.97
C ALA C 196 6.49 9.35 -26.05
N PRO C 197 6.22 10.25 -25.14
CA PRO C 197 4.90 10.88 -25.08
C PRO C 197 4.60 11.76 -26.29
N GLN C 198 5.57 12.58 -26.69
CA GLN C 198 5.33 13.57 -27.75
C GLN C 198 4.94 12.89 -29.08
N LEU C 199 5.64 11.81 -29.42
CA LEU C 199 5.42 11.09 -30.66
C LEU C 199 4.21 10.22 -30.54
N PHE C 200 4.21 9.37 -29.51
CA PHE C 200 3.06 8.50 -29.21
C PHE C 200 1.68 9.21 -29.36
N SER C 201 1.64 10.50 -29.04
CA SER C 201 0.38 11.24 -29.10
C SER C 201 0.12 11.70 -30.52
N GLU C 202 1.16 12.19 -31.18
CA GLU C 202 1.10 12.66 -32.57
C GLU C 202 0.76 11.53 -33.56
N TYR C 203 1.15 10.31 -33.20
CA TYR C 203 0.97 9.13 -34.04
C TYR C 203 -0.43 8.56 -33.83
N LEU C 204 -0.88 8.54 -32.58
CA LEU C 204 -2.17 7.93 -32.24
C LEU C 204 -3.25 8.85 -32.70
N GLY C 205 -3.12 10.11 -32.30
CA GLY C 205 -4.01 11.18 -32.73
C GLY C 205 -4.07 11.40 -34.22
N ALA C 206 -3.09 10.93 -34.96
CA ALA C 206 -3.15 10.99 -36.42
C ALA C 206 -4.30 10.16 -37.01
N PHE C 207 -4.90 9.30 -36.17
CA PHE C 207 -5.98 8.40 -36.57
C PHE C 207 -7.30 8.86 -36.00
N ARG C 208 -7.31 10.03 -35.34
CA ARG C 208 -8.49 10.48 -34.65
C ARG C 208 -9.68 10.35 -35.57
N ASP C 209 -9.52 10.73 -36.84
CA ASP C 209 -10.62 10.74 -37.81
C ASP C 209 -11.25 9.35 -38.03
N VAL C 210 -10.43 8.30 -38.04
CA VAL C 210 -10.93 6.95 -38.27
C VAL C 210 -11.16 6.09 -37.00
N LEU C 211 -10.21 6.06 -36.07
CA LEU C 211 -10.27 5.12 -34.90
C LEU C 211 -10.57 5.81 -33.56
N SER C 212 -11.22 5.07 -32.66
CA SER C 212 -11.59 5.59 -31.34
C SER C 212 -11.29 4.60 -30.19
N MET C 213 -11.23 5.09 -28.96
CA MET C 213 -10.95 4.21 -27.83
C MET C 213 -12.26 3.72 -27.19
N ASP C 214 -12.50 2.42 -27.31
CA ASP C 214 -13.69 1.80 -26.77
C ASP C 214 -13.60 1.69 -25.26
N MET C 215 -14.23 2.64 -24.58
CA MET C 215 -14.08 2.82 -23.13
C MET C 215 -14.77 1.75 -22.28
N LEU C 216 -15.61 0.93 -22.91
CA LEU C 216 -16.30 -0.15 -22.22
C LEU C 216 -15.36 -1.31 -21.84
N TYR C 217 -14.45 -1.63 -22.75
CA TYR C 217 -13.46 -2.68 -22.55
C TYR C 217 -12.05 -2.12 -22.23
N ALA C 218 -11.73 -0.94 -22.77
CA ALA C 218 -10.36 -0.41 -22.74
C ALA C 218 -9.83 -0.04 -21.35
N ASN C 219 -10.61 -0.24 -20.29
CA ASN C 219 -10.08 -0.03 -18.94
C ASN C 219 -10.31 -1.20 -17.98
N ALA C 220 -10.63 -2.39 -18.51
CA ALA C 220 -11.07 -3.53 -17.68
C ALA C 220 -10.08 -4.68 -17.66
N SER C 221 -8.79 -4.34 -17.77
CA SER C 221 -7.75 -5.35 -17.83
C SER C 221 -6.41 -4.68 -17.95
N SER C 222 -5.47 -5.03 -17.06
CA SER C 222 -4.13 -4.42 -17.06
C SER C 222 -3.41 -4.64 -18.40
N GLN C 223 -3.65 -5.77 -19.05
CA GLN C 223 -3.07 -6.01 -20.37
C GLN C 223 -3.71 -5.16 -21.45
N LEU C 224 -5.03 -5.21 -21.57
CA LEU C 224 -5.72 -4.40 -22.57
C LEU C 224 -5.71 -2.90 -22.28
N ASP C 225 -5.22 -2.52 -21.10
CA ASP C 225 -5.27 -1.14 -20.62
C ASP C 225 -4.94 -0.09 -21.70
N ARG C 226 -5.99 0.60 -22.16
CA ARG C 226 -5.86 1.76 -23.05
C ARG C 226 -5.26 1.44 -24.42
N GLY C 227 -5.42 0.19 -24.85
CA GLY C 227 -4.99 -0.24 -26.16
C GLY C 227 -6.15 -0.50 -27.08
N VAL C 228 -7.37 -0.62 -26.56
CA VAL C 228 -8.52 -1.09 -27.36
C VAL C 228 -9.10 -0.04 -28.31
N LEU C 229 -8.76 -0.15 -29.58
CA LEU C 229 -9.30 0.77 -30.58
C LEU C 229 -10.41 0.11 -31.37
N ARG C 230 -11.18 0.93 -32.10
CA ARG C 230 -12.24 0.42 -32.98
C ARG C 230 -12.66 1.40 -34.07
N ARG C 231 -13.10 0.84 -35.18
CA ARG C 231 -13.40 1.58 -36.39
C ARG C 231 -14.76 2.28 -36.27
N VAL C 232 -14.85 3.46 -36.86
CA VAL C 232 -16.00 4.34 -36.70
C VAL C 232 -15.93 5.43 -37.80
N ALA C 233 -17.01 5.60 -38.57
CA ALA C 233 -17.06 6.62 -39.63
C ALA C 233 -17.39 7.97 -39.06
N ASN D 2 -9.65 -38.99 13.32
CA ASN D 2 -10.79 -39.91 13.59
C ASN D 2 -11.89 -39.28 14.45
N ASP D 3 -11.62 -38.08 14.96
CA ASP D 3 -12.59 -37.32 15.76
C ASP D 3 -13.89 -36.92 15.01
N TYR D 4 -13.93 -37.08 13.68
CA TYR D 4 -15.09 -36.68 12.87
C TYR D 4 -16.43 -37.20 13.38
N SER D 5 -16.57 -38.52 13.49
CA SER D 5 -17.87 -39.15 13.79
C SER D 5 -18.17 -39.35 15.30
N ARG D 6 -17.25 -38.91 16.16
CA ARG D 6 -17.50 -38.83 17.62
C ARG D 6 -17.81 -37.39 18.07
N GLN D 7 -18.49 -36.64 17.19
CA GLN D 7 -18.85 -35.24 17.43
C GLN D 7 -20.15 -34.87 16.70
N ASN D 8 -20.99 -34.07 17.37
CA ASN D 8 -22.10 -33.41 16.72
C ASN D 8 -21.65 -32.00 16.45
N PHE D 9 -21.90 -31.52 15.24
CA PHE D 9 -21.50 -30.17 14.84
C PHE D 9 -22.66 -29.20 14.89
N GLN D 10 -22.30 -27.92 14.96
CA GLN D 10 -23.24 -26.84 15.20
C GLN D 10 -23.45 -26.03 13.92
N ASP D 11 -24.21 -24.95 14.05
CA ASP D 11 -24.25 -23.93 13.02
C ASP D 11 -23.36 -22.80 13.49
N LEU D 12 -22.46 -22.36 12.62
CA LEU D 12 -21.44 -21.34 12.93
C LEU D 12 -21.71 -20.04 12.17
N ASN D 13 -22.69 -20.07 11.27
CA ASN D 13 -23.22 -18.85 10.66
C ASN D 13 -23.78 -17.91 11.72
N LEU D 14 -24.20 -18.49 12.85
CA LEU D 14 -24.76 -17.75 14.00
C LEU D 14 -23.84 -16.66 14.53
N PHE D 15 -22.56 -17.01 14.64
CA PHE D 15 -21.53 -16.15 15.22
C PHE D 15 -21.04 -15.04 14.28
N ARG D 16 -21.54 -14.98 13.04
CA ARG D 16 -21.15 -13.95 12.07
C ARG D 16 -21.31 -12.55 12.64
N GLY D 17 -20.19 -11.84 12.81
CA GLY D 17 -20.18 -10.49 13.35
C GLY D 17 -20.07 -10.39 14.87
N LEU D 18 -20.17 -11.53 15.55
CA LEU D 18 -20.31 -11.58 17.02
C LEU D 18 -19.17 -12.31 17.72
N GLY D 19 -18.97 -13.59 17.42
CA GLY D 19 -17.95 -14.40 18.06
C GLY D 19 -18.57 -15.37 19.03
N GLU D 20 -17.97 -16.52 19.23
CA GLU D 20 -18.67 -17.63 19.91
C GLU D 20 -19.15 -17.38 21.35
N ASP D 21 -18.49 -16.50 22.11
CA ASP D 21 -18.84 -16.29 23.52
C ASP D 21 -19.10 -14.81 23.84
N PRO D 22 -20.28 -14.47 24.33
CA PRO D 22 -20.64 -13.08 24.63
C PRO D 22 -19.97 -12.51 25.89
N ALA D 23 -19.55 -13.39 26.80
CA ALA D 23 -18.80 -12.98 28.00
C ALA D 23 -17.35 -12.69 27.65
N TYR D 24 -16.81 -11.61 28.23
CA TYR D 24 -15.45 -11.19 27.91
C TYR D 24 -14.39 -12.16 28.40
N HIS D 25 -13.55 -12.60 27.48
CA HIS D 25 -12.33 -13.25 27.87
C HIS D 25 -11.15 -12.48 27.31
N PRO D 26 -10.13 -12.22 28.13
CA PRO D 26 -8.99 -11.42 27.70
C PRO D 26 -8.13 -12.20 26.72
N PRO D 27 -7.23 -11.50 26.04
CA PRO D 27 -6.26 -12.16 25.17
C PRO D 27 -5.25 -12.94 25.97
N VAL D 28 -4.72 -14.00 25.37
CA VAL D 28 -3.61 -14.77 25.94
C VAL D 28 -2.54 -14.91 24.87
N LEU D 29 -1.30 -15.10 25.31
CA LEU D 29 -0.16 -15.15 24.41
C LEU D 29 0.25 -16.59 24.11
N THR D 30 0.73 -16.80 22.89
CA THR D 30 1.11 -18.10 22.38
C THR D 30 2.61 -18.13 22.08
N ASP D 31 3.00 -17.48 20.99
CA ASP D 31 4.37 -17.61 20.46
C ASP D 31 5.46 -16.79 21.18
N ARG D 32 5.06 -15.85 22.05
CA ARG D 32 6.02 -15.14 22.92
C ARG D 32 5.70 -15.36 24.40
N PRO D 33 6.60 -14.94 25.26
CA PRO D 33 6.26 -14.73 26.66
C PRO D 33 5.68 -13.33 26.80
N ARG D 34 4.99 -13.04 27.90
CA ARG D 34 4.57 -11.66 28.18
C ARG D 34 5.75 -10.82 28.62
N ASP D 35 6.75 -11.44 29.25
CA ASP D 35 7.83 -10.68 29.84
C ASP D 35 9.11 -10.73 29.03
N TRP D 36 9.15 -9.94 27.95
CA TRP D 36 10.30 -9.92 27.04
C TRP D 36 11.54 -9.33 27.72
N PRO D 37 12.69 -10.00 27.62
CA PRO D 37 13.89 -9.51 28.29
C PRO D 37 14.45 -8.29 27.57
N LEU D 38 14.87 -7.28 28.33
CA LEU D 38 15.37 -6.03 27.74
C LEU D 38 16.76 -6.14 27.11
N ASP D 39 17.48 -7.22 27.41
CA ASP D 39 18.77 -7.44 26.74
C ASP D 39 18.55 -7.72 25.25
N ARG D 40 17.42 -8.30 24.90
CA ARG D 40 17.05 -8.53 23.50
C ARG D 40 15.86 -7.67 23.06
N TRP D 41 15.82 -6.39 23.44
CA TRP D 41 14.71 -5.52 23.04
C TRP D 41 14.41 -5.51 21.53
N ALA D 42 15.47 -5.47 20.73
CA ALA D 42 15.36 -5.38 19.26
C ALA D 42 14.80 -6.67 18.64
N GLU D 43 15.00 -7.79 19.32
CA GLU D 43 14.53 -9.08 18.80
C GLU D 43 13.01 -9.24 18.92
N ALA D 44 12.39 -8.38 19.73
CA ALA D 44 10.97 -8.45 20.02
C ALA D 44 10.13 -8.53 18.75
N PRO D 45 9.24 -9.52 18.65
CA PRO D 45 8.20 -9.54 17.62
C PRO D 45 7.40 -8.24 17.66
N ARG D 46 7.06 -7.70 16.49
CA ARG D 46 6.36 -6.40 16.42
C ARG D 46 4.89 -6.49 16.02
N ASP D 47 4.40 -7.71 15.77
CA ASP D 47 2.98 -7.94 15.50
C ASP D 47 2.22 -8.00 16.83
N LEU D 48 0.90 -8.17 16.77
CA LEU D 48 0.05 -8.09 17.96
C LEU D 48 0.26 -9.25 18.95
N GLY D 49 -0.09 -10.47 18.53
CA GLY D 49 -0.02 -11.66 19.38
C GLY D 49 -1.36 -12.34 19.63
N TYR D 50 -2.44 -11.82 19.05
CA TYR D 50 -3.75 -12.44 19.18
C TYR D 50 -4.76 -11.93 18.15
N SER D 51 -5.86 -12.65 18.03
CA SER D 51 -6.98 -12.29 17.16
C SER D 51 -7.38 -10.84 17.32
N ASP D 52 -7.03 -10.02 16.34
CA ASP D 52 -7.40 -8.60 16.35
C ASP D 52 -8.88 -8.44 15.93
N PHE D 53 -9.64 -9.54 16.00
CA PHE D 53 -11.02 -9.53 15.52
C PHE D 53 -11.90 -8.60 16.36
N SER D 54 -12.08 -8.92 17.63
CA SER D 54 -12.95 -8.14 18.48
C SER D 54 -12.42 -8.18 19.89
N PRO D 55 -11.24 -7.58 20.07
CA PRO D 55 -10.49 -7.70 21.32
C PRO D 55 -11.03 -6.75 22.37
N TYR D 56 -11.76 -5.74 21.92
CA TYR D 56 -12.11 -4.60 22.76
C TYR D 56 -13.07 -4.94 23.89
N GLN D 57 -13.08 -4.05 24.88
CA GLN D 57 -13.89 -4.26 26.08
C GLN D 57 -14.13 -2.97 26.83
N TRP D 58 -14.97 -3.07 27.86
CA TRP D 58 -15.29 -1.95 28.71
C TRP D 58 -15.81 -2.51 30.03
N ARG D 59 -15.04 -2.31 31.10
CA ARG D 59 -15.43 -2.75 32.44
C ARG D 59 -15.74 -4.24 32.53
N GLY D 60 -15.03 -5.05 31.76
CA GLY D 60 -15.12 -6.49 31.86
C GLY D 60 -16.21 -7.09 31.00
N LEU D 61 -16.89 -6.30 30.17
CA LEU D 61 -17.84 -6.83 29.18
C LEU D 61 -17.30 -6.61 27.77
N ARG D 62 -17.57 -7.55 26.89
CA ARG D 62 -17.14 -7.42 25.52
C ARG D 62 -17.68 -6.14 24.90
N MET D 63 -16.93 -5.59 23.94
CA MET D 63 -17.37 -4.42 23.18
C MET D 63 -17.17 -4.60 21.69
N LEU D 64 -18.24 -4.37 20.95
CA LEU D 64 -18.25 -4.54 19.49
C LEU D 64 -17.94 -3.23 18.75
N LYS D 65 -18.28 -2.09 19.35
CA LYS D 65 -17.89 -0.81 18.78
C LYS D 65 -16.42 -0.61 19.07
N ASP D 66 -15.65 -0.34 18.02
CA ASP D 66 -14.20 -0.26 18.10
C ASP D 66 -13.82 1.10 18.70
N PRO D 67 -12.54 1.34 18.96
CA PRO D 67 -12.14 2.59 19.62
C PRO D 67 -12.46 3.86 18.84
N ASP D 68 -12.46 3.82 17.51
CA ASP D 68 -12.75 4.99 16.68
C ASP D 68 -14.20 5.37 16.79
N THR D 69 -15.04 4.34 16.61
CA THR D 69 -16.49 4.44 16.78
C THR D 69 -16.86 4.99 18.14
N GLN D 70 -16.23 4.44 19.17
CA GLN D 70 -16.33 4.93 20.55
C GLN D 70 -16.08 6.43 20.57
N ALA D 71 -14.96 6.82 19.99
CA ALA D 71 -14.55 8.21 19.94
C ALA D 71 -15.66 9.09 19.40
N VAL D 72 -16.24 8.65 18.29
CA VAL D 72 -17.26 9.42 17.58
C VAL D 72 -18.47 9.59 18.46
N TYR D 73 -18.91 8.52 19.14
CA TYR D 73 -20.06 8.60 20.03
C TYR D 73 -19.75 9.48 21.26
N HIS D 74 -18.48 9.66 21.57
CA HIS D 74 -18.15 10.61 22.61
C HIS D 74 -18.42 12.02 22.18
N ASP D 75 -17.70 12.45 21.13
CA ASP D 75 -17.90 13.74 20.52
C ASP D 75 -19.39 13.99 20.32
N MET D 76 -20.10 12.96 19.85
CA MET D 76 -21.52 13.10 19.54
C MET D 76 -22.30 13.44 20.80
N LEU D 77 -22.15 12.61 21.83
CA LEU D 77 -22.88 12.76 23.09
C LEU D 77 -22.61 14.11 23.77
N TRP D 78 -21.34 14.53 23.73
CA TRP D 78 -20.88 15.79 24.30
C TRP D 78 -21.52 17.00 23.64
N GLU D 79 -21.66 16.94 22.32
CA GLU D 79 -22.24 18.03 21.53
C GLU D 79 -23.74 18.09 21.70
N LEU D 80 -24.38 16.93 21.70
CA LEU D 80 -25.84 16.78 21.63
C LEU D 80 -26.50 16.71 22.99
N ARG D 81 -25.88 15.99 23.90
CA ARG D 81 -26.43 15.78 25.24
C ARG D 81 -27.81 15.19 25.11
N PRO D 82 -27.88 13.95 24.60
CA PRO D 82 -29.14 13.23 24.42
C PRO D 82 -29.76 12.79 25.74
N ARG D 83 -31.06 12.98 25.89
CA ARG D 83 -31.73 12.46 27.06
C ARG D 83 -32.24 11.05 26.86
N THR D 84 -32.06 10.51 25.66
CA THR D 84 -32.38 9.11 25.36
C THR D 84 -31.48 8.58 24.23
N ILE D 85 -30.91 7.39 24.41
CA ILE D 85 -30.26 6.65 23.33
C ILE D 85 -30.86 5.27 23.29
N VAL D 86 -30.94 4.70 22.09
CA VAL D 86 -31.60 3.40 21.91
C VAL D 86 -30.73 2.52 21.04
N GLU D 87 -30.75 1.24 21.37
CA GLU D 87 -29.91 0.27 20.69
C GLU D 87 -30.81 -0.88 20.26
N LEU D 88 -31.42 -0.73 19.08
CA LEU D 88 -31.95 -1.87 18.36
C LEU D 88 -30.76 -2.81 18.23
N GLY D 89 -30.91 -4.04 18.70
CA GLY D 89 -29.83 -5.01 18.74
C GLY D 89 -28.95 -4.87 19.97
N VAL D 90 -28.68 -5.98 20.66
CA VAL D 90 -28.08 -5.92 22.00
C VAL D 90 -26.87 -6.83 22.22
N TYR D 91 -27.03 -8.12 21.96
CA TYR D 91 -25.99 -9.14 22.21
C TYR D 91 -25.62 -9.22 23.71
N ASN D 92 -24.39 -8.86 24.06
CA ASN D 92 -23.90 -8.96 25.43
C ASN D 92 -24.24 -7.75 26.28
N GLY D 93 -24.78 -6.70 25.66
CA GLY D 93 -25.20 -5.52 26.39
C GLY D 93 -24.05 -4.69 26.93
N GLY D 94 -22.85 -4.92 26.39
CA GLY D 94 -21.65 -4.20 26.80
C GLY D 94 -21.66 -2.75 26.36
N SER D 95 -22.19 -2.49 25.17
CA SER D 95 -22.28 -1.13 24.64
C SER D 95 -23.39 -0.34 25.32
N LEU D 96 -24.33 -1.03 25.94
CA LEU D 96 -25.37 -0.36 26.74
C LEU D 96 -24.73 0.21 28.01
N ALA D 97 -23.93 -0.61 28.68
CA ALA D 97 -23.24 -0.20 29.90
C ALA D 97 -22.38 1.02 29.60
N TRP D 98 -21.77 1.01 28.43
CA TRP D 98 -20.87 2.08 27.98
C TRP D 98 -21.65 3.36 27.83
N PHE D 99 -22.69 3.30 27.04
CA PHE D 99 -23.48 4.48 26.76
C PHE D 99 -23.97 5.08 28.05
N ARG D 100 -24.30 4.20 29.01
CA ARG D 100 -24.80 4.65 30.30
C ARG D 100 -23.71 5.33 31.13
N ASP D 101 -22.52 4.75 31.17
CA ASP D 101 -21.42 5.25 31.99
C ASP D 101 -20.90 6.58 31.48
N LEU D 102 -20.93 6.76 30.17
CA LEU D 102 -20.37 7.97 29.55
C LEU D 102 -21.27 9.16 29.80
N THR D 103 -22.56 9.00 29.48
CA THR D 103 -23.57 10.00 29.77
C THR D 103 -23.57 10.42 31.24
N LYS D 104 -23.34 9.45 32.14
CA LYS D 104 -23.29 9.72 33.59
C LYS D 104 -22.11 10.66 33.91
N ILE D 105 -20.93 10.29 33.43
CA ILE D 105 -19.70 11.07 33.58
C ILE D 105 -19.83 12.45 32.95
N MET D 106 -20.57 12.54 31.88
CA MET D 106 -20.74 13.80 31.17
C MET D 106 -21.85 14.67 31.78
N GLY D 107 -22.51 14.15 32.80
CA GLY D 107 -23.58 14.88 33.49
C GLY D 107 -24.91 14.79 32.78
N ILE D 108 -24.93 14.10 31.65
CA ILE D 108 -26.12 13.97 30.85
C ILE D 108 -27.08 13.01 31.54
N ASP D 109 -28.37 13.36 31.54
CA ASP D 109 -29.39 12.53 32.17
C ASP D 109 -30.08 11.69 31.09
N CYS D 110 -29.32 10.77 30.50
CA CYS D 110 -29.82 9.94 29.42
C CYS D 110 -30.38 8.66 29.95
N GLN D 111 -31.25 8.05 29.16
CA GLN D 111 -31.72 6.71 29.42
C GLN D 111 -31.40 5.86 28.21
N VAL D 112 -30.73 4.74 28.45
CA VAL D 112 -30.36 3.82 27.38
C VAL D 112 -31.42 2.72 27.27
N ILE D 113 -31.90 2.47 26.06
CA ILE D 113 -32.82 1.37 25.82
C ILE D 113 -32.17 0.34 24.89
N GLY D 114 -32.56 -0.93 25.04
CA GLY D 114 -31.99 -2.04 24.31
C GLY D 114 -33.02 -3.06 23.83
N ILE D 115 -33.33 -3.03 22.53
CA ILE D 115 -34.39 -3.85 21.94
C ILE D 115 -33.82 -5.01 21.15
N ASP D 116 -33.93 -6.21 21.71
CA ASP D 116 -33.52 -7.47 21.06
C ASP D 116 -34.73 -8.45 20.97
N ARG D 117 -34.50 -9.60 20.35
CA ARG D 117 -35.39 -10.77 20.49
C ARG D 117 -34.78 -11.76 21.52
N ASP D 118 -33.47 -11.97 21.44
CA ASP D 118 -32.71 -12.82 22.35
C ASP D 118 -31.82 -12.00 23.29
N LEU D 119 -32.35 -11.66 24.46
CA LEU D 119 -31.59 -10.93 25.48
C LEU D 119 -30.80 -11.90 26.35
N SER D 120 -30.91 -13.20 26.09
CA SER D 120 -30.28 -14.23 26.92
C SER D 120 -28.76 -14.11 26.95
N ARG D 121 -28.20 -13.55 25.88
CA ARG D 121 -26.76 -13.35 25.76
C ARG D 121 -26.28 -12.24 26.68
N CYS D 122 -27.13 -11.26 26.91
CA CYS D 122 -26.78 -10.08 27.71
C CYS D 122 -25.99 -10.42 28.97
N GLN D 123 -25.01 -9.59 29.28
CA GLN D 123 -24.00 -9.92 30.30
C GLN D 123 -23.91 -8.97 31.51
N ILE D 124 -24.57 -7.81 31.47
CA ILE D 124 -24.45 -6.83 32.57
C ILE D 124 -24.97 -7.42 33.90
N PRO D 125 -24.21 -7.28 34.98
CA PRO D 125 -24.72 -7.60 36.31
C PRO D 125 -26.01 -6.81 36.59
N ALA D 126 -27.03 -7.45 37.16
CA ALA D 126 -28.28 -6.74 37.47
C ALA D 126 -27.96 -5.52 38.31
N SER D 127 -27.14 -5.74 39.35
CA SER D 127 -26.73 -4.71 40.29
C SER D 127 -26.12 -3.44 39.66
N ASP D 128 -25.70 -3.52 38.39
CA ASP D 128 -25.16 -2.36 37.68
C ASP D 128 -25.99 -2.01 36.46
N MET D 129 -27.28 -1.69 36.65
CA MET D 129 -28.16 -1.42 35.51
C MET D 129 -28.95 -0.13 35.64
N GLU D 130 -28.48 0.81 36.46
CA GLU D 130 -29.16 2.10 36.59
C GLU D 130 -29.34 2.79 35.22
N ASN D 131 -30.56 3.21 34.92
CA ASN D 131 -30.91 3.90 33.67
C ASN D 131 -30.66 3.05 32.41
N ILE D 132 -31.01 1.77 32.51
CA ILE D 132 -31.00 0.82 31.39
C ILE D 132 -32.28 -0.05 31.40
N THR D 133 -32.86 -0.22 30.21
CA THR D 133 -34.08 -0.98 30.07
C THR D 133 -34.01 -1.87 28.83
N LEU D 134 -34.28 -3.16 29.04
CA LEU D 134 -34.37 -4.12 27.96
C LEU D 134 -35.83 -4.39 27.60
N HIS D 135 -36.12 -4.27 26.30
CA HIS D 135 -37.39 -4.73 25.72
C HIS D 135 -37.10 -5.90 24.79
N GLN D 136 -38.01 -6.86 24.76
CA GLN D 136 -37.90 -8.01 23.87
C GLN D 136 -38.89 -7.81 22.73
N GLY D 137 -38.67 -8.53 21.62
CA GLY D 137 -39.48 -8.39 20.43
C GLY D 137 -38.68 -8.31 19.15
N ASP D 138 -39.41 -8.33 18.03
CA ASP D 138 -38.81 -8.43 16.69
C ASP D 138 -38.71 -7.07 16.00
N CYS D 139 -37.90 -7.01 14.94
CA CYS D 139 -37.80 -5.84 14.06
C CYS D 139 -38.76 -5.94 12.88
N SER D 140 -39.40 -7.10 12.72
CA SER D 140 -40.47 -7.25 11.75
C SER D 140 -41.64 -6.33 12.12
N ASP D 141 -42.41 -6.66 13.17
CA ASP D 141 -43.58 -5.85 13.55
C ASP D 141 -43.20 -4.69 14.47
N LEU D 142 -43.87 -3.55 14.28
CA LEU D 142 -43.44 -2.26 14.84
C LEU D 142 -44.11 -1.92 16.18
N THR D 143 -44.74 -2.90 16.80
CA THR D 143 -45.31 -2.73 18.13
C THR D 143 -44.18 -2.74 19.15
N THR D 144 -43.11 -3.44 18.82
CA THR D 144 -41.91 -3.44 19.65
C THR D 144 -41.56 -2.00 20.03
N PHE D 145 -41.85 -1.07 19.12
CA PHE D 145 -41.55 0.34 19.27
C PHE D 145 -42.74 1.23 19.68
N GLU D 146 -43.97 0.77 19.46
CA GLU D 146 -45.17 1.55 19.81
C GLU D 146 -45.32 1.83 21.30
N HIS D 147 -44.64 1.07 22.15
CA HIS D 147 -44.67 1.31 23.60
C HIS D 147 -43.49 2.16 24.07
N LEU D 148 -42.45 2.29 23.24
CA LEU D 148 -41.40 3.28 23.50
C LEU D 148 -42.04 4.65 23.66
N ARG D 149 -42.22 5.07 24.91
CA ARG D 149 -42.93 6.32 25.20
C ARG D 149 -42.23 7.47 24.48
N GLU D 150 -42.88 8.64 24.45
CA GLU D 150 -42.16 9.86 24.13
C GLU D 150 -41.15 10.06 25.25
N MET D 151 -39.97 9.45 25.08
CA MET D 151 -38.90 9.59 26.02
C MET D 151 -38.38 10.99 25.78
N ALA D 152 -37.40 11.42 26.57
CA ALA D 152 -36.89 12.77 26.44
C ALA D 152 -36.09 12.92 25.15
N HIS D 153 -36.02 14.16 24.64
CA HIS D 153 -35.15 14.49 23.54
C HIS D 153 -34.12 15.51 24.03
N PRO D 154 -32.98 15.65 23.33
CA PRO D 154 -32.64 14.89 22.12
C PRO D 154 -32.41 13.39 22.32
N LEU D 155 -32.44 12.66 21.22
CA LEU D 155 -32.53 11.21 21.21
C LEU D 155 -31.73 10.65 20.04
N ILE D 156 -30.96 9.61 20.30
CA ILE D 156 -30.18 8.94 19.27
C ILE D 156 -30.73 7.53 19.06
N PHE D 157 -31.04 7.19 17.82
CA PHE D 157 -31.49 5.84 17.47
C PHE D 157 -30.34 5.14 16.77
N ILE D 158 -30.04 3.91 17.18
CA ILE D 158 -29.05 3.10 16.47
C ILE D 158 -29.66 1.77 16.07
N ASP D 159 -29.54 1.44 14.78
CA ASP D 159 -29.83 0.10 14.27
C ASP D 159 -28.57 -0.73 14.37
N ASN D 160 -28.73 -1.96 14.85
CA ASN D 160 -27.64 -2.91 14.86
C ASN D 160 -28.05 -4.32 14.41
N ALA D 161 -29.36 -4.58 14.33
CA ALA D 161 -29.87 -5.84 13.78
C ALA D 161 -29.91 -5.82 12.24
N HIS D 162 -30.40 -4.72 11.67
CA HIS D 162 -30.51 -4.48 10.21
C HIS D 162 -31.67 -5.22 9.53
N ALA D 163 -32.73 -5.49 10.28
CA ALA D 163 -33.89 -6.20 9.73
C ALA D 163 -35.05 -5.24 9.61
N ASN D 164 -35.70 -5.25 8.45
CA ASN D 164 -36.79 -4.33 8.15
C ASN D 164 -36.42 -2.92 8.57
N THR D 165 -35.17 -2.56 8.31
CA THR D 165 -34.57 -1.37 8.87
C THR D 165 -34.87 -0.11 8.05
N PHE D 166 -35.82 -0.22 7.12
CA PHE D 166 -36.34 0.96 6.42
C PHE D 166 -37.76 1.29 6.89
N ASN D 167 -38.57 0.25 7.15
CA ASN D 167 -39.89 0.42 7.79
C ASN D 167 -39.79 0.90 9.26
N ILE D 168 -38.64 0.64 9.90
CA ILE D 168 -38.37 1.15 11.25
C ILE D 168 -37.87 2.59 11.16
N MET D 169 -37.12 2.87 10.10
CA MET D 169 -36.79 4.24 9.75
C MET D 169 -38.04 5.06 9.46
N LYS D 170 -38.96 4.48 8.69
CA LYS D 170 -40.21 5.14 8.30
C LYS D 170 -41.07 5.44 9.52
N TRP D 171 -41.06 4.53 10.49
CA TRP D 171 -41.86 4.71 11.71
C TRP D 171 -41.24 5.78 12.61
N ALA D 172 -39.91 5.79 12.69
CA ALA D 172 -39.19 6.69 13.57
C ALA D 172 -39.37 8.14 13.10
N VAL D 173 -39.28 8.37 11.79
CA VAL D 173 -39.40 9.72 11.25
C VAL D 173 -40.80 10.29 11.52
N ASP D 174 -41.85 9.51 11.22
CA ASP D 174 -43.22 10.00 11.32
C ASP D 174 -43.76 10.01 12.76
N HIS D 175 -43.13 9.29 13.70
CA HIS D 175 -43.69 9.13 15.05
C HIS D 175 -42.82 9.67 16.21
N LEU D 176 -41.52 9.80 16.00
CA LEU D 176 -40.55 9.86 17.10
C LEU D 176 -39.52 11.00 16.98
N LEU D 177 -38.68 10.96 15.95
CA LEU D 177 -37.57 11.89 15.79
C LEU D 177 -38.03 13.33 15.61
N GLU D 178 -37.50 14.21 16.45
CA GLU D 178 -37.68 15.65 16.35
C GLU D 178 -36.37 16.23 15.86
N GLU D 179 -36.32 17.52 15.58
CA GLU D 179 -35.10 18.14 15.05
C GLU D 179 -33.89 17.81 15.91
N GLY D 180 -32.77 17.54 15.25
CA GLY D 180 -31.51 17.27 15.94
C GLY D 180 -31.31 15.82 16.37
N ASP D 181 -32.39 15.03 16.42
CA ASP D 181 -32.31 13.62 16.77
C ASP D 181 -31.58 12.88 15.67
N TYR D 182 -30.75 11.91 16.07
CA TYR D 182 -29.96 11.09 15.15
C TYR D 182 -30.59 9.73 14.94
N PHE D 183 -30.21 9.08 13.85
CA PHE D 183 -30.70 7.76 13.51
C PHE D 183 -29.58 7.14 12.69
N ILE D 184 -28.96 6.10 13.26
CA ILE D 184 -27.66 5.64 12.83
C ILE D 184 -27.71 4.18 12.49
N ILE D 185 -27.47 3.85 11.22
CA ILE D 185 -27.31 2.48 10.79
C ILE D 185 -25.83 2.16 10.74
N GLU D 186 -25.33 1.40 11.71
CA GLU D 186 -23.94 0.95 11.68
C GLU D 186 -23.77 -0.18 10.70
N ASP D 187 -22.50 -0.40 10.32
CA ASP D 187 -22.03 -1.60 9.63
C ASP D 187 -22.55 -1.77 8.19
N MET D 188 -23.85 -1.61 7.99
CA MET D 188 -24.54 -2.30 6.91
C MET D 188 -24.76 -1.46 5.68
N ILE D 189 -24.74 -0.15 5.81
CA ILE D 189 -25.01 0.71 4.66
C ILE D 189 -24.06 0.56 3.46
N PRO D 190 -22.77 0.32 3.68
CA PRO D 190 -21.84 0.13 2.56
C PRO D 190 -22.06 -1.18 1.78
N TYR D 191 -22.55 -2.21 2.46
CA TYR D 191 -22.85 -3.50 1.83
C TYR D 191 -24.17 -3.47 1.04
N TRP D 192 -25.20 -2.87 1.62
CA TRP D 192 -26.43 -2.59 0.91
C TRP D 192 -26.24 -1.77 -0.36
N TYR D 193 -25.23 -0.90 -0.38
CA TYR D 193 -24.96 -0.06 -1.56
C TYR D 193 -24.23 -0.81 -2.67
N ARG D 194 -23.40 -1.78 -2.32
CA ARG D 194 -22.75 -2.60 -3.34
C ARG D 194 -23.73 -3.57 -3.98
N TYR D 195 -24.63 -4.13 -3.15
CA TYR D 195 -25.54 -5.20 -3.51
C TYR D 195 -26.85 -4.69 -4.10
N ALA D 196 -27.07 -3.38 -4.02
CA ALA D 196 -28.23 -2.74 -4.61
C ALA D 196 -28.00 -1.23 -4.76
N PRO D 197 -27.12 -0.84 -5.67
CA PRO D 197 -26.88 0.57 -5.95
C PRO D 197 -28.14 1.36 -6.30
N GLN D 198 -29.02 0.81 -7.13
CA GLN D 198 -30.22 1.55 -7.55
C GLN D 198 -31.24 1.58 -6.43
N LEU D 199 -31.74 0.41 -6.02
CA LEU D 199 -32.78 0.29 -5.00
C LEU D 199 -32.46 1.04 -3.71
N PHE D 200 -31.21 0.96 -3.26
CA PHE D 200 -30.78 1.62 -2.04
C PHE D 200 -30.73 3.13 -2.22
N SER D 201 -30.17 3.58 -3.35
CA SER D 201 -30.11 5.01 -3.64
C SER D 201 -31.52 5.61 -3.70
N GLU D 202 -32.53 4.79 -4.00
CA GLU D 202 -33.93 5.27 -3.99
C GLU D 202 -34.53 5.24 -2.58
N TYR D 203 -34.60 4.05 -1.97
CA TYR D 203 -35.13 3.91 -0.62
C TYR D 203 -34.56 5.02 0.27
N LEU D 204 -33.24 5.18 0.24
CA LEU D 204 -32.53 6.17 1.06
C LEU D 204 -32.89 7.60 0.67
N GLY D 205 -33.07 7.85 -0.63
CA GLY D 205 -33.40 9.16 -1.13
C GLY D 205 -34.82 9.64 -0.85
N ALA D 206 -35.73 8.72 -0.53
CA ALA D 206 -37.11 9.10 -0.24
C ALA D 206 -37.20 9.80 1.11
N PHE D 207 -36.11 9.77 1.88
CA PHE D 207 -35.97 10.53 3.13
C PHE D 207 -35.23 11.86 2.90
N ARG D 208 -35.23 12.32 1.65
CA ARG D 208 -34.59 13.56 1.22
C ARG D 208 -34.95 14.72 2.14
N ASP D 209 -36.25 15.03 2.24
CA ASP D 209 -36.74 16.19 2.99
C ASP D 209 -36.77 16.03 4.52
N VAL D 210 -36.69 14.79 5.01
CA VAL D 210 -36.76 14.53 6.46
C VAL D 210 -35.41 14.20 7.14
N LEU D 211 -34.42 13.76 6.37
CA LEU D 211 -33.13 13.39 6.93
C LEU D 211 -31.94 13.85 6.09
N SER D 212 -30.85 14.16 6.78
CA SER D 212 -29.57 14.46 6.16
C SER D 212 -28.44 13.69 6.85
N MET D 213 -27.48 13.21 6.07
CA MET D 213 -26.28 12.61 6.62
C MET D 213 -25.41 13.69 7.29
N ASP D 214 -25.00 13.42 8.51
CA ASP D 214 -24.22 14.37 9.27
C ASP D 214 -22.74 14.12 8.99
N MET D 215 -22.20 14.84 8.00
CA MET D 215 -20.79 14.70 7.60
C MET D 215 -19.76 14.81 8.76
N LEU D 216 -20.00 15.66 9.76
CA LEU D 216 -19.05 15.84 10.86
C LEU D 216 -18.63 14.49 11.44
N TYR D 217 -19.59 13.60 11.63
CA TYR D 217 -19.29 12.25 12.12
C TYR D 217 -19.34 11.15 11.04
N ALA D 218 -19.98 11.43 9.90
CA ALA D 218 -20.26 10.40 8.89
C ALA D 218 -19.02 9.63 8.42
N ASN D 219 -17.99 10.32 7.92
CA ASN D 219 -16.78 9.69 7.40
C ASN D 219 -15.64 9.59 8.44
N ALA D 220 -15.97 9.27 9.70
CA ALA D 220 -14.95 9.28 10.73
C ALA D 220 -14.78 7.92 11.41
N SER D 221 -15.40 6.88 10.88
CA SER D 221 -15.19 5.54 11.41
C SER D 221 -15.52 4.52 10.35
N SER D 222 -14.86 3.37 10.44
CA SER D 222 -15.12 2.28 9.51
C SER D 222 -16.52 1.67 9.73
N GLN D 223 -17.00 1.68 10.98
CA GLN D 223 -18.30 1.12 11.32
C GLN D 223 -19.43 2.09 11.10
N LEU D 224 -19.20 3.36 11.33
CA LEU D 224 -20.25 4.37 11.15
C LEU D 224 -20.31 4.91 9.73
N ASP D 225 -19.35 4.50 8.91
CA ASP D 225 -19.20 4.94 7.51
C ASP D 225 -20.51 5.24 6.76
N ARG D 226 -20.79 6.52 6.56
CA ARG D 226 -22.00 6.97 5.85
C ARG D 226 -23.31 6.34 6.35
N GLY D 227 -23.39 6.18 7.67
CA GLY D 227 -24.56 5.62 8.31
C GLY D 227 -25.13 6.51 9.40
N VAL D 228 -24.79 7.79 9.38
CA VAL D 228 -25.22 8.70 10.43
C VAL D 228 -26.19 9.74 9.86
N LEU D 229 -27.46 9.67 10.28
CA LEU D 229 -28.52 10.55 9.78
C LEU D 229 -29.22 11.29 10.92
N ARG D 230 -29.86 12.41 10.60
CA ARG D 230 -30.62 13.20 11.59
C ARG D 230 -31.68 14.11 10.92
N ARG D 231 -32.61 14.65 11.71
CA ARG D 231 -33.70 15.46 11.15
C ARG D 231 -33.39 16.96 11.07
N VAL D 232 -33.93 17.63 10.03
CA VAL D 232 -33.85 19.10 9.87
C VAL D 232 -35.20 19.73 9.47
N ALA D 233 -36.31 19.07 9.81
CA ALA D 233 -37.62 19.43 9.24
C ALA D 233 -37.99 20.92 9.38
N ASP E 3 2.58 43.17 6.12
CA ASP E 3 2.55 42.12 7.18
C ASP E 3 3.93 41.45 7.39
N TYR E 4 4.80 41.55 6.38
CA TYR E 4 6.19 41.06 6.48
C TYR E 4 7.12 42.11 7.09
N SER E 5 6.79 43.37 6.86
CA SER E 5 7.53 44.50 7.42
C SER E 5 6.87 45.05 8.68
N ARG E 6 5.83 44.36 9.18
CA ARG E 6 5.16 44.73 10.43
C ARG E 6 5.17 43.57 11.43
N GLN E 7 4.36 42.55 11.16
CA GLN E 7 4.17 41.40 12.04
C GLN E 7 5.48 40.81 12.58
N ASN E 8 5.50 40.53 13.88
CA ASN E 8 6.60 39.80 14.54
C ASN E 8 6.11 38.43 14.98
N PHE E 9 7.05 37.50 15.18
CA PHE E 9 6.71 36.09 15.06
C PHE E 9 6.90 35.23 16.32
N GLN E 10 6.19 34.11 16.38
CA GLN E 10 6.24 33.20 17.51
C GLN E 10 7.10 32.00 17.17
N ASP E 11 8.08 31.68 18.01
CA ASP E 11 8.95 30.53 17.72
C ASP E 11 8.04 29.33 17.64
N LEU E 12 7.80 28.88 16.42
CA LEU E 12 6.72 27.96 16.12
C LEU E 12 7.10 26.52 16.45
N ASN E 13 8.33 26.32 16.90
CA ASN E 13 8.77 25.04 17.45
C ASN E 13 8.09 24.71 18.78
N LEU E 14 7.70 25.73 19.54
CA LEU E 14 6.96 25.54 20.79
C LEU E 14 5.79 24.58 20.61
N PHE E 15 5.10 24.72 19.48
CA PHE E 15 3.91 23.93 19.20
C PHE E 15 4.22 22.52 18.65
N ARG E 16 5.48 22.24 18.30
CA ARG E 16 5.89 20.88 17.84
C ARG E 16 5.37 19.78 18.78
N GLY E 17 4.29 19.10 18.39
CA GLY E 17 3.73 18.00 19.14
C GLY E 17 2.36 18.27 19.75
N LEU E 18 2.10 19.52 20.15
CA LEU E 18 0.86 19.83 20.88
C LEU E 18 -0.13 20.67 20.11
N GLY E 19 0.33 21.50 19.18
CA GLY E 19 -0.53 22.41 18.47
C GLY E 19 -0.67 23.74 19.18
N GLU E 20 -1.54 24.60 18.70
CA GLU E 20 -1.58 25.98 19.16
C GLU E 20 -2.37 26.21 20.43
N ASP E 21 -3.55 25.61 20.52
CA ASP E 21 -4.48 25.88 21.63
C ASP E 21 -4.71 24.63 22.50
N PRO E 22 -4.26 24.65 23.75
CA PRO E 22 -4.51 23.52 24.66
C PRO E 22 -6.00 23.31 24.99
N ALA E 23 -6.80 24.36 24.83
CA ALA E 23 -8.25 24.25 24.98
C ALA E 23 -8.84 23.57 23.74
N TYR E 24 -9.83 22.71 23.95
CA TYR E 24 -10.49 22.02 22.84
C TYR E 24 -11.30 23.00 22.00
N HIS E 25 -11.37 22.73 20.70
CA HIS E 25 -12.29 23.45 19.83
C HIS E 25 -12.80 22.50 18.76
N PRO E 26 -14.09 22.15 18.82
CA PRO E 26 -14.66 21.21 17.86
C PRO E 26 -14.26 21.55 16.43
N PRO E 27 -14.02 20.56 15.57
CA PRO E 27 -13.73 20.82 14.16
C PRO E 27 -14.95 21.38 13.44
N VAL E 28 -14.75 22.38 12.59
CA VAL E 28 -15.83 22.88 11.75
C VAL E 28 -15.54 22.41 10.32
N LEU E 29 -16.56 22.30 9.50
CA LEU E 29 -16.38 21.95 8.08
C LEU E 29 -16.00 23.19 7.28
N THR E 30 -15.52 22.97 6.06
CA THR E 30 -15.04 24.06 5.18
C THR E 30 -15.62 23.90 3.79
N ASP E 31 -15.20 22.82 3.13
CA ASP E 31 -15.59 22.48 1.75
C ASP E 31 -16.89 21.64 1.69
N ARG E 32 -17.88 22.00 2.49
CA ARG E 32 -19.04 21.14 2.73
C ARG E 32 -20.15 21.84 3.48
N PRO E 33 -21.39 21.39 3.30
CA PRO E 33 -22.42 21.59 4.31
C PRO E 33 -22.24 20.48 5.34
N ARG E 34 -22.79 20.65 6.53
CA ARG E 34 -22.77 19.60 7.53
C ARG E 34 -23.80 18.57 7.15
N ASP E 35 -24.97 19.06 6.72
CA ASP E 35 -26.10 18.22 6.35
C ASP E 35 -26.06 17.87 4.88
N TRP E 36 -25.51 16.71 4.53
CA TRP E 36 -25.48 16.30 3.13
C TRP E 36 -26.83 15.71 2.72
N PRO E 37 -27.41 16.18 1.63
CA PRO E 37 -28.72 15.69 1.19
C PRO E 37 -28.71 14.21 0.77
N LEU E 38 -29.71 13.46 1.24
CA LEU E 38 -29.76 12.01 1.05
C LEU E 38 -30.11 11.59 -0.37
N ASP E 39 -30.67 12.50 -1.15
CA ASP E 39 -30.89 12.22 -2.58
C ASP E 39 -29.60 12.33 -3.38
N ARG E 40 -28.51 12.71 -2.71
CA ARG E 40 -27.17 12.78 -3.29
C ARG E 40 -26.13 12.03 -2.45
N TRP E 41 -26.59 11.06 -1.65
CA TRP E 41 -25.75 10.26 -0.76
C TRP E 41 -24.49 9.69 -1.42
N ALA E 42 -24.65 9.18 -2.63
CA ALA E 42 -23.57 8.50 -3.36
C ALA E 42 -22.53 9.45 -3.93
N GLU E 43 -22.77 10.75 -3.83
CA GLU E 43 -21.90 11.77 -4.40
C GLU E 43 -21.21 12.60 -3.30
N ALA E 44 -21.29 12.14 -2.05
CA ALA E 44 -20.69 12.84 -0.90
C ALA E 44 -19.25 12.42 -0.65
N PRO E 45 -18.36 13.35 -0.34
CA PRO E 45 -16.96 13.01 -0.04
C PRO E 45 -16.79 11.92 1.04
N ARG E 46 -15.76 11.10 0.86
CA ARG E 46 -15.49 9.91 1.70
C ARG E 46 -14.42 10.19 2.73
N ASP E 47 -13.60 11.20 2.47
CA ASP E 47 -12.54 11.60 3.40
C ASP E 47 -13.14 12.34 4.60
N LEU E 48 -12.30 12.70 5.55
CA LEU E 48 -12.75 13.17 6.86
C LEU E 48 -13.31 14.59 6.84
N GLY E 49 -12.59 15.50 6.20
CA GLY E 49 -13.04 16.86 5.99
C GLY E 49 -12.42 17.85 6.94
N TYR E 50 -11.64 17.35 7.90
CA TYR E 50 -10.89 18.18 8.82
C TYR E 50 -9.57 17.50 9.25
N SER E 51 -8.53 18.31 9.47
CA SER E 51 -7.19 17.81 9.84
C SER E 51 -7.27 16.73 10.91
N ASP E 52 -6.63 15.60 10.64
CA ASP E 52 -6.64 14.47 11.58
C ASP E 52 -5.40 14.48 12.46
N PHE E 53 -4.88 15.67 12.76
CA PHE E 53 -3.68 15.77 13.60
C PHE E 53 -3.98 15.34 15.03
N SER E 54 -4.68 16.17 15.77
CA SER E 54 -5.20 15.76 17.07
C SER E 54 -6.59 16.32 17.15
N PRO E 55 -7.55 15.51 16.73
CA PRO E 55 -8.98 15.82 16.87
C PRO E 55 -9.59 15.38 18.17
N TYR E 56 -8.91 14.46 18.86
CA TYR E 56 -9.52 13.66 19.94
C TYR E 56 -9.71 14.44 21.25
N GLN E 57 -10.76 14.11 21.99
CA GLN E 57 -11.08 14.87 23.22
C GLN E 57 -11.73 14.02 24.33
N TRP E 58 -11.81 14.59 25.53
CA TRP E 58 -12.51 13.99 26.67
C TRP E 58 -13.21 15.05 27.50
N ARG E 59 -14.48 15.32 27.20
CA ARG E 59 -15.28 16.25 27.99
C ARG E 59 -14.82 17.70 27.83
N GLY E 60 -14.62 18.15 26.60
CA GLY E 60 -14.11 19.49 26.33
C GLY E 60 -12.61 19.61 26.59
N LEU E 61 -11.96 18.51 26.91
CA LEU E 61 -10.52 18.52 27.16
C LEU E 61 -9.85 17.86 25.97
N ARG E 62 -8.64 18.32 25.62
CA ARG E 62 -7.91 17.70 24.53
C ARG E 62 -7.29 16.37 24.96
N MET E 63 -7.29 15.41 24.03
CA MET E 63 -6.58 14.14 24.22
C MET E 63 -5.46 14.08 23.20
N LEU E 64 -4.31 13.62 23.67
CA LEU E 64 -3.17 13.32 22.81
C LEU E 64 -2.82 11.84 22.90
N LYS E 65 -3.83 11.04 23.26
CA LYS E 65 -3.71 9.58 23.27
C LYS E 65 -4.80 9.08 22.32
N ASP E 66 -4.44 8.78 21.09
CA ASP E 66 -5.45 8.39 20.11
C ASP E 66 -6.29 7.23 20.65
N PRO E 67 -7.55 7.14 20.21
CA PRO E 67 -8.48 6.10 20.68
C PRO E 67 -7.88 4.73 20.88
N ASP E 68 -6.88 4.37 20.07
CA ASP E 68 -6.24 3.06 20.15
C ASP E 68 -5.46 2.94 21.46
N THR E 69 -4.56 3.88 21.67
CA THR E 69 -3.85 4.05 22.95
C THR E 69 -4.79 4.13 24.15
N GLN E 70 -5.92 4.81 23.96
CA GLN E 70 -6.95 4.94 24.98
C GLN E 70 -7.48 3.55 25.36
N ALA E 71 -7.73 2.71 24.36
CA ALA E 71 -8.24 1.36 24.59
C ALA E 71 -7.23 0.42 25.28
N VAL E 72 -5.94 0.72 25.11
CA VAL E 72 -4.85 -0.03 25.72
C VAL E 72 -4.81 0.21 27.24
N TYR E 73 -4.63 1.47 27.62
CA TYR E 73 -4.53 1.84 29.03
C TYR E 73 -5.77 1.37 29.76
N HIS E 74 -6.91 1.35 29.08
CA HIS E 74 -8.15 0.85 29.67
C HIS E 74 -7.97 -0.59 30.06
N ASP E 75 -7.51 -1.40 29.11
CA ASP E 75 -7.24 -2.80 29.39
C ASP E 75 -6.25 -2.89 30.53
N MET E 76 -5.23 -2.04 30.50
CA MET E 76 -4.18 -2.04 31.51
C MET E 76 -4.74 -1.69 32.87
N LEU E 77 -5.62 -0.70 32.89
CA LEU E 77 -6.22 -0.22 34.13
C LEU E 77 -7.15 -1.28 34.71
N TRP E 78 -7.80 -2.04 33.84
CA TRP E 78 -8.73 -3.08 34.27
C TRP E 78 -8.03 -4.25 34.92
N GLU E 79 -6.91 -4.66 34.34
CA GLU E 79 -6.18 -5.82 34.84
C GLU E 79 -5.47 -5.52 36.17
N LEU E 80 -4.79 -4.37 36.24
CA LEU E 80 -3.92 -4.02 37.35
C LEU E 80 -4.64 -3.41 38.55
N ARG E 81 -5.59 -2.53 38.26
CA ARG E 81 -6.33 -1.80 39.29
C ARG E 81 -5.34 -1.02 40.14
N PRO E 82 -4.72 -0.01 39.50
CA PRO E 82 -3.67 0.79 40.15
C PRO E 82 -4.22 1.82 41.09
N ARG E 83 -3.42 2.16 42.09
CA ARG E 83 -3.76 3.19 43.04
C ARG E 83 -3.14 4.53 42.67
N THR E 84 -2.16 4.52 41.79
CA THR E 84 -1.46 5.73 41.39
C THR E 84 -1.04 5.61 39.95
N ILE E 85 -1.19 6.71 39.23
CA ILE E 85 -0.82 6.80 37.83
C ILE E 85 -0.08 8.11 37.68
N VAL E 86 1.23 8.06 37.59
CA VAL E 86 2.01 9.27 37.48
C VAL E 86 2.20 9.63 36.02
N GLU E 87 1.47 10.63 35.54
CA GLU E 87 1.78 11.21 34.25
C GLU E 87 2.93 12.17 34.39
N LEU E 88 3.76 12.25 33.38
CA LEU E 88 4.95 13.09 33.42
C LEU E 88 4.96 13.98 32.19
N GLY E 89 4.50 15.21 32.36
CA GLY E 89 4.22 16.10 31.26
C GLY E 89 2.71 16.22 31.15
N VAL E 90 2.19 17.43 31.30
CA VAL E 90 0.76 17.64 31.46
C VAL E 90 0.11 18.17 30.19
N TYR E 91 0.72 19.20 29.61
CA TYR E 91 0.08 20.05 28.60
C TYR E 91 -1.24 20.54 29.14
N ASN E 92 -2.36 20.01 28.63
CA ASN E 92 -3.69 20.48 29.03
C ASN E 92 -4.30 19.64 30.15
N GLY E 93 -3.68 18.49 30.45
CA GLY E 93 -4.13 17.63 31.53
C GLY E 93 -5.34 16.80 31.15
N GLY E 94 -5.55 16.61 29.85
CA GLY E 94 -6.62 15.76 29.34
C GLY E 94 -6.38 14.33 29.75
N SER E 95 -5.13 13.88 29.65
CA SER E 95 -4.78 12.54 30.09
C SER E 95 -5.00 12.40 31.59
N LEU E 96 -4.74 13.46 32.33
CA LEU E 96 -4.96 13.47 33.77
C LEU E 96 -6.42 13.19 34.11
N ALA E 97 -7.33 14.00 33.60
CA ALA E 97 -8.72 13.90 33.97
C ALA E 97 -9.34 12.57 33.53
N TRP E 98 -8.87 12.05 32.40
CA TRP E 98 -9.42 10.84 31.79
C TRP E 98 -9.00 9.57 32.54
N PHE E 99 -7.83 9.58 33.19
CA PHE E 99 -7.39 8.48 34.05
C PHE E 99 -8.17 8.49 35.37
N ARG E 100 -8.50 9.65 35.89
CA ARG E 100 -9.17 9.72 37.18
C ARG E 100 -10.62 9.36 36.98
N ASP E 101 -11.13 9.73 35.81
CA ASP E 101 -12.51 9.44 35.48
C ASP E 101 -12.63 7.96 35.29
N LEU E 102 -11.69 7.37 34.55
CA LEU E 102 -11.81 5.98 34.18
C LEU E 102 -11.67 5.06 35.38
N THR E 103 -10.68 5.29 36.22
CA THR E 103 -10.55 4.55 37.48
C THR E 103 -11.83 4.67 38.33
N LYS E 104 -12.43 5.86 38.32
CA LYS E 104 -13.66 6.11 39.08
C LYS E 104 -14.78 5.16 38.69
N ILE E 105 -14.97 4.95 37.39
CA ILE E 105 -16.03 4.06 36.95
C ILE E 105 -15.64 2.65 37.26
N MET E 106 -14.36 2.34 37.09
CA MET E 106 -13.88 0.99 37.38
C MET E 106 -13.95 0.59 38.86
N GLY E 107 -14.23 1.56 39.74
CA GLY E 107 -14.37 1.30 41.16
C GLY E 107 -13.06 1.20 41.94
N ILE E 108 -12.01 1.77 41.37
CA ILE E 108 -10.65 1.69 41.91
C ILE E 108 -10.26 2.96 42.64
N ASP E 109 -9.61 2.81 43.79
CA ASP E 109 -9.12 3.99 44.50
C ASP E 109 -7.79 4.41 43.91
N CYS E 110 -7.82 5.39 43.01
CA CYS E 110 -6.63 5.83 42.29
C CYS E 110 -6.35 7.33 42.40
N GLN E 111 -5.07 7.69 42.37
CA GLN E 111 -4.61 9.06 42.54
C GLN E 111 -3.76 9.41 41.34
N VAL E 112 -4.25 10.28 40.48
CA VAL E 112 -3.50 10.68 39.31
C VAL E 112 -2.58 11.81 39.71
N ILE E 113 -1.36 11.78 39.19
CA ILE E 113 -0.36 12.81 39.48
C ILE E 113 0.38 13.25 38.24
N GLY E 114 0.18 14.50 37.83
CA GLY E 114 0.94 15.08 36.73
C GLY E 114 2.14 15.85 37.24
N ILE E 115 3.22 15.81 36.48
CA ILE E 115 4.44 16.54 36.79
C ILE E 115 4.87 17.19 35.50
N ASP E 116 5.33 18.43 35.58
CA ASP E 116 5.63 19.21 34.38
C ASP E 116 6.36 20.48 34.82
N ARG E 117 7.29 20.96 34.02
CA ARG E 117 8.01 22.21 34.33
C ARG E 117 7.16 23.46 34.10
N ASP E 118 5.89 23.26 33.77
CA ASP E 118 5.00 24.33 33.37
C ASP E 118 3.59 23.77 33.34
N LEU E 119 2.81 24.09 34.36
CA LEU E 119 1.44 23.64 34.44
C LEU E 119 0.50 24.76 34.04
N SER E 120 0.97 25.69 33.21
CA SER E 120 0.20 26.91 32.91
C SER E 120 -0.75 26.71 31.76
N ARG E 121 -0.64 25.61 31.04
CA ARG E 121 -1.57 25.29 29.96
C ARG E 121 -2.63 24.25 30.34
N CYS E 122 -2.60 23.80 31.60
CA CYS E 122 -3.63 22.89 32.11
C CYS E 122 -4.98 23.55 31.99
N GLN E 123 -5.96 22.76 31.52
CA GLN E 123 -7.29 23.24 31.12
C GLN E 123 -8.41 22.69 31.99
N ILE E 124 -8.06 21.91 33.00
CA ILE E 124 -9.08 21.19 33.75
C ILE E 124 -9.92 22.19 34.54
N PRO E 125 -11.25 22.08 34.48
CA PRO E 125 -12.12 22.87 35.34
C PRO E 125 -11.68 22.73 36.78
N ALA E 126 -11.76 23.83 37.53
CA ALA E 126 -11.44 23.85 38.96
C ALA E 126 -12.18 22.76 39.76
N SER E 127 -13.47 22.62 39.45
CA SER E 127 -14.38 21.67 40.10
C SER E 127 -14.02 20.20 39.90
N ASP E 128 -13.57 19.87 38.69
CA ASP E 128 -13.29 18.49 38.29
C ASP E 128 -11.85 18.16 38.56
N MET E 129 -11.41 18.36 39.80
CA MET E 129 -10.02 18.08 40.17
C MET E 129 -9.88 17.01 41.28
N GLU E 130 -10.96 16.37 41.65
CA GLU E 130 -10.89 15.31 42.66
C GLU E 130 -9.83 14.28 42.29
N ASN E 131 -8.86 14.08 43.17
CA ASN E 131 -7.87 13.02 43.01
C ASN E 131 -6.81 13.28 41.92
N ILE E 132 -6.53 14.55 41.66
CA ILE E 132 -5.48 14.94 40.73
C ILE E 132 -4.54 15.85 41.47
N THR E 133 -3.29 15.42 41.61
CA THR E 133 -2.28 16.19 42.32
C THR E 133 -1.27 16.66 41.29
N LEU E 134 -1.19 17.98 41.07
CA LEU E 134 -0.21 18.54 40.12
C LEU E 134 1.10 18.88 40.81
N HIS E 135 2.18 18.91 40.04
CA HIS E 135 3.55 19.17 40.57
C HIS E 135 4.44 19.93 39.57
N GLN E 136 5.09 20.99 40.02
CA GLN E 136 5.96 21.77 39.14
C GLN E 136 7.44 21.44 39.34
N GLY E 137 8.16 21.25 38.25
CA GLY E 137 9.57 20.91 38.33
C GLY E 137 10.15 20.30 37.08
N ASP E 138 11.40 20.65 36.78
CA ASP E 138 12.10 20.19 35.57
C ASP E 138 12.63 18.78 35.77
N CYS E 139 12.78 18.02 34.70
CA CYS E 139 13.20 16.63 34.78
C CYS E 139 14.70 16.55 35.02
N SER E 140 15.42 17.54 34.51
CA SER E 140 16.87 17.60 34.75
C SER E 140 17.19 18.11 36.16
N ASP E 141 16.22 18.01 37.06
CA ASP E 141 16.40 18.15 38.51
C ASP E 141 15.77 16.91 39.16
N LEU E 142 16.56 16.12 39.87
CA LEU E 142 16.06 14.89 40.51
C LEU E 142 15.32 15.18 41.83
N THR E 143 15.34 16.42 42.30
CA THR E 143 14.50 16.84 43.43
C THR E 143 13.02 16.94 43.05
N THR E 144 12.76 17.04 41.75
CA THR E 144 11.40 16.96 41.29
C THR E 144 10.84 15.65 41.82
N PHE E 145 11.64 14.60 41.79
CA PHE E 145 11.17 13.26 42.14
C PHE E 145 11.27 12.91 43.63
N GLU E 146 12.26 13.41 44.34
CA GLU E 146 12.43 13.09 45.77
C GLU E 146 11.26 13.69 46.56
N HIS E 147 10.97 14.96 46.28
CA HIS E 147 9.87 15.70 46.89
C HIS E 147 8.56 14.93 46.90
N LEU E 148 8.37 14.03 45.93
CA LEU E 148 7.16 13.21 45.94
C LEU E 148 7.01 12.34 47.20
N ARG E 149 5.85 12.47 47.86
CA ARG E 149 5.49 11.65 49.03
C ARG E 149 5.22 10.24 48.57
N GLU E 150 5.14 9.32 49.52
CA GLU E 150 4.99 7.91 49.15
C GLU E 150 3.63 7.65 48.47
N MET E 151 3.67 6.87 47.39
CA MET E 151 2.49 6.52 46.63
C MET E 151 2.08 5.11 46.96
N ALA E 152 0.82 4.79 46.68
CA ALA E 152 0.30 3.45 46.89
C ALA E 152 0.34 2.65 45.59
N HIS E 153 0.25 1.34 45.75
CA HIS E 153 0.51 0.38 44.70
C HIS E 153 -0.64 -0.59 44.61
N PRO E 154 -0.83 -1.23 43.44
CA PRO E 154 0.05 -1.09 42.27
C PRO E 154 -0.01 0.29 41.61
N LEU E 155 0.99 0.61 40.78
CA LEU E 155 1.14 1.95 40.20
C LEU E 155 1.73 1.94 38.77
N ILE E 156 1.49 3.01 38.02
CA ILE E 156 1.96 3.15 36.65
C ILE E 156 2.64 4.50 36.52
N PHE E 157 3.75 4.52 35.81
CA PHE E 157 4.53 5.73 35.67
C PHE E 157 4.70 6.01 34.20
N ILE E 158 4.13 7.11 33.72
CA ILE E 158 4.09 7.39 32.31
C ILE E 158 4.93 8.60 31.99
N ASP E 159 5.88 8.42 31.07
CA ASP E 159 6.77 9.48 30.61
C ASP E 159 6.28 10.04 29.29
N ASN E 160 5.83 11.29 29.28
CA ASN E 160 5.57 12.01 28.03
C ASN E 160 6.46 13.22 27.83
N ALA E 161 7.36 13.51 28.75
CA ALA E 161 8.27 14.63 28.58
C ALA E 161 9.56 14.24 27.81
N HIS E 162 9.92 12.98 27.89
CA HIS E 162 11.08 12.45 27.18
C HIS E 162 12.39 13.26 27.40
N ALA E 163 12.58 13.72 28.63
CA ALA E 163 13.77 14.50 28.98
C ALA E 163 14.49 13.84 30.15
N ASN E 164 15.79 13.59 29.99
CA ASN E 164 16.58 12.96 31.06
C ASN E 164 15.92 11.65 31.54
N THR E 165 15.34 10.91 30.60
CA THR E 165 14.44 9.80 30.89
C THR E 165 15.11 8.58 31.52
N PHE E 166 16.37 8.34 31.18
CA PHE E 166 17.04 7.13 31.66
C PHE E 166 17.46 7.26 33.12
N ASN E 167 17.93 8.44 33.52
CA ASN E 167 18.10 8.71 34.95
C ASN E 167 16.80 8.55 35.74
N ILE E 168 15.69 8.96 35.15
CA ILE E 168 14.41 8.90 35.85
C ILE E 168 13.97 7.46 35.97
N MET E 169 14.40 6.61 35.03
CA MET E 169 14.19 5.15 35.15
C MET E 169 15.00 4.59 36.31
N LYS E 170 16.25 5.05 36.44
CA LYS E 170 17.14 4.63 37.52
C LYS E 170 16.52 4.94 38.86
N TRP E 171 16.00 6.15 39.01
CA TRP E 171 15.44 6.60 40.28
C TRP E 171 14.25 5.74 40.62
N ALA E 172 13.34 5.63 39.67
CA ALA E 172 12.05 5.00 39.90
C ALA E 172 12.23 3.55 40.30
N VAL E 173 13.09 2.83 39.61
CA VAL E 173 13.48 1.48 40.01
C VAL E 173 13.99 1.46 41.45
N ASP E 174 14.94 2.34 41.75
CA ASP E 174 15.61 2.39 43.07
C ASP E 174 14.70 2.78 44.23
N HIS E 175 13.63 3.52 43.95
CA HIS E 175 12.97 4.35 44.96
C HIS E 175 11.44 4.26 44.99
N LEU E 176 10.82 3.61 44.02
CA LEU E 176 9.37 3.76 43.84
C LEU E 176 8.69 2.49 43.34
N LEU E 177 9.11 2.04 42.15
CA LEU E 177 8.46 0.92 41.48
C LEU E 177 8.55 -0.36 42.27
N GLU E 178 7.46 -1.11 42.27
CA GLU E 178 7.42 -2.43 42.91
C GLU E 178 7.10 -3.51 41.87
N GLU E 179 7.13 -4.76 42.30
CA GLU E 179 6.79 -5.90 41.43
C GLU E 179 5.47 -5.63 40.71
N GLY E 180 5.46 -5.77 39.39
CA GLY E 180 4.24 -5.59 38.60
C GLY E 180 3.91 -4.16 38.18
N ASP E 181 4.59 -3.17 38.73
CA ASP E 181 4.34 -1.77 38.40
C ASP E 181 4.95 -1.39 37.06
N TYR E 182 4.28 -0.52 36.34
CA TYR E 182 4.71 -0.15 35.00
C TYR E 182 5.58 1.10 35.01
N PHE E 183 6.49 1.16 34.04
CA PHE E 183 7.15 2.37 33.62
C PHE E 183 6.97 2.41 32.11
N ILE E 184 6.31 3.43 31.61
CA ILE E 184 5.83 3.44 30.24
C ILE E 184 6.29 4.71 29.55
N ILE E 185 7.12 4.54 28.52
CA ILE E 185 7.62 5.62 27.70
C ILE E 185 6.82 5.67 26.44
N GLU E 186 6.04 6.72 26.30
CA GLU E 186 5.23 6.91 25.10
C GLU E 186 6.04 7.54 23.97
N ASP E 187 5.79 7.05 22.76
CA ASP E 187 6.20 7.68 21.50
C ASP E 187 7.67 7.56 21.14
N MET E 188 8.54 7.69 22.13
CA MET E 188 9.89 8.12 21.87
C MET E 188 10.86 6.99 21.64
N ILE E 189 10.49 5.78 22.03
CA ILE E 189 11.47 4.70 22.00
C ILE E 189 12.01 4.42 20.59
N PRO E 190 11.15 4.27 19.59
CA PRO E 190 11.64 3.97 18.23
C PRO E 190 12.55 5.06 17.71
N TYR E 191 12.29 6.31 18.08
CA TYR E 191 13.08 7.44 17.61
C TYR E 191 14.50 7.41 18.12
N TRP E 192 14.66 7.38 19.43
CA TRP E 192 15.97 7.13 20.05
C TRP E 192 16.68 5.93 19.44
N TYR E 193 15.94 4.84 19.15
CA TYR E 193 16.54 3.63 18.57
C TYR E 193 16.88 3.81 17.10
N ARG E 194 16.25 4.79 16.47
CA ARG E 194 16.58 5.13 15.10
C ARG E 194 17.86 5.97 15.00
N TYR E 195 18.06 6.91 15.93
CA TYR E 195 19.19 7.84 15.84
C TYR E 195 20.43 7.30 16.52
N ALA E 196 20.24 6.69 17.69
CA ALA E 196 21.33 6.13 18.47
C ALA E 196 21.11 4.67 18.87
N PRO E 197 20.96 3.78 17.89
CA PRO E 197 20.69 2.36 18.19
C PRO E 197 21.72 1.72 19.14
N GLN E 198 22.99 2.09 19.01
CA GLN E 198 24.03 1.49 19.84
C GLN E 198 23.89 1.96 21.28
N LEU E 199 23.68 3.27 21.48
CA LEU E 199 23.60 3.85 22.83
C LEU E 199 22.28 3.52 23.53
N PHE E 200 21.26 3.23 22.74
CA PHE E 200 19.94 2.99 23.26
C PHE E 200 19.90 1.61 23.87
N SER E 201 20.37 0.61 23.13
CA SER E 201 20.48 -0.76 23.65
C SER E 201 21.32 -0.83 24.92
N GLU E 202 22.53 -0.27 24.90
CA GLU E 202 23.39 -0.16 26.09
C GLU E 202 22.52 0.22 27.28
N TYR E 203 21.74 1.27 27.10
CA TYR E 203 20.95 1.82 28.18
C TYR E 203 19.82 0.89 28.54
N LEU E 204 18.92 0.64 27.61
CA LEU E 204 17.78 -0.26 27.85
C LEU E 204 18.19 -1.58 28.50
N GLY E 205 19.32 -2.14 28.06
CA GLY E 205 19.76 -3.45 28.46
C GLY E 205 20.31 -3.54 29.88
N ALA E 206 20.73 -2.40 30.42
CA ALA E 206 21.13 -2.32 31.84
C ALA E 206 19.99 -2.76 32.75
N PHE E 207 18.77 -2.51 32.30
CA PHE E 207 17.59 -2.83 33.06
C PHE E 207 17.13 -4.27 32.93
N ARG E 208 17.88 -5.12 32.23
CA ARG E 208 17.45 -6.51 32.01
C ARG E 208 17.02 -7.27 33.28
N ASP E 209 17.65 -7.00 34.42
CA ASP E 209 17.31 -7.70 35.66
C ASP E 209 16.16 -7.06 36.47
N VAL E 210 15.77 -5.84 36.10
CA VAL E 210 14.76 -5.09 36.86
C VAL E 210 13.51 -4.69 36.08
N LEU E 211 13.49 -4.92 34.78
CA LEU E 211 12.44 -4.41 33.90
C LEU E 211 12.32 -5.26 32.64
N SER E 212 11.07 -5.39 32.17
CA SER E 212 10.71 -6.22 31.04
C SER E 212 9.71 -5.49 30.16
N MET E 213 9.61 -5.89 28.89
CA MET E 213 8.60 -5.34 27.99
C MET E 213 7.38 -6.24 28.08
N ASP E 214 6.25 -5.66 28.50
CA ASP E 214 4.97 -6.37 28.55
C ASP E 214 4.43 -6.52 27.14
N MET E 215 4.70 -7.66 26.53
CA MET E 215 4.35 -7.89 25.14
C MET E 215 2.86 -8.14 24.92
N LEU E 216 2.05 -7.94 25.95
CA LEU E 216 0.61 -7.99 25.78
C LEU E 216 0.09 -6.62 25.41
N TYR E 217 0.77 -5.57 25.88
CA TYR E 217 0.40 -4.21 25.50
C TYR E 217 1.45 -3.56 24.60
N ALA E 218 2.66 -4.10 24.55
CA ALA E 218 3.77 -3.37 23.94
C ALA E 218 3.51 -3.01 22.46
N ASN E 219 2.74 -3.83 21.74
CA ASN E 219 2.51 -3.64 20.30
C ASN E 219 1.07 -3.28 19.90
N ALA E 220 0.32 -2.66 20.82
CA ALA E 220 -1.12 -2.45 20.64
C ALA E 220 -1.50 -0.99 20.36
N SER E 221 -0.57 -0.19 19.86
CA SER E 221 -0.83 1.22 19.62
C SER E 221 0.43 1.88 19.11
N SER E 222 0.29 2.70 18.06
CA SER E 222 1.42 3.48 17.53
C SER E 222 2.15 4.14 18.71
N GLN E 223 1.42 4.89 19.52
CA GLN E 223 2.02 5.69 20.57
C GLN E 223 2.75 4.88 21.62
N LEU E 224 2.33 3.64 21.89
CA LEU E 224 3.00 2.81 22.89
C LEU E 224 3.95 1.79 22.28
N ASP E 225 4.18 1.89 20.98
CA ASP E 225 4.95 0.91 20.25
C ASP E 225 6.24 0.55 21.01
N ARG E 226 6.36 -0.72 21.39
CA ARG E 226 7.53 -1.27 22.06
C ARG E 226 8.10 -0.37 23.15
N GLY E 227 7.20 0.13 23.98
CA GLY E 227 7.61 1.00 25.07
C GLY E 227 6.87 0.79 26.36
N VAL E 228 6.15 -0.31 26.50
CA VAL E 228 5.45 -0.59 27.74
C VAL E 228 6.31 -1.52 28.57
N LEU E 229 6.86 -1.00 29.66
CA LEU E 229 7.74 -1.78 30.54
C LEU E 229 7.10 -2.00 31.88
N ARG E 230 7.68 -2.89 32.67
CA ARG E 230 7.21 -3.13 34.04
C ARG E 230 8.13 -4.10 34.79
N ARG E 231 8.18 -3.96 36.09
CA ARG E 231 9.07 -4.77 36.91
C ARG E 231 8.64 -6.22 36.92
N VAL E 232 9.41 -7.05 36.20
CA VAL E 232 9.55 -8.45 36.54
C VAL E 232 10.55 -8.45 37.70
N ALA E 233 10.23 -9.19 38.78
CA ALA E 233 11.03 -9.17 40.00
C ALA E 233 10.96 -10.51 40.74
N ASP F 3 -41.03 10.52 -2.50
CA ASP F 3 -41.59 10.51 -1.12
C ASP F 3 -41.28 9.19 -0.41
N TYR F 4 -41.37 9.22 0.92
CA TYR F 4 -41.14 8.03 1.77
C TYR F 4 -42.45 7.46 2.31
N SER F 5 -43.45 8.32 2.51
CA SER F 5 -44.69 7.98 3.25
C SER F 5 -45.68 7.14 2.43
N ARG F 6 -45.39 6.92 1.15
CA ARG F 6 -46.25 6.13 0.26
C ARG F 6 -45.50 4.90 -0.28
N GLN F 7 -44.39 4.53 0.36
CA GLN F 7 -43.51 3.45 -0.14
C GLN F 7 -43.43 2.26 0.81
N ASN F 8 -43.22 1.06 0.24
CA ASN F 8 -42.92 -0.15 1.00
C ASN F 8 -41.63 -0.74 0.52
N PHE F 9 -40.80 -1.13 1.47
CA PHE F 9 -39.41 -1.47 1.18
C PHE F 9 -39.21 -2.97 1.27
N GLN F 10 -38.27 -3.46 0.48
CA GLN F 10 -37.86 -4.84 0.54
C GLN F 10 -36.76 -4.96 1.61
N ASP F 11 -36.26 -6.18 1.81
CA ASP F 11 -35.12 -6.40 2.69
C ASP F 11 -33.92 -6.57 1.81
N LEU F 12 -33.03 -5.57 1.81
CA LEU F 12 -31.86 -5.63 0.96
C LEU F 12 -30.85 -6.70 1.42
N ASN F 13 -31.14 -7.40 2.53
CA ASN F 13 -30.33 -8.54 2.98
C ASN F 13 -30.48 -9.76 2.08
N LEU F 14 -31.68 -9.93 1.52
CA LEU F 14 -31.94 -10.97 0.54
C LEU F 14 -30.95 -10.90 -0.63
N PHE F 15 -30.40 -9.70 -0.86
CA PHE F 15 -29.55 -9.45 -2.03
C PHE F 15 -28.03 -9.59 -1.78
N ARG F 16 -27.61 -9.74 -0.53
CA ARG F 16 -26.18 -9.84 -0.19
C ARG F 16 -25.46 -10.91 -1.02
N GLY F 17 -24.30 -10.55 -1.54
CA GLY F 17 -23.48 -11.45 -2.31
C GLY F 17 -24.13 -11.88 -3.62
N LEU F 18 -25.12 -11.12 -4.07
CA LEU F 18 -25.94 -11.52 -5.21
C LEU F 18 -26.33 -10.38 -6.13
N GLY F 19 -26.70 -9.23 -5.57
CA GLY F 19 -27.18 -8.14 -6.37
C GLY F 19 -28.66 -8.32 -6.69
N GLU F 20 -29.21 -7.36 -7.41
CA GLU F 20 -30.65 -7.28 -7.55
C GLU F 20 -31.24 -8.44 -8.35
N ASP F 21 -30.70 -8.63 -9.56
CA ASP F 21 -31.41 -9.33 -10.63
C ASP F 21 -30.49 -10.34 -11.33
N PRO F 22 -30.92 -11.61 -11.42
CA PRO F 22 -30.10 -12.66 -12.03
C PRO F 22 -29.93 -12.55 -13.56
N ALA F 23 -30.74 -11.72 -14.21
CA ALA F 23 -30.60 -11.44 -15.63
C ALA F 23 -29.37 -10.58 -15.84
N TYR F 24 -28.64 -10.80 -16.94
CA TYR F 24 -27.48 -9.97 -17.23
C TYR F 24 -27.89 -8.53 -17.57
N HIS F 25 -27.14 -7.56 -17.09
CA HIS F 25 -27.25 -6.17 -17.52
C HIS F 25 -25.98 -5.86 -18.29
N PRO F 26 -26.07 -5.34 -19.51
CA PRO F 26 -24.87 -4.94 -20.26
C PRO F 26 -24.42 -3.56 -19.82
N PRO F 27 -23.29 -3.43 -19.14
CA PRO F 27 -22.87 -2.13 -18.61
C PRO F 27 -22.96 -0.99 -19.65
N VAL F 28 -23.43 0.17 -19.22
CA VAL F 28 -23.40 1.38 -20.05
C VAL F 28 -22.55 2.44 -19.38
N LEU F 29 -21.99 3.31 -20.21
CA LEU F 29 -21.24 4.47 -19.74
C LEU F 29 -22.17 5.68 -19.51
N THR F 30 -21.82 6.44 -18.48
CA THR F 30 -22.59 7.59 -18.04
C THR F 30 -21.78 8.87 -18.26
N ASP F 31 -20.58 8.89 -17.67
CA ASP F 31 -19.73 10.07 -17.64
C ASP F 31 -18.66 10.11 -18.73
N ARG F 32 -18.79 9.25 -19.73
CA ARG F 32 -17.88 9.29 -20.87
C ARG F 32 -18.53 8.68 -22.11
N PRO F 33 -18.06 9.06 -23.29
CA PRO F 33 -18.53 8.43 -24.52
C PRO F 33 -17.76 7.13 -24.70
N ARG F 34 -18.44 6.08 -25.17
CA ARG F 34 -17.77 4.86 -25.53
C ARG F 34 -16.61 5.19 -26.47
N ASP F 35 -16.92 5.95 -27.51
CA ASP F 35 -15.90 6.37 -28.49
C ASP F 35 -15.14 7.60 -28.00
N TRP F 36 -14.06 7.38 -27.25
CA TRP F 36 -13.18 8.47 -26.83
C TRP F 36 -12.37 8.93 -28.03
N PRO F 37 -12.25 10.24 -28.26
CA PRO F 37 -11.42 10.71 -29.37
C PRO F 37 -9.95 10.45 -29.04
N LEU F 38 -9.23 9.90 -30.01
CA LEU F 38 -7.83 9.49 -29.80
C LEU F 38 -6.89 10.66 -29.58
N ASP F 39 -7.14 11.76 -30.29
CA ASP F 39 -6.33 12.98 -30.16
C ASP F 39 -6.40 13.61 -28.76
N ARG F 40 -7.21 13.04 -27.86
CA ARG F 40 -7.20 13.42 -26.46
C ARG F 40 -6.94 12.16 -25.63
N TRP F 41 -5.94 11.38 -26.05
CA TRP F 41 -5.73 10.06 -25.47
C TRP F 41 -5.42 10.18 -23.98
N ALA F 42 -4.42 10.97 -23.63
CA ALA F 42 -3.98 11.05 -22.24
C ALA F 42 -5.11 11.62 -21.36
N GLU F 43 -5.96 12.44 -21.97
CA GLU F 43 -7.01 13.16 -21.29
C GLU F 43 -8.12 12.26 -20.72
N ALA F 44 -8.13 10.98 -21.12
CA ALA F 44 -9.21 10.05 -20.79
C ALA F 44 -9.06 9.32 -19.46
N PRO F 45 -10.18 9.13 -18.78
CA PRO F 45 -10.18 8.60 -17.40
C PRO F 45 -9.78 7.15 -17.41
N ARG F 46 -9.18 6.69 -16.31
CA ARG F 46 -8.49 5.40 -16.29
C ARG F 46 -9.28 4.32 -15.58
N ASP F 47 -10.11 4.71 -14.62
CA ASP F 47 -10.95 3.72 -13.93
C ASP F 47 -11.98 3.12 -14.87
N LEU F 48 -12.70 2.12 -14.36
CA LEU F 48 -13.65 1.31 -15.13
C LEU F 48 -14.64 2.14 -15.97
N GLY F 49 -15.62 2.76 -15.28
CA GLY F 49 -16.78 3.37 -15.92
C GLY F 49 -18.11 2.90 -15.33
N TYR F 50 -18.05 1.75 -14.64
CA TYR F 50 -19.21 1.14 -14.02
C TYR F 50 -18.81 0.39 -12.75
N SER F 51 -19.81 -0.13 -12.04
CA SER F 51 -19.60 -0.76 -10.75
C SER F 51 -19.00 -2.18 -10.88
N ASP F 52 -17.89 -2.44 -10.18
CA ASP F 52 -17.23 -3.75 -10.21
C ASP F 52 -17.71 -4.71 -9.11
N PHE F 53 -19.03 -4.76 -8.86
CA PHE F 53 -19.56 -5.67 -7.85
C PHE F 53 -19.42 -7.13 -8.33
N SER F 54 -20.28 -7.52 -9.26
CA SER F 54 -20.28 -8.87 -9.81
C SER F 54 -20.62 -8.74 -11.30
N PRO F 55 -19.68 -8.17 -12.05
CA PRO F 55 -19.95 -7.74 -13.42
C PRO F 55 -19.50 -8.80 -14.40
N TYR F 56 -19.77 -10.06 -14.15
CA TYR F 56 -19.12 -11.10 -14.90
C TYR F 56 -20.13 -12.06 -15.55
N GLN F 57 -20.04 -12.19 -16.88
CA GLN F 57 -21.07 -12.91 -17.64
C GLN F 57 -20.52 -14.08 -18.43
N TRP F 58 -21.45 -14.91 -18.91
CA TRP F 58 -21.17 -16.12 -19.65
C TRP F 58 -22.33 -16.41 -20.58
N ARG F 59 -22.21 -15.93 -21.82
CA ARG F 59 -23.27 -16.03 -22.82
C ARG F 59 -24.54 -15.42 -22.29
N GLY F 60 -24.42 -14.20 -21.80
CA GLY F 60 -25.53 -13.47 -21.23
C GLY F 60 -26.10 -14.06 -19.95
N LEU F 61 -25.30 -14.80 -19.20
CA LEU F 61 -25.73 -15.35 -17.91
C LEU F 61 -24.73 -14.98 -16.84
N ARG F 62 -25.20 -14.35 -15.77
CA ARG F 62 -24.30 -13.81 -14.75
C ARG F 62 -23.44 -14.89 -14.06
N MET F 63 -22.19 -14.54 -13.77
CA MET F 63 -21.22 -15.41 -13.09
C MET F 63 -20.96 -14.86 -11.73
N LEU F 64 -21.09 -15.69 -10.70
CA LEU F 64 -20.74 -15.29 -9.33
C LEU F 64 -19.25 -15.56 -9.01
N LYS F 65 -18.61 -16.36 -9.85
CA LYS F 65 -17.21 -16.71 -9.70
C LYS F 65 -16.39 -15.76 -10.56
N ASP F 66 -15.43 -15.05 -9.96
CA ASP F 66 -14.63 -14.08 -10.69
C ASP F 66 -13.67 -14.80 -11.65
N PRO F 67 -13.03 -14.07 -12.55
CA PRO F 67 -12.15 -14.71 -13.54
C PRO F 67 -11.06 -15.62 -12.93
N ASP F 68 -10.50 -15.25 -11.78
CA ASP F 68 -9.52 -16.07 -11.10
C ASP F 68 -10.10 -17.38 -10.60
N THR F 69 -11.29 -17.35 -10.02
CA THR F 69 -11.92 -18.58 -9.57
C THR F 69 -12.19 -19.45 -10.78
N GLN F 70 -12.51 -18.83 -11.92
CA GLN F 70 -12.67 -19.57 -13.18
C GLN F 70 -11.35 -20.21 -13.55
N ALA F 71 -10.28 -19.44 -13.48
CA ALA F 71 -8.96 -19.96 -13.81
C ALA F 71 -8.61 -21.22 -13.01
N VAL F 72 -9.00 -21.23 -11.73
CA VAL F 72 -8.73 -22.36 -10.88
C VAL F 72 -9.57 -23.52 -11.37
N TYR F 73 -10.89 -23.35 -11.42
CA TYR F 73 -11.76 -24.45 -11.77
C TYR F 73 -11.37 -25.07 -13.11
N HIS F 74 -10.92 -24.24 -14.05
CA HIS F 74 -10.39 -24.77 -15.31
C HIS F 74 -9.20 -25.71 -15.12
N ASP F 75 -8.21 -25.28 -14.36
CA ASP F 75 -7.06 -26.10 -14.13
C ASP F 75 -7.52 -27.42 -13.48
N MET F 76 -8.28 -27.32 -12.40
CA MET F 76 -8.75 -28.48 -11.64
C MET F 76 -9.50 -29.48 -12.49
N LEU F 77 -10.31 -28.98 -13.42
CA LEU F 77 -11.15 -29.83 -14.24
C LEU F 77 -10.27 -30.59 -15.23
N TRP F 78 -9.32 -29.88 -15.83
CA TRP F 78 -8.40 -30.46 -16.79
C TRP F 78 -7.45 -31.52 -16.20
N GLU F 79 -7.33 -31.52 -14.87
CA GLU F 79 -6.49 -32.46 -14.16
C GLU F 79 -7.29 -33.69 -13.75
N LEU F 80 -8.46 -33.47 -13.19
CA LEU F 80 -9.24 -34.56 -12.58
C LEU F 80 -10.08 -35.32 -13.60
N ARG F 81 -10.46 -34.63 -14.68
CA ARG F 81 -11.44 -35.15 -15.62
C ARG F 81 -12.67 -35.62 -14.85
N PRO F 82 -13.30 -34.71 -14.11
CA PRO F 82 -14.35 -35.08 -13.16
C PRO F 82 -15.58 -35.53 -13.92
N ARG F 83 -16.04 -36.73 -13.63
CA ARG F 83 -17.27 -37.20 -14.25
C ARG F 83 -18.53 -36.49 -13.73
N THR F 84 -18.47 -35.97 -12.51
CA THR F 84 -19.62 -35.33 -11.87
C THR F 84 -19.23 -34.04 -11.15
N ILE F 85 -20.04 -33.00 -11.31
CA ILE F 85 -19.79 -31.68 -10.76
C ILE F 85 -21.08 -31.19 -10.13
N VAL F 86 -21.11 -31.07 -8.81
CA VAL F 86 -22.32 -30.76 -8.07
C VAL F 86 -22.24 -29.42 -7.34
N GLU F 87 -22.84 -28.39 -7.91
CA GLU F 87 -23.02 -27.12 -7.20
C GLU F 87 -24.09 -27.35 -6.15
N LEU F 88 -24.01 -26.60 -5.07
CA LEU F 88 -25.00 -26.64 -4.01
C LEU F 88 -25.35 -25.19 -3.66
N GLY F 89 -26.25 -24.64 -4.47
CA GLY F 89 -26.55 -23.21 -4.45
C GLY F 89 -26.51 -22.80 -5.91
N VAL F 90 -27.63 -22.28 -6.42
CA VAL F 90 -27.75 -22.08 -7.87
C VAL F 90 -27.87 -20.63 -8.34
N TYR F 91 -28.71 -19.84 -7.67
CA TYR F 91 -29.02 -18.50 -8.18
C TYR F 91 -29.40 -18.59 -9.67
N ASN F 92 -28.66 -17.93 -10.56
CA ASN F 92 -29.06 -17.78 -11.97
C ASN F 92 -28.67 -18.95 -12.87
N GLY F 93 -27.81 -19.82 -12.37
CA GLY F 93 -27.41 -21.01 -13.10
C GLY F 93 -26.15 -20.84 -13.94
N GLY F 94 -25.65 -19.61 -14.04
CA GLY F 94 -24.49 -19.34 -14.87
C GLY F 94 -23.36 -20.31 -14.62
N SER F 95 -23.10 -20.61 -13.35
CA SER F 95 -22.00 -21.50 -13.00
C SER F 95 -22.26 -22.88 -13.58
N LEU F 96 -23.51 -23.31 -13.55
CA LEU F 96 -23.91 -24.59 -14.15
C LEU F 96 -23.72 -24.61 -15.66
N ALA F 97 -24.02 -23.50 -16.32
CA ALA F 97 -23.87 -23.41 -17.76
C ALA F 97 -22.41 -23.29 -18.16
N TRP F 98 -21.57 -22.92 -17.19
CA TRP F 98 -20.14 -22.79 -17.42
C TRP F 98 -19.50 -24.16 -17.31
N PHE F 99 -19.77 -24.83 -16.20
CA PHE F 99 -19.25 -26.18 -15.95
C PHE F 99 -19.62 -27.13 -17.08
N ARG F 100 -20.82 -26.99 -17.64
CA ARG F 100 -21.21 -27.83 -18.78
C ARG F 100 -20.40 -27.39 -19.97
N ASP F 101 -20.45 -26.11 -20.29
CA ASP F 101 -19.87 -25.64 -21.54
C ASP F 101 -18.37 -25.92 -21.54
N LEU F 102 -17.78 -26.07 -20.35
CA LEU F 102 -16.34 -26.26 -20.22
C LEU F 102 -15.90 -27.73 -20.28
N THR F 103 -16.57 -28.62 -19.55
CA THR F 103 -16.24 -30.05 -19.67
C THR F 103 -16.50 -30.53 -21.10
N LYS F 104 -17.41 -29.87 -21.80
CA LYS F 104 -17.74 -30.21 -23.19
C LYS F 104 -16.51 -30.05 -24.08
N ILE F 105 -15.90 -28.86 -24.08
CA ILE F 105 -14.74 -28.64 -24.95
C ILE F 105 -13.51 -29.35 -24.42
N MET F 106 -13.60 -29.83 -23.18
CA MET F 106 -12.54 -30.66 -22.62
C MET F 106 -12.72 -32.15 -22.97
N GLY F 107 -13.75 -32.47 -23.74
CA GLY F 107 -14.00 -33.86 -24.12
C GLY F 107 -14.35 -34.76 -22.95
N ILE F 108 -14.59 -34.14 -21.79
CA ILE F 108 -15.07 -34.84 -20.61
C ILE F 108 -16.59 -34.95 -20.71
N ASP F 109 -17.10 -36.16 -20.64
CA ASP F 109 -18.54 -36.37 -20.58
C ASP F 109 -18.89 -36.21 -19.10
N CYS F 110 -19.44 -35.05 -18.77
CA CYS F 110 -19.70 -34.68 -17.38
C CYS F 110 -21.18 -34.43 -17.13
N GLN F 111 -21.68 -34.91 -15.97
CA GLN F 111 -23.02 -34.54 -15.50
C GLN F 111 -22.92 -33.46 -14.42
N VAL F 112 -23.55 -32.32 -14.70
CA VAL F 112 -23.56 -31.17 -13.82
C VAL F 112 -24.90 -31.15 -13.07
N ILE F 113 -24.84 -31.08 -11.74
CA ILE F 113 -26.01 -31.17 -10.87
C ILE F 113 -26.13 -29.92 -10.02
N GLY F 114 -27.25 -29.21 -10.14
CA GLY F 114 -27.55 -28.09 -9.26
C GLY F 114 -28.41 -28.57 -8.11
N ILE F 115 -28.23 -27.99 -6.93
CA ILE F 115 -29.09 -28.27 -5.77
C ILE F 115 -29.45 -26.97 -5.02
N ASP F 116 -30.64 -26.45 -5.29
CA ASP F 116 -31.14 -25.27 -4.59
C ASP F 116 -32.57 -25.49 -4.16
N ARG F 117 -32.92 -25.08 -2.94
CA ARG F 117 -34.30 -25.24 -2.48
C ARG F 117 -35.25 -24.31 -3.26
N ASP F 118 -34.74 -23.16 -3.66
CA ASP F 118 -35.41 -22.24 -4.58
C ASP F 118 -34.68 -22.21 -5.94
N LEU F 119 -35.20 -22.92 -6.93
CA LEU F 119 -34.59 -22.99 -8.27
C LEU F 119 -35.29 -22.08 -9.30
N SER F 120 -35.93 -21.03 -8.82
CA SER F 120 -36.77 -20.18 -9.67
C SER F 120 -35.97 -19.01 -10.24
N ARG F 121 -34.76 -18.80 -9.74
CA ARG F 121 -33.94 -17.68 -10.19
C ARG F 121 -33.14 -18.06 -11.43
N CYS F 122 -33.18 -19.34 -11.77
CA CYS F 122 -32.45 -19.84 -12.93
C CYS F 122 -32.89 -19.14 -14.22
N GLN F 123 -31.97 -18.36 -14.79
CA GLN F 123 -32.22 -17.61 -16.03
C GLN F 123 -31.67 -18.32 -17.31
N ILE F 124 -31.28 -19.59 -17.17
CA ILE F 124 -30.87 -20.42 -18.32
C ILE F 124 -32.07 -20.71 -19.24
N PRO F 125 -31.89 -20.49 -20.53
CA PRO F 125 -32.91 -20.91 -21.51
C PRO F 125 -33.37 -22.33 -21.26
N ALA F 126 -34.67 -22.57 -21.34
CA ALA F 126 -35.20 -23.93 -21.32
C ALA F 126 -34.33 -24.87 -22.16
N SER F 127 -34.03 -24.47 -23.40
CA SER F 127 -33.37 -25.34 -24.37
C SER F 127 -31.85 -25.14 -24.49
N ASP F 128 -31.16 -25.06 -23.37
CA ASP F 128 -29.69 -25.05 -23.33
C ASP F 128 -29.19 -26.05 -22.28
N MET F 129 -30.07 -26.93 -21.81
CA MET F 129 -29.85 -27.70 -20.59
C MET F 129 -29.38 -29.14 -20.81
N GLU F 130 -28.70 -29.40 -21.94
CA GLU F 130 -28.02 -30.69 -22.13
C GLU F 130 -26.96 -30.84 -21.02
N ASN F 131 -26.88 -32.03 -20.44
CA ASN F 131 -26.01 -32.32 -19.30
C ASN F 131 -26.28 -31.39 -18.10
N ILE F 132 -27.24 -31.79 -17.28
CA ILE F 132 -27.70 -31.03 -16.10
C ILE F 132 -28.89 -31.75 -15.44
N THR F 133 -28.90 -31.72 -14.11
CA THR F 133 -29.99 -32.26 -13.31
C THR F 133 -30.15 -31.34 -12.09
N LEU F 134 -31.29 -30.65 -12.01
CA LEU F 134 -31.61 -29.80 -10.87
C LEU F 134 -32.26 -30.63 -9.77
N HIS F 135 -32.34 -30.07 -8.57
CA HIS F 135 -33.02 -30.74 -7.47
C HIS F 135 -33.42 -29.77 -6.38
N GLN F 136 -34.66 -29.89 -5.90
CA GLN F 136 -35.16 -29.08 -4.78
C GLN F 136 -34.98 -29.87 -3.49
N GLY F 137 -34.44 -29.22 -2.46
CA GLY F 137 -34.19 -29.88 -1.19
C GLY F 137 -33.44 -29.03 -0.20
N ASP F 138 -33.91 -29.02 1.04
CA ASP F 138 -33.28 -28.27 2.13
C ASP F 138 -32.06 -29.00 2.69
N CYS F 139 -31.08 -28.22 3.14
CA CYS F 139 -29.80 -28.76 3.60
C CYS F 139 -29.89 -29.61 4.88
N SER F 140 -30.80 -29.24 5.79
CA SER F 140 -30.94 -29.96 7.06
C SER F 140 -31.53 -31.36 6.89
N ASP F 141 -31.73 -31.81 5.65
CA ASP F 141 -32.22 -33.16 5.39
C ASP F 141 -31.31 -33.86 4.39
N LEU F 142 -30.67 -34.93 4.86
CA LEU F 142 -29.62 -35.64 4.11
C LEU F 142 -30.13 -36.60 3.03
N THR F 143 -31.44 -36.74 2.89
CA THR F 143 -32.02 -37.59 1.85
C THR F 143 -31.87 -36.91 0.49
N THR F 144 -31.77 -35.58 0.54
CA THR F 144 -31.49 -34.74 -0.62
C THR F 144 -30.30 -35.26 -1.40
N PHE F 145 -29.23 -35.56 -0.67
CA PHE F 145 -27.96 -35.92 -1.27
C PHE F 145 -27.82 -37.42 -1.52
N GLU F 146 -28.58 -38.25 -0.81
CA GLU F 146 -28.52 -39.70 -1.07
C GLU F 146 -28.93 -39.95 -2.53
N HIS F 147 -30.04 -39.32 -2.94
CA HIS F 147 -30.65 -39.53 -4.25
C HIS F 147 -29.65 -39.58 -5.42
N LEU F 148 -28.49 -38.99 -5.23
CA LEU F 148 -27.44 -38.94 -6.24
C LEU F 148 -26.13 -39.61 -5.72
N ARG F 149 -26.22 -40.92 -5.49
CA ARG F 149 -25.10 -41.76 -5.04
C ARG F 149 -24.59 -42.67 -6.17
N GLU F 150 -25.46 -43.02 -7.13
CA GLU F 150 -25.03 -43.70 -8.35
C GLU F 150 -24.62 -42.64 -9.37
N MET F 151 -23.56 -41.91 -9.05
CA MET F 151 -23.02 -40.89 -9.91
C MET F 151 -21.59 -41.25 -10.21
N ALA F 152 -21.16 -40.94 -11.42
CA ALA F 152 -19.82 -41.28 -11.85
C ALA F 152 -18.76 -40.49 -11.09
N HIS F 153 -17.56 -41.05 -11.05
CA HIS F 153 -16.38 -40.40 -10.48
C HIS F 153 -15.33 -40.21 -11.58
N PRO F 154 -14.34 -39.36 -11.34
CA PRO F 154 -14.23 -38.48 -10.17
C PRO F 154 -15.34 -37.43 -9.97
N LEU F 155 -15.62 -37.13 -8.71
CA LEU F 155 -16.63 -36.13 -8.35
C LEU F 155 -16.06 -34.90 -7.65
N ILE F 156 -16.66 -33.74 -7.94
CA ILE F 156 -16.33 -32.47 -7.30
C ILE F 156 -17.60 -31.86 -6.72
N PHE F 157 -17.76 -31.95 -5.40
CA PHE F 157 -18.85 -31.28 -4.68
C PHE F 157 -18.44 -29.87 -4.26
N ILE F 158 -19.05 -28.87 -4.89
CA ILE F 158 -18.94 -27.47 -4.48
C ILE F 158 -20.11 -27.12 -3.58
N ASP F 159 -19.83 -26.30 -2.57
CA ASP F 159 -20.80 -25.84 -1.56
C ASP F 159 -20.94 -24.33 -1.64
N ASN F 160 -22.09 -23.86 -2.10
CA ASN F 160 -22.33 -22.42 -2.25
C ASN F 160 -23.51 -21.87 -1.47
N ALA F 161 -24.14 -22.67 -0.63
CA ALA F 161 -25.14 -22.19 0.35
C ALA F 161 -24.49 -22.10 1.73
N HIS F 162 -23.82 -23.21 2.07
CA HIS F 162 -23.00 -23.39 3.29
C HIS F 162 -23.84 -23.27 4.58
N ALA F 163 -24.95 -24.02 4.58
CA ALA F 163 -25.75 -24.29 5.78
C ALA F 163 -25.71 -25.80 6.05
N ASN F 164 -25.57 -26.15 7.32
CA ASN F 164 -25.37 -27.55 7.75
C ASN F 164 -24.22 -28.21 7.01
N THR F 165 -23.25 -27.42 6.60
CA THR F 165 -22.15 -27.87 5.76
C THR F 165 -21.37 -29.02 6.38
N PHE F 166 -21.11 -28.91 7.67
CA PHE F 166 -20.26 -29.89 8.35
C PHE F 166 -20.89 -31.27 8.50
N ASN F 167 -22.21 -31.37 8.73
CA ASN F 167 -22.85 -32.70 8.72
C ASN F 167 -22.89 -33.25 7.28
N ILE F 168 -22.91 -32.35 6.29
CA ILE F 168 -22.89 -32.75 4.89
C ILE F 168 -21.53 -33.33 4.54
N MET F 169 -20.51 -32.86 5.24
CA MET F 169 -19.13 -33.30 5.05
C MET F 169 -18.90 -34.64 5.73
N LYS F 170 -19.40 -34.76 6.96
CA LYS F 170 -19.34 -36.00 7.74
C LYS F 170 -20.05 -37.11 6.98
N TRP F 171 -21.22 -36.83 6.42
CA TRP F 171 -21.94 -37.79 5.60
C TRP F 171 -21.21 -38.05 4.28
N ALA F 172 -20.59 -37.02 3.70
CA ALA F 172 -19.87 -37.18 2.44
C ALA F 172 -18.79 -38.25 2.60
N VAL F 173 -17.75 -37.94 3.37
CA VAL F 173 -16.73 -38.90 3.81
C VAL F 173 -17.22 -40.33 4.15
N ASP F 174 -18.38 -40.43 4.80
CA ASP F 174 -18.87 -41.72 5.29
C ASP F 174 -19.69 -42.48 4.23
N HIS F 175 -20.14 -41.80 3.18
CA HIS F 175 -21.07 -42.43 2.23
C HIS F 175 -21.06 -41.81 0.81
N LEU F 176 -19.92 -41.30 0.32
CA LEU F 176 -19.89 -40.70 -1.03
C LEU F 176 -18.48 -40.55 -1.64
N LEU F 177 -17.66 -39.68 -1.06
CA LEU F 177 -16.36 -39.33 -1.65
C LEU F 177 -15.45 -40.54 -1.78
N GLU F 178 -15.06 -40.86 -3.01
CA GLU F 178 -13.96 -41.79 -3.26
C GLU F 178 -12.64 -40.99 -3.19
N GLU F 179 -11.51 -41.68 -3.34
CA GLU F 179 -10.18 -41.06 -3.24
C GLU F 179 -9.97 -39.89 -4.22
N GLY F 180 -9.56 -38.75 -3.69
CA GLY F 180 -9.21 -37.60 -4.52
C GLY F 180 -10.38 -36.94 -5.19
N ASP F 181 -11.53 -36.94 -4.52
CA ASP F 181 -12.69 -36.18 -4.95
C ASP F 181 -12.67 -34.88 -4.16
N TYR F 182 -13.20 -33.81 -4.73
CA TYR F 182 -13.08 -32.49 -4.12
C TYR F 182 -14.34 -32.09 -3.35
N PHE F 183 -14.17 -31.72 -2.09
CA PHE F 183 -15.19 -31.02 -1.32
C PHE F 183 -14.66 -29.61 -1.18
N ILE F 184 -15.39 -28.65 -1.74
CA ILE F 184 -14.92 -27.26 -1.82
C ILE F 184 -15.92 -26.38 -1.14
N ILE F 185 -15.50 -25.63 -0.12
CA ILE F 185 -16.36 -24.63 0.50
C ILE F 185 -15.97 -23.23 0.04
N GLU F 186 -16.85 -22.61 -0.75
CA GLU F 186 -16.56 -21.34 -1.40
C GLU F 186 -16.94 -20.15 -0.55
N ASP F 187 -16.01 -19.19 -0.47
CA ASP F 187 -16.23 -17.87 0.10
C ASP F 187 -16.13 -17.80 1.62
N MET F 188 -16.89 -18.63 2.32
CA MET F 188 -17.06 -18.44 3.76
C MET F 188 -15.96 -18.97 4.69
N ILE F 189 -15.16 -19.96 4.31
CA ILE F 189 -14.32 -20.60 5.33
C ILE F 189 -13.51 -19.61 6.20
N PRO F 190 -12.86 -18.61 5.60
CA PRO F 190 -12.10 -17.62 6.37
C PRO F 190 -12.96 -16.84 7.34
N TYR F 191 -14.19 -16.51 6.94
CA TYR F 191 -15.11 -15.82 7.82
C TYR F 191 -15.48 -16.68 9.05
N TRP F 192 -15.63 -17.99 8.87
CA TRP F 192 -15.81 -18.87 10.01
C TRP F 192 -14.58 -18.92 10.92
N TYR F 193 -13.38 -18.78 10.38
CA TYR F 193 -12.19 -18.73 11.22
C TYR F 193 -12.01 -17.35 11.87
N ARG F 194 -12.68 -16.34 11.32
CA ARG F 194 -12.60 -14.99 11.87
C ARG F 194 -13.43 -14.96 13.16
N TYR F 195 -14.66 -15.43 13.05
CA TYR F 195 -15.65 -15.31 14.09
C TYR F 195 -15.53 -16.41 15.12
N ALA F 196 -15.23 -17.62 14.67
CA ALA F 196 -15.27 -18.79 15.53
C ALA F 196 -14.01 -19.62 15.42
N PRO F 197 -12.88 -19.10 15.89
CA PRO F 197 -11.60 -19.77 15.68
C PRO F 197 -11.46 -21.10 16.44
N GLN F 198 -11.97 -21.19 17.67
CA GLN F 198 -11.76 -22.37 18.50
C GLN F 198 -12.51 -23.57 17.95
N LEU F 199 -13.80 -23.40 17.66
CA LEU F 199 -14.63 -24.49 17.19
C LEU F 199 -14.30 -24.94 15.77
N PHE F 200 -14.06 -23.97 14.88
CA PHE F 200 -13.72 -24.26 13.50
C PHE F 200 -12.47 -25.12 13.42
N SER F 201 -11.41 -24.70 14.10
CA SER F 201 -10.15 -25.45 14.15
C SER F 201 -10.28 -26.85 14.77
N GLU F 202 -11.29 -27.04 15.62
CA GLU F 202 -11.64 -28.37 16.15
C GLU F 202 -12.40 -29.20 15.10
N TYR F 203 -13.45 -28.61 14.54
CA TYR F 203 -14.34 -29.28 13.57
C TYR F 203 -13.59 -29.74 12.32
N LEU F 204 -12.90 -28.81 11.67
CA LEU F 204 -12.04 -29.16 10.53
C LEU F 204 -10.99 -30.18 10.96
N GLY F 205 -10.35 -29.92 12.10
CA GLY F 205 -9.27 -30.77 12.61
C GLY F 205 -9.67 -32.21 12.92
N ALA F 206 -10.98 -32.44 13.00
CA ALA F 206 -11.51 -33.77 13.19
C ALA F 206 -11.32 -34.59 11.92
N PHE F 207 -11.34 -33.92 10.76
CA PHE F 207 -11.17 -34.60 9.47
C PHE F 207 -9.71 -34.87 9.12
N ARG F 208 -8.78 -34.46 9.99
CA ARG F 208 -7.37 -34.85 9.92
C ARG F 208 -7.02 -36.10 9.09
N ASP F 209 -7.79 -37.17 9.22
CA ASP F 209 -7.44 -38.46 8.61
C ASP F 209 -8.17 -38.85 7.31
N VAL F 210 -9.13 -38.03 6.86
CA VAL F 210 -9.91 -38.33 5.66
C VAL F 210 -9.95 -37.22 4.62
N LEU F 211 -9.94 -35.96 5.05
CA LEU F 211 -9.84 -34.86 4.10
C LEU F 211 -8.50 -34.13 4.23
N SER F 212 -8.23 -33.22 3.30
CA SER F 212 -7.04 -32.37 3.35
C SER F 212 -7.11 -31.24 2.32
N MET F 213 -6.49 -30.09 2.64
CA MET F 213 -6.49 -28.94 1.77
C MET F 213 -5.56 -29.18 0.58
N ASP F 214 -6.01 -28.81 -0.61
CA ASP F 214 -5.24 -29.02 -1.81
C ASP F 214 -4.47 -27.74 -2.12
N MET F 215 -3.19 -27.72 -1.77
CA MET F 215 -2.41 -26.48 -1.79
C MET F 215 -1.97 -25.98 -3.18
N LEU F 216 -2.21 -26.77 -4.23
CA LEU F 216 -2.08 -26.30 -5.61
C LEU F 216 -3.14 -25.23 -5.95
N TYR F 217 -4.39 -25.47 -5.55
CA TYR F 217 -5.47 -24.55 -5.88
C TYR F 217 -5.89 -23.60 -4.76
N ALA F 218 -5.54 -23.91 -3.53
CA ALA F 218 -6.24 -23.29 -2.40
C ALA F 218 -5.87 -21.83 -2.14
N ASN F 219 -4.74 -21.39 -2.68
CA ASN F 219 -4.30 -20.02 -2.47
C ASN F 219 -4.39 -19.22 -3.75
N ALA F 220 -5.13 -19.72 -4.73
CA ALA F 220 -5.07 -19.18 -6.08
C ALA F 220 -6.28 -18.30 -6.47
N SER F 221 -7.22 -18.06 -5.56
CA SER F 221 -8.31 -17.11 -5.84
C SER F 221 -9.02 -16.63 -4.59
N SER F 222 -9.45 -15.36 -4.62
CA SER F 222 -10.15 -14.72 -3.50
C SER F 222 -11.26 -15.61 -2.94
N GLN F 223 -12.05 -16.19 -3.83
CA GLN F 223 -13.23 -16.94 -3.41
C GLN F 223 -12.88 -18.32 -2.88
N LEU F 224 -12.01 -19.04 -3.56
CA LEU F 224 -11.65 -20.37 -3.11
C LEU F 224 -10.65 -20.34 -1.96
N ASP F 225 -10.19 -19.15 -1.56
CA ASP F 225 -9.11 -19.02 -0.58
C ASP F 225 -9.32 -19.98 0.57
N ARG F 226 -8.45 -20.97 0.69
CA ARG F 226 -8.41 -21.85 1.85
C ARG F 226 -9.68 -22.70 2.10
N GLY F 227 -10.39 -23.07 1.04
CA GLY F 227 -11.58 -23.89 1.15
C GLY F 227 -11.68 -25.00 0.12
N VAL F 228 -10.55 -25.42 -0.44
CA VAL F 228 -10.51 -26.49 -1.44
C VAL F 228 -9.97 -27.76 -0.80
N LEU F 229 -10.76 -28.83 -0.74
CA LEU F 229 -10.38 -30.05 -0.03
C LEU F 229 -10.52 -31.31 -0.90
N ARG F 230 -9.87 -32.39 -0.50
CA ARG F 230 -10.03 -33.68 -1.20
C ARG F 230 -9.70 -34.89 -0.31
N ARG F 231 -10.03 -36.09 -0.76
CA ARG F 231 -9.92 -37.31 0.05
C ARG F 231 -8.53 -37.97 0.02
N VAL F 232 -8.20 -38.70 1.11
CA VAL F 232 -6.91 -39.41 1.27
C VAL F 232 -7.12 -40.92 1.61
N ALA F 233 -6.04 -41.71 1.48
CA ALA F 233 -6.09 -43.19 1.58
C ALA F 233 -6.46 -43.77 2.96
N ALA F 234 -5.85 -43.27 4.03
CA ALA F 234 -6.10 -43.72 5.41
C ALA F 234 -5.93 -45.23 5.56
N SAM G . 23.14 21.79 7.37
CA SAM G . 22.88 20.39 7.69
C SAM G . 22.35 19.73 6.40
O SAM G . 21.21 19.29 6.28
OXT SAM G . 23.07 19.63 5.41
CB SAM G . 21.93 20.20 8.88
CG SAM G . 22.30 20.93 10.19
SD SAM G . 21.68 20.19 11.73
CE SAM G . 20.08 19.51 11.23
C5' SAM G . 21.09 21.61 12.68
C4' SAM G . 22.23 22.53 13.05
O4' SAM G . 21.70 23.75 13.53
C3' SAM G . 23.10 21.96 14.15
O3' SAM G . 24.40 21.79 13.65
C2' SAM G . 23.06 22.98 15.26
O2' SAM G . 24.32 23.24 15.81
C1' SAM G . 22.50 24.22 14.59
N9 SAM G . 21.72 25.07 15.50
C8 SAM G . 20.79 24.68 16.43
N7 SAM G . 20.32 25.77 17.05
C5 SAM G . 20.91 26.86 16.53
C6 SAM G . 20.78 28.20 16.81
N6 SAM G . 19.94 28.60 17.75
N1 SAM G . 21.53 29.12 16.11
C2 SAM G . 22.41 28.69 15.14
N3 SAM G . 22.52 27.34 14.87
C4 SAM G . 21.79 26.44 15.56
N SAM H . 24.84 3.85 -20.69
CA SAM H . 23.47 4.09 -20.22
C SAM H . 23.51 4.15 -18.70
O SAM H . 22.49 4.13 -18.01
OXT SAM H . 24.57 4.23 -18.10
CB SAM H . 22.48 3.03 -20.72
CG SAM H . 22.69 2.46 -22.13
SD SAM H . 21.14 2.05 -22.99
CE SAM H . 20.21 1.18 -21.71
C5' SAM H . 21.49 0.68 -24.09
C4' SAM H . 22.72 0.87 -24.97
O4' SAM H . 23.22 -0.40 -25.33
C3' SAM H . 22.40 1.59 -26.28
O3' SAM H . 23.24 2.71 -26.41
C2' SAM H . 22.69 0.58 -27.37
O2' SAM H . 23.31 1.18 -28.47
C1' SAM H . 23.62 -0.40 -26.68
N9 SAM H . 23.54 -1.76 -27.24
C8 SAM H . 22.44 -2.57 -27.32
N7 SAM H . 22.81 -3.74 -27.89
C5 SAM H . 24.13 -3.70 -28.15
C6 SAM H . 25.02 -4.61 -28.72
N6 SAM H . 24.59 -5.80 -29.14
N1 SAM H . 26.35 -4.28 -28.88
C2 SAM H . 26.81 -3.05 -28.47
N3 SAM H . 25.93 -2.15 -27.90
C4 SAM H . 24.61 -2.46 -27.75
N SAM I . -1.14 -13.71 -28.23
CA SAM I . -0.08 -14.65 -28.55
C SAM I . -0.52 -16.07 -28.19
O SAM I . -0.50 -16.52 -27.04
OXT SAM I . -0.96 -16.84 -29.03
CB SAM I . 1.24 -14.23 -27.85
CG SAM I . 2.26 -13.49 -28.73
SD SAM I . 3.83 -13.13 -27.91
CE SAM I . 3.37 -11.80 -26.78
C5' SAM I . 4.93 -12.29 -29.09
C4' SAM I . 5.15 -13.01 -30.41
O4' SAM I . 5.45 -12.04 -31.39
C3' SAM I . 6.31 -13.99 -30.45
O3' SAM I . 5.87 -15.25 -30.87
C2' SAM I . 7.26 -13.48 -31.49
O2' SAM I . 7.80 -14.51 -32.28
C1' SAM I . 6.35 -12.60 -32.32
N9 SAM I . 7.06 -11.55 -33.04
C8 SAM I . 8.00 -10.70 -32.55
N7 SAM I . 8.39 -9.88 -33.55
C5 SAM I . 7.72 -10.20 -34.66
C6 SAM I . 7.73 -9.69 -35.95
N6 SAM I . 8.54 -8.69 -36.24
N1 SAM I . 6.90 -10.22 -36.91
C2 SAM I . 6.07 -11.26 -36.59
N3 SAM I . 6.06 -11.77 -35.31
C4 SAM I . 6.87 -11.25 -34.36
N SAM J . -25.43 -3.03 19.66
CA SAM J . -24.89 -4.36 19.93
C SAM J . -23.56 -4.23 20.65
O SAM J . -22.65 -3.58 20.15
OXT SAM J . -23.39 -4.77 21.75
CB SAM J . -24.74 -5.17 18.64
CG SAM J . -25.92 -6.10 18.32
SD SAM J . -25.47 -7.48 17.23
CE SAM J . -24.67 -6.60 15.87
C5' SAM J . -27.04 -7.92 16.44
C4' SAM J . -28.18 -8.18 17.42
O4' SAM J . -29.41 -8.05 16.74
C3' SAM J . -28.14 -9.57 18.03
O3' SAM J . -28.06 -9.48 19.43
C2' SAM J . -29.44 -10.22 17.60
O2' SAM J . -30.04 -10.92 18.67
C1' SAM J . -30.30 -9.06 17.17
N9 SAM J . -31.25 -9.39 16.09
C8 SAM J . -30.99 -10.06 14.93
N7 SAM J . -32.13 -10.15 14.22
C5 SAM J . -33.12 -9.53 14.90
C6 SAM J . -34.46 -9.31 14.64
N6 SAM J . -35.01 -9.77 13.51
N1 SAM J . -35.24 -8.63 15.55
C2 SAM J . -34.68 -8.15 16.72
N3 SAM J . -33.34 -8.37 16.97
C4 SAM J . -32.57 -9.04 16.08
N SAM K . 0.45 14.25 28.77
CA SAM K . 0.27 14.27 27.32
C SAM K . -0.20 12.88 26.85
O SAM K . -0.14 12.51 25.68
OXT SAM K . -0.65 12.07 27.65
CB SAM K . 1.55 14.72 26.58
CG SAM K . 2.47 15.72 27.30
SD SAM K . 3.49 16.78 26.21
CE SAM K . 3.99 15.69 24.85
C5' SAM K . 5.03 16.94 27.13
C4' SAM K . 4.94 17.88 28.33
O4' SAM K . 6.13 17.75 29.08
C3' SAM K . 4.83 19.34 27.94
O3' SAM K . 3.78 19.97 28.63
C2' SAM K . 6.12 19.98 28.37
O2' SAM K . 5.91 21.24 28.93
C1' SAM K . 6.66 19.00 29.40
N9 SAM K . 8.13 18.98 29.43
C8 SAM K . 9.01 19.12 28.39
N7 SAM K . 10.26 19.06 28.89
C5 SAM K . 10.18 18.87 30.22
C6 SAM K . 11.15 18.73 31.20
N6 SAM K . 12.43 18.78 30.87
N1 SAM K . 10.77 18.54 32.50
C2 SAM K . 9.43 18.49 32.84
N3 SAM K . 8.48 18.63 31.86
C4 SAM K . 8.85 18.82 30.57
N SAM L . -22.11 -17.97 -2.23
CA SAM L . -22.50 -17.26 -3.44
C SAM L . -21.68 -15.97 -3.56
O SAM L . -21.85 -15.03 -2.80
OXT SAM L . -20.81 -15.85 -4.43
CB SAM L . -23.99 -16.93 -3.44
CG SAM L . -24.91 -18.14 -3.61
SD SAM L . -26.58 -17.98 -2.90
CE SAM L . -26.27 -17.29 -1.25
C5' SAM L . -27.02 -19.68 -2.44
C4' SAM L . -28.37 -20.19 -2.92
O4' SAM L . -28.69 -21.35 -2.17
C3' SAM L . -29.53 -19.21 -2.76
O3' SAM L . -30.20 -19.06 -3.99
C2' SAM L . -30.42 -19.83 -1.70
O2' SAM L . -31.78 -19.77 -2.08
C1' SAM L . -29.98 -21.28 -1.59
N9 SAM L . -29.97 -21.82 -0.21
C8 SAM L . -29.69 -21.17 0.96
N7 SAM L . -29.81 -22.05 1.98
C5 SAM L . -30.15 -23.25 1.49
C6 SAM L . -30.40 -24.48 2.08
N6 SAM L . -30.30 -24.61 3.40
N1 SAM L . -30.75 -25.56 1.31
C2 SAM L . -30.85 -25.42 -0.07
N3 SAM L . -30.60 -24.19 -0.65
C4 SAM L . -30.26 -23.12 0.10
#